data_8X85
#
_entry.id   8X85
#
_cell.length_a   1.00
_cell.length_b   1.00
_cell.length_c   1.00
_cell.angle_alpha   90.00
_cell.angle_beta   90.00
_cell.angle_gamma   90.00
#
_symmetry.space_group_name_H-M   'P 1'
#
loop_
_entity.id
_entity.type
_entity.pdbx_description
1 polymer 'Leptin receptor'
2 polymer Leptin
3 branched beta-D-mannopyranose-(1-4)-2-acetamido-2-deoxy-beta-D-glucopyranose-(1-4)-[alpha-L-fucopyranose-(1-6)]2-acetamido-2-deoxy-beta-D-glucopyranose
4 branched alpha-L-fucopyranose-(1-6)-2-acetamido-2-deoxy-beta-D-glucopyranose
5 non-polymer 2-acetamido-2-deoxy-beta-D-glucopyranose
#
loop_
_entity_poly.entity_id
_entity_poly.type
_entity_poly.pdbx_seq_one_letter_code
_entity_poly.pdbx_strand_id
1 'polypeptide(L)'
;AFNLSYPITPWRFKLSCMPPNSTYDYFLLPAGLSKNTSNSNGHYETAVEPKFNSSGTHFSNLSKTTFHCCFRSEQDRNCS
LCADNIEGKTFVSTVNSLVFQQIDANWNIQCWLKGDLKLFICYVESLFKNLFRNYNYKVHLLYVLPEVLEDSPLVPQKGS
FQMVHCNCSVHECCECLVPVPTAKLNDTLLMCLKITSGGVIFQSPLMSVQPINMVKPDPPLGLHMEITDDGNLKISWSSP
PLVPFPLQYQVKYSENSTTVIREADKIVSATSLLVDSILPGSSYEVQVRGKRLDGPGIWSDWSTPRVFTTQDVIYFPPKI
LTSVGSNVSFHCIYKKENKIVPSKEIVWWMNLAEKIPQSQYDVVSDHVSKVTFFNLNETKPRGKFTYDAVYCCNEHECHH
RYAELYVIDVNINISCETDGYLTKMTCRWSTSTIQSLAESTLQLRYHRSSLYCSDIPSIHPISEPKDCYLQSDGFYECIF
QPIFLLSGYTMWIRINHSLGSLDSPPTCVLPDSVVKPLPPSSVKAEITINIGLLKISWEKPVFPENNLQFQIRYGLSGKE
VQWKMYEVYDAKSKSVSLPVPDLCAVYAVQVRCKRLDGLGYWSNWSNPAYTVVMDIKVPMRGPEFWRIINGDTMKKEKNV
TLLWKPLMKNDSLCSVQRYVINHHTSCNGTWSEDVGNHTKFTFLWTEQAHTVTVLAINSIGASVANFNLTFSWPMSKVNI
VQSLSAYPLNSSCVIVSWILSPSDYKLMYFIIEWKNLNEDGEIKWLRISSSVKKYYIHDHFIPIEKYQFSLYPIFMEGVG
KPKIINSFTQDDIEKHQSDGTHHHHHHHH
;
A,B
2 'polypeptide(L)'
;MHWGTLCGFLWLWPYLFYVQAVPIQKVQDDTKTLIKTIVTRINDISHTQSVSSKQKVTGLDFIPGLHPILTLSKMDQTLA
VYQQILTSMPSRNVIQISNDLENLRDLLHVLAFSKSCHLPWASGLETLDSLGGVLEASGYSTEVVALSRLQGSLQDMLWQ
LDLSPGC
;
C,D
#
# COMPACT_ATOMS: atom_id res chain seq x y z
N ASN A 3 -88.60 -10.42 -14.46
CA ASN A 3 -89.71 -10.31 -13.52
C ASN A 3 -89.23 -10.49 -12.09
N LEU A 4 -89.89 -9.80 -11.16
CA LEU A 4 -89.55 -9.85 -9.74
C LEU A 4 -88.09 -9.51 -9.49
N SER A 5 -87.58 -8.52 -10.22
CA SER A 5 -86.21 -8.08 -10.09
C SER A 5 -86.13 -6.57 -10.32
N TYR A 6 -85.46 -5.87 -9.40
CA TYR A 6 -85.29 -4.43 -9.49
C TYR A 6 -83.83 -4.12 -9.78
N PRO A 7 -83.53 -3.51 -10.93
CA PRO A 7 -82.14 -3.17 -11.23
C PRO A 7 -81.58 -2.17 -10.23
N ILE A 8 -80.30 -2.32 -9.91
CA ILE A 8 -79.64 -1.45 -8.92
C ILE A 8 -79.08 -0.26 -9.70
N THR A 9 -79.95 0.72 -9.93
CA THR A 9 -79.58 1.93 -10.67
C THR A 9 -79.96 3.15 -9.82
N PRO A 10 -78.97 3.79 -9.17
CA PRO A 10 -77.56 3.41 -9.21
C PRO A 10 -77.20 2.38 -8.15
N TRP A 11 -75.91 2.17 -7.92
CA TRP A 11 -75.47 1.18 -6.94
C TRP A 11 -75.94 1.54 -5.54
N ARG A 12 -75.92 2.83 -5.21
CA ARG A 12 -76.33 3.27 -3.87
C ARG A 12 -77.83 3.08 -3.67
N PHE A 13 -78.20 2.47 -2.55
CA PHE A 13 -79.59 2.33 -2.17
C PHE A 13 -79.70 2.20 -0.66
N LYS A 14 -80.77 2.76 -0.11
CA LYS A 14 -81.03 2.73 1.33
C LYS A 14 -82.23 1.83 1.59
N LEU A 15 -82.11 0.97 2.60
CA LEU A 15 -83.15 0.01 2.92
C LEU A 15 -83.85 0.42 4.21
N SER A 16 -85.18 0.43 4.17
CA SER A 16 -85.99 0.72 5.34
C SER A 16 -87.07 -0.35 5.47
N CYS A 17 -87.25 -0.87 6.68
CA CYS A 17 -88.20 -1.94 6.92
C CYS A 17 -89.46 -1.38 7.59
N MET A 18 -90.61 -1.76 7.08
CA MET A 18 -91.90 -1.31 7.58
C MET A 18 -92.80 -2.52 7.83
N PRO A 19 -93.74 -2.41 8.78
CA PRO A 19 -94.63 -3.54 9.03
C PRO A 19 -95.52 -3.81 7.85
N PRO A 20 -95.89 -5.08 7.62
CA PRO A 20 -96.76 -5.46 6.50
C PRO A 20 -98.21 -5.04 6.71
N LEU A 62 -93.34 -13.94 18.49
CA LEU A 62 -92.17 -13.16 18.12
C LEU A 62 -91.04 -14.06 17.66
N SER A 63 -91.31 -15.37 17.62
CA SER A 63 -90.27 -16.32 17.20
C SER A 63 -90.00 -16.24 15.70
N LYS A 64 -91.05 -16.00 14.91
CA LYS A 64 -90.94 -15.97 13.45
C LYS A 64 -91.66 -14.75 12.89
N THR A 65 -91.41 -13.59 13.49
CA THR A 65 -91.99 -12.34 13.02
C THR A 65 -91.09 -11.73 11.96
N THR A 66 -91.55 -11.74 10.71
CA THR A 66 -90.78 -11.27 9.57
C THR A 66 -91.40 -9.99 9.02
N PHE A 67 -90.55 -8.98 8.79
CA PHE A 67 -90.96 -7.68 8.28
C PHE A 67 -90.26 -7.44 6.95
N HIS A 68 -91.03 -7.10 5.92
CA HIS A 68 -90.47 -6.84 4.61
C HIS A 68 -89.87 -5.44 4.54
N CYS A 69 -88.71 -5.35 3.90
CA CYS A 69 -87.98 -4.09 3.77
C CYS A 69 -87.97 -3.65 2.31
N CYS A 70 -88.01 -2.33 2.11
CA CYS A 70 -88.08 -1.74 0.78
C CYS A 70 -87.06 -0.62 0.66
N PHE A 71 -86.73 -0.25 -0.58
CA PHE A 71 -85.83 0.87 -0.82
C PHE A 71 -86.61 2.19 -0.85
N ARG A 72 -86.08 3.19 -0.15
CA ARG A 72 -86.69 4.51 -0.09
C ARG A 72 -85.93 5.43 -1.05
N SER A 73 -86.38 5.45 -2.30
CA SER A 73 -85.76 6.28 -3.32
C SER A 73 -86.43 7.66 -3.36
N GLU A 74 -85.94 8.52 -4.26
CA GLU A 74 -86.48 9.87 -4.34
C GLU A 74 -87.87 9.89 -4.97
N GLN A 75 -88.14 8.99 -5.92
CA GLN A 75 -89.41 8.99 -6.64
C GLN A 75 -90.09 7.63 -6.70
N ASP A 76 -89.41 6.53 -6.39
CA ASP A 76 -89.99 5.20 -6.51
C ASP A 76 -89.83 4.44 -5.21
N ARG A 77 -90.77 3.52 -4.96
CA ARG A 77 -90.74 2.65 -3.79
C ARG A 77 -91.17 1.26 -4.23
N ASN A 78 -90.22 0.34 -4.32
CA ASN A 78 -90.48 -1.01 -4.79
C ASN A 78 -90.46 -1.97 -3.61
N CYS A 79 -91.48 -2.82 -3.52
CA CYS A 79 -91.61 -3.82 -2.46
C CYS A 79 -91.98 -5.15 -3.10
N SER A 80 -90.97 -5.96 -3.41
CA SER A 80 -91.15 -7.26 -4.02
C SER A 80 -90.72 -8.35 -3.04
N LEU A 81 -91.62 -9.30 -2.80
CA LEU A 81 -91.33 -10.37 -1.85
C LEU A 81 -90.27 -11.31 -2.40
N CYS A 82 -89.33 -11.71 -1.56
CA CYS A 82 -88.29 -12.65 -1.95
C CYS A 82 -88.83 -14.07 -1.91
N ALA A 83 -88.06 -14.98 -2.50
CA ALA A 83 -88.42 -16.39 -2.56
C ALA A 83 -87.95 -17.18 -1.33
N ASP A 84 -87.68 -16.49 -0.22
CA ASP A 84 -87.21 -17.17 0.97
C ASP A 84 -88.36 -17.78 1.76
N ASN A 85 -89.32 -16.95 2.19
CA ASN A 85 -90.46 -17.38 2.98
C ASN A 85 -91.72 -17.25 2.15
N ILE A 86 -92.47 -18.35 2.02
CA ILE A 86 -93.72 -18.36 1.29
C ILE A 86 -94.83 -18.78 2.23
N GLU A 87 -94.48 -19.58 3.25
CA GLU A 87 -95.44 -20.09 4.22
C GLU A 87 -95.42 -19.32 5.53
N GLY A 88 -94.82 -18.14 5.56
CA GLY A 88 -94.73 -17.35 6.78
C GLY A 88 -95.91 -16.43 6.98
N LYS A 89 -97.00 -16.66 6.24
CA LYS A 89 -98.20 -15.83 6.34
C LYS A 89 -98.94 -16.21 7.61
N THR A 90 -98.54 -15.59 8.72
CA THR A 90 -99.13 -15.82 10.02
C THR A 90 -99.65 -14.51 10.58
N PHE A 91 -100.72 -14.62 11.39
CA PHE A 91 -101.32 -13.44 11.99
C PHE A 91 -100.37 -12.80 12.99
N VAL A 92 -100.32 -11.47 12.99
CA VAL A 92 -99.44 -10.71 13.87
C VAL A 92 -100.29 -9.81 14.73
N SER A 93 -100.04 -9.83 16.04
CA SER A 93 -100.81 -9.01 16.97
C SER A 93 -100.53 -7.52 16.75
N THR A 94 -101.55 -6.71 16.97
CA THR A 94 -101.42 -5.26 16.81
C THR A 94 -100.52 -4.64 17.87
N VAL A 95 -100.53 -5.17 19.10
CA VAL A 95 -99.74 -4.60 20.18
C VAL A 95 -98.25 -4.64 19.87
N ASN A 96 -97.77 -5.75 19.30
CA ASN A 96 -96.35 -5.89 18.98
C ASN A 96 -95.83 -4.81 18.05
N SER A 97 -96.71 -4.21 17.22
CA SER A 97 -96.28 -3.11 16.37
C SER A 97 -95.70 -1.95 17.15
N LEU A 98 -96.12 -1.78 18.41
CA LEU A 98 -95.52 -0.75 19.26
C LEU A 98 -94.01 -0.92 19.40
N VAL A 99 -93.52 -2.16 19.39
CA VAL A 99 -92.08 -2.39 19.44
C VAL A 99 -91.40 -1.75 18.23
N PHE A 100 -92.07 -1.79 17.07
CA PHE A 100 -91.53 -1.15 15.88
C PHE A 100 -91.35 0.35 16.08
N GLN A 101 -92.06 0.96 17.04
CA GLN A 101 -91.83 2.36 17.35
C GLN A 101 -90.41 2.58 17.88
N GLN A 102 -89.92 1.66 18.70
CA GLN A 102 -88.59 1.81 19.27
C GLN A 102 -87.49 1.21 18.39
N ILE A 103 -87.85 0.48 17.33
CA ILE A 103 -86.87 -0.16 16.46
C ILE A 103 -87.10 0.38 15.05
N ASP A 104 -86.22 1.28 14.61
CA ASP A 104 -86.26 1.82 13.25
C ASP A 104 -85.23 1.06 12.43
N ALA A 105 -85.71 0.12 11.60
CA ALA A 105 -84.83 -0.74 10.81
C ALA A 105 -84.44 -0.03 9.51
N ASN A 106 -83.41 0.80 9.62
CA ASN A 106 -82.81 1.50 8.50
C ASN A 106 -81.38 1.00 8.33
N TRP A 107 -81.05 0.52 7.13
CA TRP A 107 -79.76 -0.07 6.85
C TRP A 107 -79.22 0.45 5.52
N ASN A 108 -77.90 0.60 5.45
CA ASN A 108 -77.20 1.02 4.24
C ASN A 108 -76.44 -0.19 3.72
N ILE A 109 -76.98 -0.83 2.68
CA ILE A 109 -76.40 -2.04 2.12
C ILE A 109 -75.82 -1.72 0.75
N GLN A 110 -74.56 -2.09 0.54
CA GLN A 110 -73.87 -1.91 -0.73
C GLN A 110 -72.95 -3.09 -0.96
N CYS A 111 -72.54 -3.27 -2.21
CA CYS A 111 -71.36 -4.08 -2.54
C CYS A 111 -71.11 -4.06 -4.04
N TRP A 112 -70.01 -4.69 -4.41
CA TRP A 112 -69.48 -4.74 -5.76
C TRP A 112 -68.63 -6.00 -5.89
N LEU A 113 -67.96 -6.16 -7.02
CA LEU A 113 -66.99 -7.23 -7.22
C LEU A 113 -65.60 -6.64 -7.13
N LYS A 114 -64.74 -7.26 -6.34
CA LYS A 114 -63.39 -6.75 -6.17
C LYS A 114 -62.56 -7.02 -7.42
N GLY A 115 -61.43 -6.33 -7.53
CA GLY A 115 -60.58 -6.43 -8.71
C GLY A 115 -60.01 -7.81 -8.94
N ASP A 116 -59.84 -8.61 -7.89
CA ASP A 116 -59.33 -9.95 -8.03
C ASP A 116 -60.32 -10.90 -8.71
N LEU A 117 -61.57 -10.48 -8.88
CA LEU A 117 -62.62 -11.30 -9.49
C LEU A 117 -62.82 -12.61 -8.75
N LYS A 118 -62.70 -12.56 -7.42
CA LYS A 118 -62.83 -13.74 -6.59
C LYS A 118 -63.94 -13.66 -5.55
N LEU A 119 -64.07 -12.51 -4.87
CA LEU A 119 -65.02 -12.37 -3.77
C LEU A 119 -65.90 -11.16 -4.00
N PHE A 120 -67.21 -11.35 -3.85
CA PHE A 120 -68.18 -10.26 -3.92
C PHE A 120 -68.52 -9.83 -2.50
N ILE A 121 -67.53 -9.22 -1.84
CA ILE A 121 -67.68 -8.80 -0.45
C ILE A 121 -68.75 -7.73 -0.36
N CYS A 122 -69.72 -7.94 0.54
CA CYS A 122 -70.85 -7.03 0.69
C CYS A 122 -70.82 -6.37 2.07
N TYR A 123 -71.12 -5.07 2.10
CA TYR A 123 -71.08 -4.25 3.29
C TYR A 123 -72.49 -3.82 3.68
N VAL A 124 -72.77 -3.93 4.98
CA VAL A 124 -74.03 -3.46 5.55
C VAL A 124 -73.72 -2.60 6.75
N GLU A 125 -74.25 -1.38 6.75
CA GLU A 125 -74.03 -0.42 7.83
C GLU A 125 -75.35 -0.12 8.53
N SER A 126 -75.28 0.00 9.85
CA SER A 126 -76.46 0.30 10.66
C SER A 126 -76.58 1.80 10.85
N LEU A 127 -77.64 2.39 10.27
CA LEU A 127 -77.87 3.81 10.43
C LEU A 127 -78.22 4.15 11.88
N PHE A 128 -78.99 3.30 12.55
CA PHE A 128 -79.37 3.51 13.94
C PHE A 128 -78.18 3.16 14.83
N LYS A 129 -77.26 4.10 14.94
CA LYS A 129 -76.04 3.92 15.74
C LYS A 129 -76.37 4.24 17.20
N ASN A 130 -77.00 3.28 17.86
CA ASN A 130 -77.36 3.40 19.27
C ASN A 130 -76.35 2.64 20.10
N LEU A 131 -75.50 3.37 20.82
CA LEU A 131 -74.48 2.75 21.66
C LEU A 131 -75.03 2.19 22.96
N PHE A 132 -76.23 2.65 23.37
CA PHE A 132 -76.81 2.15 24.62
C PHE A 132 -77.13 0.66 24.53
N ARG A 133 -77.69 0.22 23.42
CA ARG A 133 -78.06 -1.18 23.22
C ARG A 133 -77.44 -1.68 21.92
N ASN A 134 -76.78 -2.83 22.00
CA ASN A 134 -76.14 -3.46 20.84
C ASN A 134 -76.89 -4.75 20.53
N TYR A 135 -77.37 -4.87 19.30
CA TYR A 135 -78.13 -6.05 18.90
C TYR A 135 -77.21 -7.11 18.31
N ASN A 136 -77.38 -8.34 18.76
CA ASN A 136 -76.61 -9.48 18.23
C ASN A 136 -77.40 -10.09 17.08
N TYR A 137 -77.42 -9.38 15.96
CA TYR A 137 -78.17 -9.78 14.78
C TYR A 137 -77.30 -10.64 13.88
N LYS A 138 -77.90 -11.67 13.28
CA LYS A 138 -77.21 -12.59 12.39
C LYS A 138 -77.79 -12.46 10.99
N VAL A 139 -76.90 -12.46 9.99
CA VAL A 139 -77.30 -12.23 8.61
C VAL A 139 -77.24 -13.57 7.87
N HIS A 140 -78.35 -13.92 7.22
CA HIS A 140 -78.43 -15.08 6.33
C HIS A 140 -78.60 -14.60 4.91
N LEU A 141 -77.63 -14.90 4.06
CA LEU A 141 -77.59 -14.43 2.69
C LEU A 141 -77.87 -15.61 1.76
N LEU A 142 -78.77 -15.40 0.80
CA LEU A 142 -79.04 -16.38 -0.24
C LEU A 142 -78.70 -15.73 -1.58
N TYR A 143 -77.69 -16.28 -2.26
CA TYR A 143 -77.24 -15.79 -3.55
C TYR A 143 -77.17 -16.94 -4.54
N VAL A 144 -77.58 -16.68 -5.78
CA VAL A 144 -77.53 -17.67 -6.84
C VAL A 144 -76.97 -17.01 -8.10
N LEU A 145 -76.36 -17.85 -8.94
CA LEU A 145 -75.77 -17.43 -10.22
C LEU A 145 -76.32 -18.32 -11.32
N PRO A 146 -77.57 -18.10 -11.74
CA PRO A 146 -78.16 -18.97 -12.76
C PRO A 146 -77.40 -18.87 -14.09
N GLU A 147 -77.32 -20.00 -14.79
CA GLU A 147 -76.65 -20.06 -16.07
C GLU A 147 -77.55 -19.48 -17.16
N VAL A 148 -76.96 -19.28 -18.33
CA VAL A 148 -77.70 -18.73 -19.47
C VAL A 148 -78.64 -19.81 -20.00
N LEU A 149 -79.93 -19.65 -19.72
CA LEU A 149 -80.96 -20.59 -20.16
C LEU A 149 -81.87 -19.91 -21.17
N GLU A 150 -82.03 -20.53 -22.32
CA GLU A 150 -82.83 -19.96 -23.41
C GLU A 150 -84.28 -20.44 -23.39
N ASP A 151 -84.68 -21.24 -22.40
CA ASP A 151 -86.03 -21.77 -22.31
C ASP A 151 -86.73 -21.14 -21.12
N SER A 152 -87.32 -19.95 -21.34
CA SER A 152 -88.15 -19.21 -20.40
C SER A 152 -87.34 -18.69 -19.21
N PRO A 153 -87.64 -17.48 -18.73
CA PRO A 153 -87.00 -16.96 -17.50
C PRO A 153 -87.72 -17.43 -16.25
N LEU A 154 -87.50 -18.70 -15.89
CA LEU A 154 -88.19 -19.28 -14.76
C LEU A 154 -87.73 -18.67 -13.45
N VAL A 155 -88.66 -18.53 -12.51
CA VAL A 155 -88.34 -18.01 -11.18
C VAL A 155 -87.55 -19.05 -10.41
N PRO A 156 -86.42 -18.69 -9.78
CA PRO A 156 -85.67 -19.68 -9.00
C PRO A 156 -86.50 -20.26 -7.87
N GLN A 157 -86.30 -21.54 -7.61
CA GLN A 157 -87.03 -22.26 -6.59
C GLN A 157 -86.24 -22.29 -5.29
N LYS A 158 -86.83 -22.91 -4.27
CA LYS A 158 -86.17 -23.02 -2.98
C LYS A 158 -84.96 -23.93 -3.05
N GLY A 159 -83.88 -23.53 -2.39
CA GLY A 159 -82.66 -24.30 -2.36
C GLY A 159 -81.70 -24.03 -3.49
N SER A 160 -82.09 -23.23 -4.49
CA SER A 160 -81.18 -22.91 -5.57
C SER A 160 -80.06 -21.99 -5.10
N PHE A 161 -80.37 -21.08 -4.18
CA PHE A 161 -79.38 -20.15 -3.68
C PHE A 161 -78.40 -20.84 -2.73
N GLN A 162 -77.35 -20.12 -2.37
CA GLN A 162 -76.34 -20.60 -1.44
C GLN A 162 -76.35 -19.74 -0.17
N MET A 163 -76.17 -20.38 0.98
CA MET A 163 -76.20 -19.71 2.27
C MET A 163 -74.78 -19.48 2.76
N VAL A 164 -74.45 -18.24 3.06
CA VAL A 164 -73.17 -17.87 3.66
C VAL A 164 -73.47 -16.98 4.85
N HIS A 165 -72.98 -17.38 6.03
CA HIS A 165 -73.21 -16.63 7.26
C HIS A 165 -72.34 -15.38 7.21
N CYS A 166 -72.99 -14.22 7.17
CA CYS A 166 -72.28 -12.96 6.94
C CYS A 166 -71.75 -12.41 8.26
N ASN A 167 -70.50 -11.94 8.25
CA ASN A 167 -69.83 -11.52 9.47
C ASN A 167 -69.96 -10.02 9.68
N CYS A 168 -70.37 -9.64 10.89
CA CYS A 168 -70.48 -8.24 11.27
C CYS A 168 -69.43 -7.90 12.32
N SER A 169 -68.85 -6.71 12.21
CA SER A 169 -67.83 -6.30 13.16
C SER A 169 -68.47 -5.84 14.47
N VAL A 170 -67.63 -5.34 15.38
CA VAL A 170 -68.12 -4.85 16.67
C VAL A 170 -68.97 -3.60 16.49
N HIS A 171 -68.63 -2.77 15.50
CA HIS A 171 -69.28 -1.48 15.30
C HIS A 171 -70.40 -1.55 14.25
N GLU A 172 -71.11 -2.68 14.19
CA GLU A 172 -72.32 -2.92 13.40
C GLU A 172 -72.06 -2.94 11.90
N CYS A 173 -70.82 -2.80 11.45
CA CYS A 173 -70.52 -2.90 10.03
C CYS A 173 -70.27 -4.35 9.66
N CYS A 174 -71.00 -4.84 8.67
CA CYS A 174 -70.94 -6.24 8.25
C CYS A 174 -70.24 -6.35 6.90
N GLU A 175 -69.18 -7.14 6.86
CA GLU A 175 -68.50 -7.49 5.62
C GLU A 175 -68.72 -8.98 5.37
N CYS A 176 -69.06 -9.31 4.12
CA CYS A 176 -69.46 -10.67 3.83
C CYS A 176 -68.76 -11.14 2.56
N LEU A 177 -68.38 -12.41 2.54
CA LEU A 177 -67.64 -13.00 1.44
C LEU A 177 -68.58 -13.83 0.56
N VAL A 178 -68.56 -13.56 -0.74
CA VAL A 178 -69.39 -14.27 -1.70
C VAL A 178 -68.52 -14.88 -2.78
N PRO A 179 -68.34 -16.20 -2.81
CA PRO A 179 -67.56 -16.84 -3.87
C PRO A 179 -68.38 -16.97 -5.15
N VAL A 180 -67.88 -16.37 -6.23
CA VAL A 180 -68.53 -16.38 -7.53
C VAL A 180 -67.56 -16.95 -8.55
N PRO A 181 -67.93 -17.99 -9.29
CA PRO A 181 -67.04 -18.48 -10.36
C PRO A 181 -66.80 -17.41 -11.42
N THR A 182 -65.58 -17.40 -11.95
CA THR A 182 -65.18 -16.39 -12.92
C THR A 182 -65.91 -16.54 -14.26
N ALA A 183 -66.44 -17.72 -14.57
CA ALA A 183 -67.12 -17.92 -15.83
C ALA A 183 -68.50 -17.25 -15.85
N LYS A 184 -69.01 -16.82 -14.70
CA LYS A 184 -70.33 -16.22 -14.60
C LYS A 184 -70.27 -14.74 -14.24
N LEU A 185 -69.15 -14.07 -14.56
CA LEU A 185 -69.03 -12.65 -14.25
C LEU A 185 -70.04 -11.83 -15.04
N ASN A 186 -70.25 -12.17 -16.31
CA ASN A 186 -71.21 -11.47 -17.15
C ASN A 186 -72.63 -12.03 -17.02
N ASP A 187 -72.82 -13.07 -16.22
CA ASP A 187 -74.14 -13.68 -16.06
C ASP A 187 -74.93 -12.92 -14.99
N THR A 188 -76.06 -13.49 -14.58
CA THR A 188 -76.94 -12.86 -13.62
C THR A 188 -76.68 -13.40 -12.22
N LEU A 189 -76.61 -12.48 -11.25
CA LEU A 189 -76.41 -12.81 -9.85
C LEU A 189 -77.56 -12.26 -9.03
N LEU A 190 -78.13 -13.08 -8.16
CA LEU A 190 -79.28 -12.69 -7.35
C LEU A 190 -78.88 -12.62 -5.88
N MET A 191 -79.48 -11.66 -5.19
CA MET A 191 -79.22 -11.46 -3.76
C MET A 191 -80.53 -11.49 -2.97
N CYS A 192 -80.46 -12.07 -1.77
CA CYS A 192 -81.57 -11.98 -0.82
C CYS A 192 -80.96 -11.98 0.59
N LEU A 193 -81.35 -11.00 1.40
CA LEU A 193 -80.77 -10.83 2.73
C LEU A 193 -81.84 -11.03 3.80
N LYS A 194 -81.45 -11.72 4.88
CA LYS A 194 -82.31 -11.93 6.03
C LYS A 194 -81.57 -11.50 7.27
N ILE A 195 -82.18 -10.59 8.04
CA ILE A 195 -81.57 -10.05 9.25
C ILE A 195 -82.30 -10.61 10.45
N THR A 196 -81.56 -11.19 11.40
CA THR A 196 -82.15 -11.74 12.61
C THR A 196 -81.66 -10.92 13.79
N SER A 197 -82.50 -9.96 14.20
CA SER A 197 -82.19 -9.04 15.28
C SER A 197 -83.24 -9.19 16.37
N GLY A 198 -82.81 -9.70 17.54
CA GLY A 198 -83.70 -9.83 18.68
C GLY A 198 -84.91 -10.69 18.41
N GLY A 199 -84.75 -11.76 17.65
CA GLY A 199 -85.86 -12.62 17.28
C GLY A 199 -86.73 -12.09 16.16
N VAL A 200 -86.39 -10.94 15.58
CA VAL A 200 -87.16 -10.34 14.51
C VAL A 200 -86.40 -10.52 13.20
N ILE A 201 -87.09 -11.01 12.18
CA ILE A 201 -86.50 -11.24 10.86
C ILE A 201 -86.87 -10.06 9.98
N PHE A 202 -85.89 -9.54 9.25
CA PHE A 202 -86.09 -8.47 8.28
C PHE A 202 -85.68 -8.99 6.91
N GLN A 203 -86.57 -8.81 5.93
CA GLN A 203 -86.43 -9.39 4.61
C GLN A 203 -86.15 -8.29 3.59
N SER A 204 -85.09 -8.47 2.82
CA SER A 204 -84.74 -7.60 1.72
C SER A 204 -85.33 -8.12 0.41
N PRO A 205 -85.58 -7.24 -0.57
CA PRO A 205 -86.08 -7.72 -1.87
C PRO A 205 -85.02 -8.46 -2.66
N LEU A 206 -85.35 -8.86 -3.88
CA LEU A 206 -84.41 -9.53 -4.77
C LEU A 206 -83.66 -8.50 -5.59
N MET A 207 -82.32 -8.57 -5.55
CA MET A 207 -81.46 -7.66 -6.29
C MET A 207 -80.70 -8.46 -7.34
N SER A 208 -80.72 -7.97 -8.58
CA SER A 208 -80.00 -8.57 -9.70
C SER A 208 -79.17 -7.49 -10.37
N VAL A 209 -77.86 -7.75 -10.53
CA VAL A 209 -76.96 -6.80 -11.15
C VAL A 209 -75.75 -7.57 -11.65
N GLN A 210 -75.12 -7.06 -12.71
CA GLN A 210 -73.92 -7.68 -13.25
C GLN A 210 -72.72 -7.35 -12.37
N PRO A 211 -71.98 -8.34 -11.86
CA PRO A 211 -70.81 -8.03 -11.02
C PRO A 211 -69.72 -7.25 -11.73
N ILE A 212 -69.55 -7.43 -13.04
CA ILE A 212 -68.34 -6.92 -13.70
C ILE A 212 -68.46 -5.43 -14.04
N ASN A 213 -69.67 -4.92 -14.27
CA ASN A 213 -69.82 -3.54 -14.73
C ASN A 213 -69.63 -2.51 -13.62
N MET A 214 -69.57 -2.95 -12.36
CA MET A 214 -69.43 -2.05 -11.22
C MET A 214 -68.30 -2.52 -10.31
N VAL A 215 -67.24 -3.05 -10.91
CA VAL A 215 -66.09 -3.53 -10.15
C VAL A 215 -65.30 -2.34 -9.62
N LYS A 216 -65.03 -2.35 -8.31
CA LYS A 216 -64.17 -1.34 -7.71
C LYS A 216 -62.74 -1.87 -7.66
N PRO A 217 -61.79 -1.21 -8.30
CA PRO A 217 -60.41 -1.73 -8.35
C PRO A 217 -59.71 -1.51 -7.02
N ASP A 218 -58.50 -2.04 -6.94
CA ASP A 218 -57.62 -1.86 -5.79
C ASP A 218 -56.80 -0.58 -5.94
N PRO A 219 -56.34 0.00 -4.84
CA PRO A 219 -55.51 1.20 -4.92
C PRO A 219 -54.21 0.91 -5.66
N PRO A 220 -53.97 1.60 -6.77
CA PRO A 220 -52.75 1.33 -7.55
C PRO A 220 -51.48 1.62 -6.76
N LEU A 221 -50.47 0.79 -6.97
CA LEU A 221 -49.19 0.91 -6.27
C LEU A 221 -48.04 0.88 -7.25
N GLY A 222 -46.82 0.76 -6.73
CA GLY A 222 -45.63 0.75 -7.58
C GLY A 222 -45.41 2.06 -8.29
N LEU A 223 -45.51 3.17 -7.56
CA LEU A 223 -45.41 4.51 -8.13
C LEU A 223 -44.17 5.21 -7.59
N HIS A 224 -43.47 5.91 -8.48
CA HIS A 224 -42.33 6.72 -8.10
C HIS A 224 -42.34 8.01 -8.92
N MET A 225 -41.72 9.05 -8.38
CA MET A 225 -41.72 10.38 -8.99
C MET A 225 -40.28 10.83 -9.18
N GLU A 226 -39.73 10.57 -10.36
CA GLU A 226 -38.43 11.08 -10.78
C GLU A 226 -38.60 11.83 -12.10
N ILE A 227 -37.72 12.80 -12.33
CA ILE A 227 -37.68 13.53 -13.59
C ILE A 227 -37.01 12.65 -14.63
N THR A 228 -37.67 12.48 -15.77
CA THR A 228 -37.12 11.67 -16.85
C THR A 228 -36.13 12.50 -17.66
N ASP A 229 -35.71 11.98 -18.80
CA ASP A 229 -34.67 12.62 -19.60
C ASP A 229 -35.20 13.64 -20.59
N ASP A 230 -36.44 14.10 -20.43
CA ASP A 230 -37.02 15.08 -21.34
C ASP A 230 -37.80 16.17 -20.62
N GLY A 231 -37.56 16.38 -19.33
CA GLY A 231 -38.28 17.40 -18.59
C GLY A 231 -39.75 17.09 -18.45
N ASN A 232 -40.05 15.90 -17.93
CA ASN A 232 -41.44 15.44 -17.84
C ASN A 232 -41.52 14.38 -16.76
N LEU A 233 -42.19 14.71 -15.65
CA LEU A 233 -42.41 13.76 -14.58
C LEU A 233 -43.35 12.65 -15.04
N LYS A 234 -43.06 11.43 -14.64
CA LYS A 234 -43.90 10.28 -14.96
C LYS A 234 -44.56 9.77 -13.69
N ILE A 235 -45.88 9.63 -13.72
CA ILE A 235 -46.64 8.99 -12.67
C ILE A 235 -46.97 7.61 -13.21
N SER A 236 -46.10 6.65 -12.92
CA SER A 236 -46.22 5.29 -13.42
C SER A 236 -46.51 4.36 -12.25
N TRP A 237 -47.73 3.85 -12.19
CA TRP A 237 -48.15 2.95 -11.14
C TRP A 237 -48.38 1.56 -11.73
N SER A 238 -48.03 0.55 -10.94
CA SER A 238 -48.28 -0.84 -11.33
C SER A 238 -49.77 -1.10 -11.18
N SER A 239 -50.54 -0.73 -12.21
CA SER A 239 -51.98 -0.90 -12.15
C SER A 239 -52.32 -2.39 -12.05
N PRO A 240 -53.34 -2.74 -11.26
CA PRO A 240 -53.62 -4.15 -10.96
C PRO A 240 -53.85 -4.96 -12.22
N PRO A 241 -53.26 -6.16 -12.30
CA PRO A 241 -53.44 -6.99 -13.50
C PRO A 241 -54.70 -7.85 -13.44
N LEU A 242 -55.18 -8.15 -12.24
CA LEU A 242 -56.35 -9.00 -12.08
C LEU A 242 -57.62 -8.38 -12.66
N VAL A 243 -57.65 -7.08 -12.87
CA VAL A 243 -58.80 -6.46 -13.54
C VAL A 243 -58.80 -6.87 -15.01
N PRO A 244 -59.88 -7.43 -15.53
CA PRO A 244 -59.91 -7.89 -16.92
C PRO A 244 -60.31 -6.83 -17.94
N PHE A 245 -60.54 -5.59 -17.51
CA PHE A 245 -61.01 -4.55 -18.41
C PHE A 245 -60.17 -3.30 -18.27
N PRO A 246 -60.08 -2.48 -19.32
CA PRO A 246 -59.34 -1.22 -19.22
C PRO A 246 -59.94 -0.32 -18.16
N LEU A 247 -59.07 0.44 -17.49
CA LEU A 247 -59.44 1.24 -16.33
C LEU A 247 -59.13 2.70 -16.59
N GLN A 248 -60.06 3.58 -16.23
CA GLN A 248 -59.84 5.02 -16.23
C GLN A 248 -59.59 5.47 -14.80
N TYR A 249 -58.61 6.35 -14.62
CA TYR A 249 -58.15 6.74 -13.31
C TYR A 249 -58.31 8.25 -13.12
N GLN A 250 -58.83 8.64 -11.97
CA GLN A 250 -58.84 10.04 -11.57
C GLN A 250 -57.55 10.32 -10.80
N VAL A 251 -56.80 11.31 -11.25
CA VAL A 251 -55.48 11.63 -10.71
C VAL A 251 -55.51 13.08 -10.25
N LYS A 252 -55.08 13.31 -9.01
CA LYS A 252 -55.13 14.63 -8.40
C LYS A 252 -53.71 15.13 -8.19
N TYR A 253 -53.49 16.41 -8.50
CA TYR A 253 -52.23 17.09 -8.26
C TYR A 253 -52.46 18.57 -8.50
N SER A 254 -51.40 19.36 -8.34
CA SER A 254 -51.55 20.80 -8.41
C SER A 254 -50.19 21.46 -8.52
N GLU A 255 -50.21 22.78 -8.62
CA GLU A 255 -49.00 23.61 -8.53
C GLU A 255 -49.11 24.37 -7.21
N ASN A 256 -48.57 23.77 -6.15
CA ASN A 256 -48.62 24.34 -4.81
C ASN A 256 -47.24 24.88 -4.46
N SER A 257 -47.17 26.17 -4.16
CA SER A 257 -45.94 26.82 -3.74
C SER A 257 -46.21 27.69 -2.53
N THR A 258 -45.19 28.45 -2.12
CA THR A 258 -45.35 29.37 -1.00
C THR A 258 -46.32 30.50 -1.34
N THR A 259 -46.25 31.01 -2.57
CA THR A 259 -47.08 32.12 -2.99
C THR A 259 -48.08 31.74 -4.08
N VAL A 260 -47.61 31.18 -5.20
CA VAL A 260 -48.47 30.82 -6.32
C VAL A 260 -49.07 29.44 -6.02
N ILE A 261 -50.39 29.39 -5.85
CA ILE A 261 -51.10 28.15 -5.55
C ILE A 261 -52.24 28.00 -6.55
N ARG A 262 -52.25 26.88 -7.27
CA ARG A 262 -53.37 26.54 -8.14
C ARG A 262 -53.56 25.04 -8.11
N GLU A 263 -54.80 24.59 -8.32
CA GLU A 263 -55.13 23.18 -8.32
C GLU A 263 -55.45 22.72 -9.74
N ALA A 264 -54.81 21.62 -10.16
CA ALA A 264 -55.04 21.04 -11.50
C ALA A 264 -55.34 19.55 -11.33
N ASP A 265 -56.60 19.23 -11.10
CA ASP A 265 -57.05 17.84 -11.00
C ASP A 265 -57.40 17.34 -12.38
N LYS A 266 -57.05 16.09 -12.69
CA LYS A 266 -57.21 15.55 -14.03
C LYS A 266 -57.73 14.11 -13.98
N ILE A 267 -58.15 13.63 -15.14
CA ILE A 267 -58.59 12.25 -15.31
C ILE A 267 -57.91 11.69 -16.55
N VAL A 268 -57.32 10.50 -16.41
CA VAL A 268 -56.62 9.83 -17.49
C VAL A 268 -57.21 8.43 -17.65
N SER A 269 -56.68 7.69 -18.62
CA SER A 269 -57.14 6.34 -18.89
C SER A 269 -56.02 5.32 -19.02
N ALA A 270 -54.76 5.73 -19.04
CA ALA A 270 -53.65 4.81 -19.17
C ALA A 270 -53.18 4.34 -17.79
N THR A 271 -52.49 3.20 -17.77
CA THR A 271 -51.97 2.66 -16.53
C THR A 271 -50.77 3.46 -16.02
N SER A 272 -50.18 4.31 -16.85
CA SER A 272 -49.10 5.20 -16.44
C SER A 272 -49.17 6.47 -17.28
N LEU A 273 -49.01 7.61 -16.62
CA LEU A 273 -49.12 8.89 -17.30
C LEU A 273 -47.79 9.64 -17.21
N LEU A 274 -47.67 10.66 -18.03
CA LEU A 274 -46.44 11.46 -18.13
C LEU A 274 -46.86 12.91 -18.26
N VAL A 275 -46.69 13.69 -17.19
CA VAL A 275 -47.11 15.08 -17.21
C VAL A 275 -46.19 15.89 -18.12
N ASP A 276 -46.65 17.09 -18.47
CA ASP A 276 -45.95 17.95 -19.41
C ASP A 276 -45.46 19.21 -18.72
N SER A 277 -44.22 19.58 -19.00
CA SER A 277 -43.64 20.87 -18.62
C SER A 277 -43.69 21.08 -17.10
N ILE A 278 -42.92 20.24 -16.40
CA ILE A 278 -42.74 20.42 -14.97
C ILE A 278 -41.97 21.71 -14.71
N LEU A 279 -42.45 22.51 -13.76
CA LEU A 279 -41.79 23.75 -13.39
C LEU A 279 -41.14 23.62 -12.02
N PRO A 280 -40.04 24.33 -11.77
CA PRO A 280 -39.38 24.23 -10.47
C PRO A 280 -40.15 24.93 -9.38
N GLY A 281 -39.89 24.52 -8.14
CA GLY A 281 -40.47 25.14 -6.97
C GLY A 281 -41.98 25.05 -6.93
N SER A 282 -42.52 23.88 -7.25
CA SER A 282 -43.97 23.67 -7.25
C SER A 282 -44.23 22.27 -6.73
N SER A 283 -44.88 22.18 -5.58
CA SER A 283 -45.18 20.88 -5.00
C SER A 283 -46.33 20.20 -5.73
N TYR A 284 -46.20 18.90 -5.93
CA TYR A 284 -47.25 18.08 -6.52
C TYR A 284 -47.76 17.10 -5.48
N GLU A 285 -49.07 17.14 -5.24
CA GLU A 285 -49.76 16.20 -4.36
C GLU A 285 -50.55 15.26 -5.27
N VAL A 286 -49.90 14.21 -5.73
CA VAL A 286 -50.49 13.29 -6.70
C VAL A 286 -51.20 12.18 -5.94
N GLN A 287 -52.39 11.81 -6.43
CA GLN A 287 -53.17 10.73 -5.84
C GLN A 287 -54.10 10.17 -6.89
N VAL A 288 -54.01 8.87 -7.16
CA VAL A 288 -54.71 8.25 -8.27
C VAL A 288 -55.62 7.15 -7.77
N ARG A 289 -56.85 7.12 -8.31
CA ARG A 289 -57.75 6.01 -8.05
C ARG A 289 -58.34 5.54 -9.37
N GLY A 290 -58.80 4.28 -9.38
CA GLY A 290 -59.27 3.67 -10.61
C GLY A 290 -60.74 3.33 -10.67
N LYS A 291 -61.26 3.17 -11.88
CA LYS A 291 -62.66 2.82 -12.10
C LYS A 291 -62.75 2.25 -13.51
N ARG A 292 -63.89 1.62 -13.81
CA ARG A 292 -64.11 1.07 -15.13
C ARG A 292 -64.23 2.19 -16.16
N LEU A 293 -63.51 2.04 -17.28
CA LEU A 293 -63.51 3.07 -18.32
C LEU A 293 -64.81 3.10 -19.10
N ASP A 294 -65.34 1.94 -19.46
CA ASP A 294 -66.54 1.83 -20.29
C ASP A 294 -67.75 1.57 -19.41
N GLY A 295 -68.77 2.41 -19.55
CA GLY A 295 -69.98 2.28 -18.78
C GLY A 295 -69.80 2.74 -17.34
N PRO A 296 -70.70 2.30 -16.46
CA PRO A 296 -70.61 2.71 -15.05
C PRO A 296 -69.49 1.99 -14.30
N GLY A 297 -69.39 2.24 -13.00
CA GLY A 297 -68.38 1.60 -12.20
C GLY A 297 -68.26 2.29 -10.85
N ILE A 298 -67.35 1.75 -10.04
CA ILE A 298 -67.08 2.27 -8.71
C ILE A 298 -65.60 2.62 -8.62
N TRP A 299 -65.31 3.83 -8.16
CA TRP A 299 -63.92 4.26 -8.05
C TRP A 299 -63.17 3.41 -7.02
N SER A 300 -61.89 3.19 -7.28
CA SER A 300 -61.06 2.36 -6.42
C SER A 300 -60.82 3.06 -5.08
N ASP A 301 -60.13 2.35 -4.19
CA ASP A 301 -59.78 2.90 -2.89
C ASP A 301 -58.82 4.08 -3.06
N TRP A 302 -59.12 5.18 -2.36
CA TRP A 302 -58.19 6.29 -2.31
C TRP A 302 -56.92 5.87 -1.58
N SER A 303 -55.77 6.26 -2.13
CA SER A 303 -54.49 5.95 -1.53
C SER A 303 -53.99 7.16 -0.74
N THR A 304 -52.97 6.94 0.07
CA THR A 304 -52.34 8.05 0.77
C THR A 304 -51.71 9.00 -0.23
N PRO A 305 -51.96 10.31 -0.14
CA PRO A 305 -51.42 11.24 -1.13
C PRO A 305 -49.89 11.22 -1.18
N ARG A 306 -49.34 11.32 -2.39
CA ARG A 306 -47.89 11.34 -2.55
C ARG A 306 -47.43 12.75 -2.85
N VAL A 307 -46.50 13.26 -2.04
CA VAL A 307 -46.00 14.62 -2.17
C VAL A 307 -44.61 14.58 -2.81
N PHE A 308 -44.45 15.32 -3.90
CA PHE A 308 -43.17 15.43 -4.59
C PHE A 308 -42.88 16.90 -4.84
N THR A 309 -41.79 17.39 -4.26
CA THR A 309 -41.43 18.80 -4.34
C THR A 309 -40.10 18.95 -5.05
N THR A 310 -40.07 19.75 -6.10
CA THR A 310 -38.84 20.04 -6.83
C THR A 310 -38.24 21.34 -6.32
N GLN A 311 -36.91 21.42 -6.35
CA GLN A 311 -36.22 22.56 -5.78
C GLN A 311 -36.22 23.71 -6.78
N ASP A 312 -35.51 24.79 -6.45
CA ASP A 312 -35.55 26.00 -7.24
C ASP A 312 -34.93 25.85 -8.62
N VAL A 313 -34.04 24.87 -8.82
CA VAL A 313 -33.44 24.61 -10.12
C VAL A 313 -33.64 23.14 -10.45
N ILE A 314 -34.08 22.86 -11.66
CA ILE A 314 -34.33 21.50 -12.11
C ILE A 314 -33.50 21.22 -13.35
N TYR A 315 -32.79 20.10 -13.34
CA TYR A 315 -31.99 19.66 -14.47
C TYR A 315 -32.60 18.41 -15.06
N PHE A 316 -32.49 18.28 -16.38
CA PHE A 316 -32.91 17.07 -17.04
C PHE A 316 -32.09 16.92 -18.32
N PRO A 317 -31.35 15.83 -18.48
CA PRO A 317 -31.16 14.75 -17.51
C PRO A 317 -30.20 15.11 -16.38
N PRO A 318 -30.37 14.52 -15.21
CA PRO A 318 -29.51 14.86 -14.07
C PRO A 318 -28.16 14.19 -14.10
N LYS A 319 -28.06 12.98 -14.65
CA LYS A 319 -26.81 12.24 -14.71
C LYS A 319 -26.59 11.69 -16.11
N ILE A 320 -25.35 11.80 -16.59
CA ILE A 320 -24.98 11.36 -17.93
C ILE A 320 -23.70 10.55 -17.85
N LEU A 321 -23.68 9.39 -18.49
CA LEU A 321 -22.50 8.55 -18.62
C LEU A 321 -22.13 8.47 -20.09
N THR A 322 -20.90 8.85 -20.42
CA THR A 322 -20.49 8.93 -21.81
C THR A 322 -18.99 8.72 -21.91
N SER A 323 -18.56 8.01 -22.94
CA SER A 323 -17.16 7.69 -23.14
C SER A 323 -16.40 8.88 -23.70
N VAL A 324 -15.07 8.72 -23.78
CA VAL A 324 -14.22 9.81 -24.25
C VAL A 324 -14.45 10.06 -25.73
N GLY A 325 -14.63 11.33 -26.09
CA GLY A 325 -14.70 11.74 -27.47
C GLY A 325 -16.08 11.89 -28.05
N SER A 326 -17.13 11.91 -27.24
CA SER A 326 -18.49 12.04 -27.73
C SER A 326 -19.03 13.42 -27.41
N ASN A 327 -20.32 13.61 -27.71
CA ASN A 327 -21.00 14.89 -27.52
C ASN A 327 -22.24 14.69 -26.67
N VAL A 328 -22.47 15.63 -25.75
CA VAL A 328 -23.54 15.53 -24.76
C VAL A 328 -24.38 16.80 -24.82
N SER A 329 -25.39 16.86 -23.97
CA SER A 329 -26.28 18.01 -23.89
C SER A 329 -26.95 18.02 -22.52
N PHE A 330 -27.50 19.18 -22.15
CA PHE A 330 -28.14 19.36 -20.85
C PHE A 330 -29.32 20.31 -21.00
N HIS A 331 -29.94 20.64 -19.87
CA HIS A 331 -31.07 21.56 -19.82
C HIS A 331 -31.11 22.20 -18.44
N CYS A 332 -31.93 23.25 -18.32
CA CYS A 332 -32.02 23.98 -17.05
C CYS A 332 -33.28 24.84 -17.04
N ILE A 333 -33.93 24.90 -15.89
CA ILE A 333 -35.00 25.86 -15.62
C ILE A 333 -34.72 26.52 -14.27
N TYR A 334 -34.89 27.84 -14.21
CA TYR A 334 -34.50 28.62 -13.05
C TYR A 334 -35.69 29.42 -12.54
N LYS A 335 -35.82 29.52 -11.23
CA LYS A 335 -36.83 30.34 -10.59
C LYS A 335 -36.15 31.20 -9.53
N LYS A 336 -36.44 32.50 -9.53
CA LYS A 336 -35.79 33.46 -8.64
C LYS A 336 -36.88 34.25 -7.92
N GLU A 337 -36.92 34.12 -6.59
CA GLU A 337 -37.90 34.79 -5.73
C GLU A 337 -39.30 34.74 -6.34
N ASN A 338 -39.68 33.53 -6.77
CA ASN A 338 -40.98 33.26 -7.37
C ASN A 338 -41.17 34.06 -8.66
N LYS A 339 -40.23 33.88 -9.58
CA LYS A 339 -40.31 34.45 -10.92
C LYS A 339 -39.35 33.72 -11.85
N ILE A 340 -39.85 33.19 -12.97
CA ILE A 340 -39.03 32.37 -13.85
C ILE A 340 -38.13 33.29 -14.68
N VAL A 341 -36.83 33.01 -14.64
CA VAL A 341 -35.82 33.84 -15.29
C VAL A 341 -35.84 33.60 -16.80
N PRO A 342 -35.83 34.66 -17.61
CA PRO A 342 -35.79 34.45 -19.06
C PRO A 342 -34.49 33.76 -19.49
N SER A 343 -34.57 33.04 -20.60
CA SER A 343 -33.44 32.23 -21.06
C SER A 343 -32.33 33.08 -21.65
N LYS A 344 -32.54 34.38 -21.83
CA LYS A 344 -31.57 35.22 -22.51
C LYS A 344 -30.49 35.76 -21.58
N GLU A 345 -30.63 35.58 -20.27
CA GLU A 345 -29.63 35.96 -19.28
C GLU A 345 -29.10 34.80 -18.46
N ILE A 346 -28.98 33.60 -19.04
CA ILE A 346 -28.50 32.45 -18.27
C ILE A 346 -27.11 32.06 -18.77
N VAL A 347 -26.22 31.74 -17.83
CA VAL A 347 -24.84 31.37 -18.15
C VAL A 347 -24.54 30.03 -17.47
N TRP A 348 -23.79 29.18 -18.16
CA TRP A 348 -23.56 27.82 -17.73
C TRP A 348 -22.12 27.70 -17.23
N TRP A 349 -21.95 27.13 -16.05
CA TRP A 349 -20.63 27.00 -15.44
C TRP A 349 -20.13 25.56 -15.51
N MET A 350 -18.91 25.36 -15.02
CA MET A 350 -18.27 24.04 -15.05
C MET A 350 -17.36 23.94 -13.84
N ASN A 351 -17.77 23.13 -12.85
CA ASN A 351 -17.02 22.92 -11.61
C ASN A 351 -16.84 24.21 -10.83
N LEU A 352 -17.64 25.23 -11.12
CA LEU A 352 -17.51 26.56 -10.53
C LEU A 352 -16.11 27.14 -10.72
N ALA A 353 -15.38 26.68 -11.74
CA ALA A 353 -14.00 27.10 -11.95
C ALA A 353 -13.86 27.98 -13.18
N GLU A 354 -14.29 27.53 -14.34
CA GLU A 354 -14.19 28.32 -15.57
C GLU A 354 -15.57 28.42 -16.21
N LYS A 355 -15.90 29.61 -16.70
CA LYS A 355 -17.17 29.83 -17.37
C LYS A 355 -17.14 29.25 -18.78
N ILE A 356 -18.24 28.65 -19.18
CA ILE A 356 -18.36 28.08 -20.53
C ILE A 356 -18.49 29.21 -21.55
N PRO A 357 -17.77 29.18 -22.66
CA PRO A 357 -17.93 30.23 -23.68
C PRO A 357 -19.35 30.24 -24.24
N GLN A 358 -19.81 31.44 -24.59
CA GLN A 358 -21.19 31.64 -25.04
C GLN A 358 -21.49 30.95 -26.36
N SER A 359 -20.47 30.52 -27.12
CA SER A 359 -20.71 29.97 -28.44
C SER A 359 -21.53 28.69 -28.40
N GLN A 360 -21.44 27.93 -27.32
CA GLN A 360 -22.11 26.63 -27.23
C GLN A 360 -23.53 26.73 -26.68
N TYR A 361 -23.97 27.90 -26.24
CA TYR A 361 -25.31 28.06 -25.71
C TYR A 361 -26.35 28.02 -26.83
N ASP A 362 -27.46 27.32 -26.55
CA ASP A 362 -28.61 27.29 -27.46
C ASP A 362 -29.86 27.68 -26.68
N VAL A 363 -30.79 28.32 -27.37
CA VAL A 363 -32.06 28.72 -26.80
C VAL A 363 -33.15 27.78 -27.32
N VAL A 364 -34.02 27.33 -26.41
CA VAL A 364 -35.07 26.38 -26.76
C VAL A 364 -36.45 27.02 -26.69
N SER A 365 -36.77 27.64 -25.57
CA SER A 365 -38.08 28.23 -25.34
C SER A 365 -37.90 29.44 -24.44
N ASP A 366 -39.00 29.88 -23.82
CA ASP A 366 -38.93 31.03 -22.92
C ASP A 366 -38.00 30.76 -21.75
N HIS A 367 -38.06 29.55 -21.18
CA HIS A 367 -37.28 29.27 -19.98
C HIS A 367 -36.59 27.91 -20.03
N VAL A 368 -36.08 27.51 -21.19
CA VAL A 368 -35.29 26.29 -21.33
C VAL A 368 -34.06 26.59 -22.17
N SER A 369 -32.90 26.20 -21.68
CA SER A 369 -31.63 26.46 -22.36
C SER A 369 -30.98 25.15 -22.77
N LYS A 370 -29.85 25.27 -23.48
CA LYS A 370 -29.12 24.10 -23.94
C LYS A 370 -27.63 24.39 -23.91
N VAL A 371 -26.86 23.45 -23.36
CA VAL A 371 -25.41 23.49 -23.45
C VAL A 371 -24.93 22.16 -24.03
N THR A 372 -24.03 22.26 -25.00
CA THR A 372 -23.56 21.10 -25.76
C THR A 372 -22.04 21.06 -25.70
N PHE A 373 -21.50 20.14 -24.90
CA PHE A 373 -20.06 19.98 -24.84
C PHE A 373 -19.56 19.31 -26.11
N PHE A 374 -18.40 19.75 -26.59
CA PHE A 374 -17.82 19.24 -27.84
C PHE A 374 -16.47 18.60 -27.54
N ASN A 375 -16.35 17.31 -27.85
CA ASN A 375 -15.09 16.57 -27.75
C ASN A 375 -14.50 16.71 -26.34
N LEU A 376 -15.18 16.06 -25.40
CA LEU A 376 -14.80 16.20 -24.00
C LEU A 376 -13.81 15.13 -23.59
N ASN A 377 -12.98 15.47 -22.62
CA ASN A 377 -11.88 14.61 -22.16
C ASN A 377 -12.36 13.74 -21.00
N GLU A 378 -11.40 13.10 -20.33
CA GLU A 378 -11.66 12.23 -19.19
C GLU A 378 -11.67 13.03 -17.91
N THR A 379 -12.47 12.58 -16.94
CA THR A 379 -12.64 13.30 -15.68
C THR A 379 -11.73 12.69 -14.62
N LYS A 380 -10.70 13.43 -14.22
CA LYS A 380 -9.81 12.95 -13.19
C LYS A 380 -10.54 12.83 -11.86
N PRO A 381 -10.14 11.91 -11.00
CA PRO A 381 -10.78 11.77 -9.68
C PRO A 381 -10.28 12.84 -8.72
N ARG A 382 -11.16 13.79 -8.40
CA ARG A 382 -10.85 14.85 -7.44
C ARG A 382 -11.26 14.36 -6.06
N GLY A 383 -10.31 13.84 -5.31
CA GLY A 383 -10.65 13.31 -4.00
C GLY A 383 -11.61 12.14 -4.11
N LYS A 384 -12.57 12.11 -3.19
CA LYS A 384 -13.57 11.05 -3.21
C LYS A 384 -14.63 11.28 -4.27
N PHE A 385 -14.63 12.45 -4.91
CA PHE A 385 -15.55 12.73 -6.00
C PHE A 385 -14.99 12.25 -7.32
N THR A 386 -15.77 11.43 -8.02
CA THR A 386 -15.35 10.86 -9.30
C THR A 386 -16.20 11.35 -10.47
N TYR A 387 -16.62 12.62 -10.44
CA TYR A 387 -17.54 13.14 -11.43
C TYR A 387 -17.37 14.64 -11.56
N ASP A 388 -17.82 15.17 -12.69
CA ASP A 388 -17.83 16.61 -12.92
C ASP A 388 -19.21 17.18 -12.62
N ALA A 389 -19.24 18.40 -12.11
CA ALA A 389 -20.48 19.10 -11.78
C ALA A 389 -20.67 20.25 -12.74
N VAL A 390 -21.87 20.35 -13.32
CA VAL A 390 -22.20 21.40 -14.27
C VAL A 390 -23.36 22.19 -13.71
N TYR A 391 -23.20 23.50 -13.61
CA TYR A 391 -24.19 24.37 -13.02
C TYR A 391 -24.93 25.16 -14.10
N CYS A 392 -26.05 25.76 -13.73
CA CYS A 392 -26.73 26.71 -14.60
C CYS A 392 -27.20 27.87 -13.74
N CYS A 393 -26.92 29.09 -14.19
CA CYS A 393 -27.23 30.26 -13.36
C CYS A 393 -27.24 31.52 -14.21
N ASN A 394 -27.61 32.62 -13.58
CA ASN A 394 -27.84 33.89 -14.24
C ASN A 394 -27.06 35.00 -13.55
N GLU A 395 -26.74 36.04 -14.32
CA GLU A 395 -26.24 37.29 -13.76
C GLU A 395 -25.03 37.08 -12.86
N HIS A 396 -25.27 37.01 -11.55
CA HIS A 396 -24.18 36.96 -10.58
C HIS A 396 -24.42 35.94 -9.47
N GLU A 397 -25.51 35.20 -9.49
CA GLU A 397 -25.84 34.24 -8.44
C GLU A 397 -26.03 32.87 -9.06
N CYS A 398 -25.40 31.85 -8.48
CA CYS A 398 -25.53 30.48 -8.97
C CYS A 398 -25.96 29.56 -7.84
N HIS A 399 -27.06 28.84 -8.05
CA HIS A 399 -27.60 27.94 -7.06
C HIS A 399 -26.67 26.75 -6.85
N HIS A 400 -26.84 26.07 -5.72
CA HIS A 400 -25.95 24.99 -5.32
C HIS A 400 -26.30 23.64 -5.94
N ARG A 401 -27.46 23.52 -6.58
CA ARG A 401 -27.81 22.28 -7.26
C ARG A 401 -27.04 22.17 -8.57
N TYR A 402 -26.61 20.96 -8.90
CA TYR A 402 -25.74 20.74 -10.05
C TYR A 402 -26.12 19.46 -10.77
N ALA A 403 -25.70 19.37 -12.02
CA ALA A 403 -25.90 18.19 -12.85
C ALA A 403 -24.60 17.41 -12.89
N GLU A 404 -24.69 16.10 -12.68
CA GLU A 404 -23.53 15.23 -12.69
C GLU A 404 -23.12 14.89 -14.11
N LEU A 405 -21.84 14.56 -14.30
CA LEU A 405 -21.34 14.12 -15.59
C LEU A 405 -20.15 13.21 -15.34
N TYR A 406 -20.28 11.94 -15.70
CA TYR A 406 -19.17 11.00 -15.67
C TYR A 406 -18.61 10.83 -17.08
N VAL A 407 -17.31 10.55 -17.14
CA VAL A 407 -16.66 10.17 -18.39
C VAL A 407 -15.77 8.97 -18.11
N ILE A 408 -15.95 7.90 -18.88
CA ILE A 408 -15.18 6.68 -18.74
C ILE A 408 -14.39 6.47 -20.02
N ASP A 409 -13.10 6.20 -19.89
CA ASP A 409 -12.31 5.80 -21.04
C ASP A 409 -12.56 4.34 -21.37
N VAL A 410 -12.49 4.00 -22.65
CA VAL A 410 -12.89 2.67 -23.11
C VAL A 410 -11.86 2.03 -24.02
N ASN A 411 -10.76 2.69 -24.32
CA ASN A 411 -9.71 2.09 -25.14
C ASN A 411 -8.93 1.10 -24.29
N ILE A 412 -9.43 -0.13 -24.20
CA ILE A 412 -8.79 -1.20 -23.45
C ILE A 412 -8.16 -2.15 -24.46
N ASN A 413 -6.89 -2.46 -24.27
CA ASN A 413 -6.13 -3.20 -25.27
C ASN A 413 -6.14 -4.69 -24.96
N ILE A 414 -6.46 -5.49 -25.98
CA ILE A 414 -6.45 -6.94 -25.89
C ILE A 414 -5.59 -7.48 -27.04
N SER A 415 -4.68 -8.40 -26.73
CA SER A 415 -3.78 -8.94 -27.74
C SER A 415 -3.22 -10.26 -27.23
N CYS A 416 -3.21 -11.29 -28.08
CA CYS A 416 -2.88 -12.60 -27.53
C CYS A 416 -2.46 -13.64 -28.55
N GLU A 417 -1.83 -14.69 -27.99
CA GLU A 417 -0.92 -15.62 -28.64
C GLU A 417 -1.64 -16.86 -29.14
N THR A 418 -0.85 -17.80 -29.66
CA THR A 418 -1.25 -19.18 -29.89
C THR A 418 0.00 -20.04 -29.70
N ASP A 419 -0.04 -20.92 -28.70
CA ASP A 419 1.16 -21.67 -28.35
C ASP A 419 1.54 -22.63 -29.46
N GLY A 420 2.79 -23.09 -29.42
CA GLY A 420 3.35 -23.87 -30.51
C GLY A 420 2.58 -25.13 -30.84
N TYR A 421 1.90 -25.72 -29.86
CA TYR A 421 1.14 -26.93 -30.11
C TYR A 421 -0.23 -26.66 -30.73
N LEU A 422 -0.55 -25.39 -30.99
CA LEU A 422 -1.79 -25.00 -31.64
C LEU A 422 -3.01 -25.47 -30.85
N THR A 423 -2.90 -25.43 -29.52
CA THR A 423 -4.01 -25.80 -28.65
C THR A 423 -4.51 -24.63 -27.82
N LYS A 424 -3.66 -23.97 -27.05
CA LYS A 424 -4.08 -22.99 -26.05
C LYS A 424 -3.90 -21.59 -26.59
N MET A 425 -4.86 -20.72 -26.30
CA MET A 425 -4.80 -19.31 -26.66
C MET A 425 -4.99 -18.48 -25.40
N THR A 426 -3.99 -17.67 -25.07
CA THR A 426 -3.91 -17.01 -23.77
C THR A 426 -3.84 -15.50 -23.92
N CYS A 427 -4.75 -14.79 -23.25
CA CYS A 427 -4.71 -13.33 -23.28
C CYS A 427 -5.48 -12.64 -22.17
N ARG A 428 -5.37 -11.32 -22.20
CA ARG A 428 -5.18 -10.51 -21.01
C ARG A 428 -5.31 -9.04 -21.38
N TRP A 429 -5.80 -8.25 -20.43
CA TRP A 429 -5.98 -6.83 -20.67
C TRP A 429 -5.71 -6.05 -19.38
N SER A 430 -5.10 -4.89 -19.54
CA SER A 430 -4.63 -4.09 -18.42
C SER A 430 -5.80 -3.39 -17.72
N THR A 431 -5.63 -2.94 -16.49
CA THR A 431 -6.70 -2.16 -15.85
C THR A 431 -6.12 -1.47 -14.62
N SER A 432 -4.81 -1.25 -14.62
CA SER A 432 -4.14 -0.59 -13.49
C SER A 432 -3.75 0.82 -13.94
N THR A 433 -3.55 1.01 -15.24
CA THR A 433 -3.28 2.37 -15.73
C THR A 433 -4.60 3.14 -15.73
N ILE A 434 -5.54 2.69 -16.56
CA ILE A 434 -6.83 3.40 -16.68
C ILE A 434 -7.42 3.60 -15.29
N GLN A 435 -7.69 4.84 -14.91
CA GLN A 435 -8.38 5.11 -13.62
C GLN A 435 -9.86 5.08 -13.93
N SER A 436 -10.58 6.13 -13.59
CA SER A 436 -12.01 6.20 -13.97
C SER A 436 -12.68 4.84 -13.81
N LEU A 437 -12.20 4.02 -12.89
CA LEU A 437 -12.88 2.74 -12.72
C LEU A 437 -12.92 2.45 -11.24
N ALA A 438 -12.43 1.30 -10.80
CA ALA A 438 -12.56 0.93 -9.37
C ALA A 438 -14.01 1.18 -8.98
N GLU A 439 -14.91 1.12 -9.96
CA GLU A 439 -16.34 1.38 -9.71
C GLU A 439 -17.11 0.64 -10.81
N SER A 440 -16.65 -0.56 -11.14
CA SER A 440 -17.37 -1.35 -12.17
C SER A 440 -16.86 -2.78 -12.31
N THR A 441 -17.76 -3.73 -12.56
CA THR A 441 -17.38 -5.08 -12.92
C THR A 441 -17.20 -5.20 -14.43
N LEU A 442 -16.29 -6.09 -14.83
CA LEU A 442 -15.86 -6.20 -16.23
C LEU A 442 -16.01 -7.63 -16.70
N GLN A 443 -16.15 -7.79 -18.02
CA GLN A 443 -16.46 -9.08 -18.62
C GLN A 443 -16.07 -9.07 -20.09
N LEU A 444 -15.63 -10.22 -20.60
CA LEU A 444 -15.20 -10.37 -21.98
C LEU A 444 -16.37 -10.90 -22.81
N ARG A 445 -16.21 -10.92 -24.13
CA ARG A 445 -17.20 -11.51 -25.02
C ARG A 445 -16.54 -12.18 -26.22
N TYR A 446 -17.28 -13.09 -26.84
CA TYR A 446 -16.88 -13.84 -28.03
C TYR A 446 -17.81 -13.47 -29.19
N HIS A 447 -17.29 -13.58 -30.41
CA HIS A 447 -18.14 -13.84 -31.56
C HIS A 447 -17.31 -14.31 -32.74
N ARG A 448 -17.45 -15.58 -33.13
CA ARG A 448 -16.71 -16.11 -34.28
C ARG A 448 -17.28 -17.42 -34.77
N SER A 449 -17.72 -17.47 -36.02
CA SER A 449 -18.28 -18.72 -36.51
C SER A 449 -17.69 -19.24 -37.82
N SER A 450 -17.48 -18.42 -38.85
CA SER A 450 -17.22 -19.04 -40.13
C SER A 450 -15.76 -19.38 -40.38
N LEU A 451 -14.94 -18.38 -40.74
CA LEU A 451 -13.53 -18.62 -41.01
C LEU A 451 -12.62 -17.51 -40.52
N TYR A 452 -13.15 -16.29 -40.42
CA TYR A 452 -12.30 -15.10 -40.34
C TYR A 452 -13.09 -13.99 -39.67
N CYS A 453 -12.48 -12.80 -39.59
CA CYS A 453 -13.18 -11.61 -39.12
C CYS A 453 -12.56 -10.40 -39.81
N SER A 454 -12.80 -9.22 -39.24
CA SER A 454 -12.35 -7.94 -39.78
C SER A 454 -12.95 -7.68 -41.16
N ASP A 455 -14.28 -7.63 -41.20
CA ASP A 455 -15.01 -7.33 -42.42
C ASP A 455 -15.74 -5.99 -42.34
N ILE A 456 -16.63 -5.83 -41.35
CA ILE A 456 -17.45 -4.62 -41.23
C ILE A 456 -18.22 -4.67 -39.92
N PRO A 457 -18.52 -3.52 -39.30
CA PRO A 457 -19.52 -3.48 -38.23
C PRO A 457 -20.83 -4.12 -38.67
N SER A 458 -21.68 -4.49 -37.72
CA SER A 458 -21.52 -4.21 -36.29
C SER A 458 -20.80 -5.32 -35.52
N ILE A 459 -20.89 -5.24 -34.20
CA ILE A 459 -20.22 -6.19 -33.30
C ILE A 459 -20.99 -7.49 -33.24
N HIS A 460 -22.05 -7.61 -34.06
CA HIS A 460 -22.87 -8.82 -34.13
C HIS A 460 -23.47 -9.09 -32.75
N PRO A 461 -24.50 -8.34 -32.36
CA PRO A 461 -24.93 -8.29 -30.95
C PRO A 461 -25.07 -9.61 -30.21
N ILE A 462 -25.10 -10.74 -30.93
CA ILE A 462 -25.07 -12.02 -30.24
C ILE A 462 -23.68 -12.25 -29.67
N SER A 463 -23.62 -12.66 -28.40
CA SER A 463 -22.35 -12.79 -27.72
C SER A 463 -22.46 -13.84 -26.63
N GLU A 464 -21.32 -14.41 -26.26
CA GLU A 464 -21.26 -15.41 -25.20
C GLU A 464 -20.21 -15.01 -24.18
N PRO A 465 -20.61 -14.68 -22.97
CA PRO A 465 -19.65 -14.27 -21.94
C PRO A 465 -18.70 -15.40 -21.58
N LYS A 466 -17.51 -15.01 -21.12
CA LYS A 466 -16.54 -15.96 -20.61
C LYS A 466 -15.78 -15.31 -19.47
N ASP A 467 -15.53 -16.07 -18.41
CA ASP A 467 -14.92 -15.57 -17.20
C ASP A 467 -13.40 -15.73 -17.27
N CYS A 468 -12.70 -14.65 -16.93
CA CYS A 468 -11.25 -14.64 -16.95
C CYS A 468 -10.74 -14.21 -15.57
N TYR A 469 -9.66 -14.85 -15.13
CA TYR A 469 -9.17 -14.72 -13.77
C TYR A 469 -8.16 -13.59 -13.65
N LEU A 470 -7.53 -13.51 -12.47
CA LEU A 470 -6.63 -12.42 -12.14
C LEU A 470 -5.29 -12.98 -11.68
N GLN A 471 -4.22 -12.25 -12.01
CA GLN A 471 -2.86 -12.64 -11.64
C GLN A 471 -2.16 -11.46 -10.96
N SER A 472 -1.06 -11.77 -10.28
CA SER A 472 -0.40 -10.80 -9.43
C SER A 472 0.29 -9.69 -10.24
N ASP A 473 0.49 -9.93 -11.53
CA ASP A 473 1.21 -8.95 -12.34
C ASP A 473 0.41 -7.68 -12.59
N GLY A 474 -0.86 -7.64 -12.22
CA GLY A 474 -1.71 -6.51 -12.50
C GLY A 474 -2.53 -6.63 -13.77
N PHE A 475 -2.28 -7.65 -14.59
CA PHE A 475 -3.05 -7.92 -15.79
C PHE A 475 -3.82 -9.22 -15.60
N TYR A 476 -5.02 -9.29 -16.17
CA TYR A 476 -5.80 -10.51 -16.12
C TYR A 476 -5.22 -11.54 -17.09
N GLU A 477 -5.98 -12.61 -17.32
CA GLU A 477 -5.76 -13.54 -18.42
C GLU A 477 -6.83 -14.61 -18.36
N CYS A 478 -7.00 -15.32 -19.48
CA CYS A 478 -7.84 -16.51 -19.51
C CYS A 478 -7.52 -17.32 -20.76
N ILE A 479 -7.85 -18.61 -20.70
CA ILE A 479 -7.33 -19.60 -21.64
C ILE A 479 -8.47 -20.13 -22.50
N PHE A 480 -8.23 -20.23 -23.80
CA PHE A 480 -9.16 -20.90 -24.70
C PHE A 480 -8.53 -22.18 -25.21
N GLN A 481 -9.30 -23.27 -25.12
CA GLN A 481 -8.97 -24.59 -25.66
C GLN A 481 -10.20 -25.50 -25.56
N PRO A 482 -10.46 -26.35 -26.57
CA PRO A 482 -9.77 -26.40 -27.86
C PRO A 482 -10.23 -25.26 -28.77
N ILE A 483 -9.35 -24.82 -29.66
CA ILE A 483 -9.58 -23.62 -30.45
C ILE A 483 -9.54 -23.98 -31.92
N PHE A 484 -10.47 -23.41 -32.69
CA PHE A 484 -10.39 -23.53 -34.15
C PHE A 484 -9.26 -22.62 -34.60
N LEU A 485 -8.21 -23.23 -35.15
CA LEU A 485 -7.04 -22.47 -35.59
C LEU A 485 -7.36 -21.46 -36.68
N LEU A 486 -8.42 -21.68 -37.46
CA LEU A 486 -8.76 -20.82 -38.58
C LEU A 486 -10.17 -20.28 -38.44
N SER A 487 -10.49 -19.78 -37.25
CA SER A 487 -11.73 -19.08 -37.01
C SER A 487 -11.43 -17.72 -36.37
N GLY A 488 -12.07 -16.67 -36.89
CA GLY A 488 -11.72 -15.32 -36.52
C GLY A 488 -12.51 -14.74 -35.36
N TYR A 489 -11.91 -14.73 -34.17
CA TYR A 489 -12.59 -14.20 -32.99
C TYR A 489 -12.70 -12.68 -33.05
N THR A 490 -13.79 -12.16 -32.50
CA THR A 490 -14.01 -10.73 -32.34
C THR A 490 -14.22 -10.46 -30.86
N MET A 491 -13.27 -9.76 -30.25
CA MET A 491 -13.24 -9.57 -28.81
C MET A 491 -13.56 -8.13 -28.44
N TRP A 492 -14.24 -7.96 -27.30
CA TRP A 492 -14.43 -6.64 -26.71
C TRP A 492 -14.72 -6.81 -25.23
N ILE A 493 -14.55 -5.71 -24.50
CA ILE A 493 -14.78 -5.67 -23.06
C ILE A 493 -16.03 -4.86 -22.79
N ARG A 494 -16.89 -5.36 -21.92
CA ARG A 494 -18.13 -4.68 -21.55
C ARG A 494 -18.01 -4.16 -20.12
N ILE A 495 -18.30 -2.88 -19.93
CA ILE A 495 -18.22 -2.23 -18.63
C ILE A 495 -19.64 -1.89 -18.20
N ASN A 496 -20.11 -2.56 -17.15
CA ASN A 496 -21.33 -2.16 -16.48
C ASN A 496 -21.00 -1.15 -15.38
N HIS A 497 -21.92 -0.24 -15.12
CA HIS A 497 -21.67 0.87 -14.23
C HIS A 497 -22.96 1.22 -13.49
N SER A 498 -22.84 2.05 -12.45
CA SER A 498 -23.98 2.38 -11.62
C SER A 498 -25.07 3.13 -12.38
N LEU A 499 -24.76 3.67 -13.56
CA LEU A 499 -25.74 4.42 -14.33
C LEU A 499 -26.04 3.84 -15.71
N GLY A 500 -25.17 3.00 -16.27
CA GLY A 500 -25.41 2.51 -17.61
C GLY A 500 -24.40 1.45 -17.99
N SER A 501 -24.34 1.18 -19.29
CA SER A 501 -23.44 0.17 -19.85
C SER A 501 -22.63 0.76 -20.98
N LEU A 502 -21.38 0.32 -21.11
CA LEU A 502 -20.48 0.82 -22.14
C LEU A 502 -19.71 -0.35 -22.75
N ASP A 503 -19.27 -0.15 -23.99
CA ASP A 503 -18.61 -1.21 -24.76
C ASP A 503 -17.34 -0.66 -25.40
N SER A 504 -16.24 -1.38 -25.22
CA SER A 504 -14.98 -1.02 -25.85
C SER A 504 -15.00 -1.36 -27.33
N PRO A 505 -14.17 -0.70 -28.14
CA PRO A 505 -14.04 -1.06 -29.55
C PRO A 505 -13.56 -2.50 -29.71
N PRO A 506 -14.04 -3.21 -30.73
CA PRO A 506 -13.71 -4.63 -30.87
C PRO A 506 -12.30 -4.84 -31.42
N THR A 507 -11.95 -6.11 -31.56
CA THR A 507 -10.68 -6.53 -32.16
C THR A 507 -10.84 -7.88 -32.83
N CYS A 508 -10.38 -7.97 -34.07
CA CYS A 508 -10.35 -9.21 -34.84
C CYS A 508 -9.03 -9.92 -34.64
N VAL A 509 -9.09 -11.19 -34.24
CA VAL A 509 -7.89 -11.99 -34.03
C VAL A 509 -8.10 -13.37 -34.63
N LEU A 510 -7.15 -13.82 -35.44
CA LEU A 510 -7.18 -15.14 -36.05
C LEU A 510 -6.03 -15.96 -35.49
N PRO A 511 -6.29 -17.07 -34.80
CA PRO A 511 -5.19 -17.75 -34.07
C PRO A 511 -4.06 -18.24 -34.94
N ASP A 512 -4.35 -18.78 -36.13
CA ASP A 512 -3.29 -19.37 -36.94
C ASP A 512 -2.26 -18.34 -37.36
N SER A 513 -2.63 -17.06 -37.35
CA SER A 513 -1.72 -16.00 -37.75
C SER A 513 -1.02 -15.34 -36.57
N VAL A 514 -1.19 -15.83 -35.35
CA VAL A 514 -0.56 -15.19 -34.21
C VAL A 514 0.23 -16.25 -33.44
N VAL A 515 0.70 -17.27 -34.14
CA VAL A 515 1.35 -18.39 -33.46
C VAL A 515 2.78 -17.99 -33.07
N LYS A 516 3.21 -18.51 -31.91
CA LYS A 516 4.57 -18.30 -31.42
C LYS A 516 5.32 -19.62 -31.48
N PRO A 517 6.22 -19.81 -32.43
CA PRO A 517 6.88 -21.11 -32.58
C PRO A 517 7.86 -21.40 -31.46
N LEU A 518 8.13 -22.68 -31.27
CA LEU A 518 9.05 -23.22 -30.28
C LEU A 518 10.48 -23.09 -30.82
N PRO A 519 11.49 -22.92 -29.96
CA PRO A 519 12.83 -22.64 -30.47
C PRO A 519 13.54 -23.89 -30.93
N PRO A 520 14.35 -23.79 -31.98
CA PRO A 520 14.87 -25.00 -32.63
C PRO A 520 15.73 -25.83 -31.70
N SER A 521 15.71 -27.14 -31.94
CA SER A 521 16.47 -28.10 -31.16
C SER A 521 17.62 -28.65 -31.99
N SER A 522 18.53 -29.33 -31.31
CA SER A 522 19.72 -29.92 -31.93
C SER A 522 20.52 -28.86 -32.70
N VAL A 523 20.75 -27.72 -32.04
CA VAL A 523 21.63 -26.71 -32.60
C VAL A 523 23.07 -27.18 -32.49
N LYS A 524 23.81 -27.07 -33.60
CA LYS A 524 25.13 -27.67 -33.70
C LYS A 524 26.08 -26.72 -34.41
N ALA A 525 27.08 -26.23 -33.69
CA ALA A 525 28.10 -25.36 -34.26
C ALA A 525 29.42 -26.11 -34.27
N GLU A 526 30.14 -26.02 -35.39
CA GLU A 526 31.38 -26.77 -35.52
C GLU A 526 32.30 -26.06 -36.50
N ILE A 527 33.55 -25.89 -36.09
CA ILE A 527 34.55 -25.22 -36.93
C ILE A 527 34.90 -26.14 -38.09
N THR A 528 34.89 -25.60 -39.30
CA THR A 528 35.09 -26.42 -40.48
C THR A 528 36.50 -26.99 -40.49
N ILE A 529 36.73 -27.92 -41.41
CA ILE A 529 38.02 -28.58 -41.56
C ILE A 529 38.67 -28.09 -42.85
N ASN A 530 39.97 -27.84 -42.79
CA ASN A 530 40.82 -27.49 -43.92
C ASN A 530 40.41 -26.20 -44.61
N ILE A 531 39.49 -25.42 -44.05
CA ILE A 531 39.01 -24.19 -44.67
C ILE A 531 39.16 -22.99 -43.73
N GLY A 532 38.58 -23.07 -42.54
CA GLY A 532 38.61 -21.95 -41.64
C GLY A 532 37.31 -21.19 -41.57
N LEU A 533 36.19 -21.90 -41.51
CA LEU A 533 34.87 -21.30 -41.44
C LEU A 533 34.06 -21.94 -40.32
N LEU A 534 33.02 -21.22 -39.89
CA LEU A 534 32.11 -21.66 -38.85
C LEU A 534 30.85 -22.21 -39.50
N LYS A 535 30.48 -23.43 -39.12
CA LYS A 535 29.33 -24.12 -39.69
C LYS A 535 28.26 -24.31 -38.63
N ILE A 536 27.05 -23.85 -38.92
CA ILE A 536 25.89 -23.99 -38.05
C ILE A 536 24.90 -24.92 -38.73
N SER A 537 24.41 -25.92 -38.00
CA SER A 537 23.43 -26.87 -38.48
C SER A 537 22.35 -27.03 -37.43
N TRP A 538 21.14 -27.38 -37.88
CA TRP A 538 19.97 -27.38 -37.01
C TRP A 538 18.85 -28.16 -37.69
N GLU A 539 17.66 -28.07 -37.10
CA GLU A 539 16.45 -28.70 -37.62
C GLU A 539 15.25 -27.87 -37.23
N LYS A 540 14.35 -27.66 -38.18
CA LYS A 540 13.22 -26.75 -37.98
C LYS A 540 12.19 -27.36 -37.04
N PRO A 541 11.47 -26.53 -36.30
CA PRO A 541 10.42 -27.04 -35.41
C PRO A 541 9.25 -27.61 -36.22
N VAL A 542 8.55 -28.56 -35.60
CA VAL A 542 7.46 -29.25 -36.29
C VAL A 542 6.32 -28.29 -36.59
N PHE A 543 6.04 -27.35 -35.68
CA PHE A 543 4.96 -26.39 -35.84
C PHE A 543 5.52 -24.97 -35.90
N PRO A 544 4.96 -24.10 -36.73
CA PRO A 544 3.86 -24.37 -37.67
C PRO A 544 4.32 -25.05 -38.94
N GLU A 545 3.37 -25.41 -39.80
CA GLU A 545 3.67 -26.01 -41.10
C GLU A 545 3.74 -24.97 -42.21
N ASN A 546 4.12 -23.75 -41.89
CA ASN A 546 4.36 -22.71 -42.88
C ASN A 546 5.85 -22.60 -43.14
N ASN A 547 6.22 -21.67 -44.03
CA ASN A 547 7.63 -21.40 -44.27
C ASN A 547 8.19 -20.52 -43.16
N LEU A 548 9.48 -20.68 -42.89
CA LEU A 548 10.10 -19.99 -41.77
C LEU A 548 11.40 -19.33 -42.20
N GLN A 549 11.76 -18.28 -41.48
CA GLN A 549 13.05 -17.61 -41.60
C GLN A 549 13.74 -17.69 -40.25
N PHE A 550 15.07 -17.81 -40.28
CA PHE A 550 15.86 -17.95 -39.07
C PHE A 550 16.83 -16.79 -38.93
N GLN A 551 17.13 -16.47 -37.68
CA GLN A 551 18.01 -15.34 -37.36
C GLN A 551 19.04 -15.84 -36.34
N ILE A 552 20.30 -15.92 -36.79
CA ILE A 552 21.38 -16.48 -35.98
C ILE A 552 22.15 -15.34 -35.33
N ARG A 553 22.54 -15.53 -34.08
CA ARG A 553 23.31 -14.51 -33.36
C ARG A 553 24.41 -15.17 -32.56
N TYR A 554 25.63 -14.66 -32.75
CA TYR A 554 26.82 -15.43 -32.43
C TYR A 554 28.00 -14.51 -32.12
N GLY A 555 28.98 -15.06 -31.40
CA GLY A 555 30.16 -14.29 -31.07
C GLY A 555 31.12 -15.09 -30.22
N LEU A 556 32.16 -14.38 -29.75
CA LEU A 556 33.15 -14.98 -28.87
C LEU A 556 32.48 -15.48 -27.61
N SER A 557 32.90 -16.64 -27.11
CA SER A 557 32.36 -17.12 -25.85
C SER A 557 32.96 -16.35 -24.69
N GLY A 558 32.11 -15.94 -23.76
CA GLY A 558 32.57 -15.17 -22.62
C GLY A 558 31.41 -14.70 -21.76
N LYS A 559 31.75 -13.95 -20.71
CA LYS A 559 30.74 -13.45 -19.79
C LYS A 559 29.79 -12.49 -20.48
N GLU A 560 30.32 -11.48 -21.14
CA GLU A 560 29.54 -10.54 -21.93
C GLU A 560 30.20 -10.41 -23.30
N VAL A 561 29.38 -10.41 -24.35
CA VAL A 561 29.87 -10.44 -25.72
C VAL A 561 29.00 -9.51 -26.56
N GLN A 562 29.56 -8.99 -27.65
CA GLN A 562 28.86 -8.07 -28.54
C GLN A 562 28.40 -8.84 -29.76
N TRP A 563 27.35 -9.64 -29.60
CA TRP A 563 27.10 -10.66 -30.60
C TRP A 563 26.68 -10.03 -31.92
N LYS A 564 26.95 -10.77 -32.99
CA LYS A 564 26.66 -10.36 -34.35
C LYS A 564 25.46 -11.14 -34.86
N MET A 565 24.62 -10.46 -35.63
CA MET A 565 23.37 -11.00 -36.12
C MET A 565 23.47 -11.31 -37.61
N TYR A 566 22.78 -12.36 -38.03
CA TYR A 566 22.75 -12.78 -39.43
C TYR A 566 21.38 -13.36 -39.72
N GLU A 567 20.93 -13.23 -40.96
CA GLU A 567 19.59 -13.62 -41.36
C GLU A 567 19.67 -14.63 -42.49
N VAL A 568 18.82 -15.66 -42.43
CA VAL A 568 18.66 -16.59 -43.53
C VAL A 568 17.22 -16.55 -43.99
N TYR A 569 17.01 -16.41 -45.29
CA TYR A 569 15.69 -16.18 -45.87
C TYR A 569 15.22 -17.33 -46.75
N ASP A 570 15.56 -18.56 -46.42
CA ASP A 570 15.16 -19.72 -47.19
C ASP A 570 14.67 -20.82 -46.27
N ALA A 571 13.55 -21.43 -46.63
CA ALA A 571 13.00 -22.52 -45.82
C ALA A 571 13.79 -23.81 -46.02
N LYS A 572 14.27 -24.06 -47.25
CA LYS A 572 14.96 -25.30 -47.53
C LYS A 572 16.46 -25.23 -47.27
N SER A 573 16.97 -24.10 -46.79
CA SER A 573 18.33 -24.03 -46.28
C SER A 573 18.31 -24.24 -44.77
N LYS A 574 19.12 -25.18 -44.30
CA LYS A 574 19.11 -25.54 -42.90
C LYS A 574 20.50 -25.62 -42.27
N SER A 575 21.55 -25.27 -43.00
CA SER A 575 22.90 -25.17 -42.45
C SER A 575 23.63 -24.07 -43.19
N VAL A 576 24.45 -23.32 -42.46
CA VAL A 576 25.10 -22.14 -43.02
C VAL A 576 26.57 -22.13 -42.60
N SER A 577 27.38 -21.41 -43.38
CA SER A 577 28.81 -21.26 -43.13
C SER A 577 29.17 -19.77 -43.17
N LEU A 578 29.90 -19.32 -42.17
CA LEU A 578 30.26 -17.92 -42.01
C LEU A 578 31.73 -17.78 -41.67
N PRO A 579 32.33 -16.63 -41.95
CA PRO A 579 33.72 -16.39 -41.56
C PRO A 579 33.86 -15.72 -40.20
N VAL A 580 34.93 -16.09 -39.50
CA VAL A 580 35.26 -15.47 -38.22
C VAL A 580 36.71 -15.02 -38.24
N PRO A 581 37.03 -13.98 -37.46
CA PRO A 581 38.40 -13.44 -37.49
C PRO A 581 39.44 -14.41 -36.98
N ASP A 582 39.23 -14.95 -35.77
CA ASP A 582 40.17 -15.90 -35.21
C ASP A 582 39.95 -17.28 -35.81
N LEU A 583 40.59 -18.29 -35.24
CA LEU A 583 40.42 -19.64 -35.72
C LEU A 583 39.75 -20.55 -34.71
N CYS A 584 40.31 -20.68 -33.51
CA CYS A 584 39.76 -21.61 -32.52
C CYS A 584 39.73 -20.97 -31.14
N ALA A 585 39.26 -19.73 -31.06
CA ALA A 585 38.76 -19.17 -29.82
C ALA A 585 37.29 -19.55 -29.72
N VAL A 586 36.90 -20.10 -28.57
CA VAL A 586 35.58 -20.70 -28.45
C VAL A 586 34.47 -19.69 -28.72
N TYR A 587 33.36 -20.17 -29.28
CA TYR A 587 32.29 -19.32 -29.76
C TYR A 587 30.95 -19.80 -29.20
N ALA A 588 29.95 -18.93 -29.28
CA ALA A 588 28.59 -19.25 -28.89
C ALA A 588 27.63 -18.85 -30.01
N VAL A 589 26.58 -19.66 -30.20
CA VAL A 589 25.60 -19.42 -31.25
C VAL A 589 24.21 -19.64 -30.67
N GLN A 590 23.24 -18.82 -31.10
CA GLN A 590 21.84 -19.06 -30.77
C GLN A 590 20.98 -18.72 -31.98
N VAL A 591 19.80 -19.34 -32.05
CA VAL A 591 18.94 -19.27 -33.22
C VAL A 591 17.50 -18.97 -32.82
N ARG A 592 16.82 -18.18 -33.66
CA ARG A 592 15.39 -17.92 -33.54
C ARG A 592 14.71 -18.17 -34.88
N CYS A 593 13.42 -18.46 -34.81
CA CYS A 593 12.60 -18.74 -35.98
C CYS A 593 11.38 -17.83 -35.99
N LYS A 594 10.94 -17.50 -37.20
CA LYS A 594 9.74 -16.67 -37.39
C LYS A 594 9.08 -17.09 -38.70
N ARG A 595 7.80 -16.77 -38.84
CA ARG A 595 7.15 -17.01 -40.13
C ARG A 595 7.64 -16.00 -41.15
N LEU A 596 7.66 -16.43 -42.42
CA LEU A 596 8.32 -15.66 -43.47
C LEU A 596 7.54 -14.41 -43.85
N ASP A 597 6.23 -14.51 -43.95
CA ASP A 597 5.43 -13.42 -44.50
C ASP A 597 5.26 -12.25 -43.54
N GLY A 598 5.89 -12.26 -42.37
CA GLY A 598 5.75 -11.19 -41.40
C GLY A 598 4.67 -11.42 -40.36
N LEU A 599 3.81 -12.41 -40.55
CA LEU A 599 2.81 -12.74 -39.56
C LEU A 599 3.44 -13.51 -38.41
N GLY A 600 2.71 -13.62 -37.32
CA GLY A 600 3.19 -14.36 -36.18
C GLY A 600 4.18 -13.57 -35.35
N TYR A 601 4.65 -14.20 -34.28
CA TYR A 601 5.58 -13.59 -33.35
C TYR A 601 6.88 -14.37 -33.35
N TRP A 602 7.94 -13.72 -32.85
CA TRP A 602 9.25 -14.35 -32.77
C TRP A 602 9.25 -15.47 -31.74
N SER A 603 10.21 -16.38 -31.90
CA SER A 603 10.36 -17.51 -30.99
C SER A 603 11.36 -17.17 -29.89
N ASN A 604 11.53 -18.12 -28.97
CA ASN A 604 12.53 -17.97 -27.92
C ASN A 604 13.93 -18.21 -28.49
N TRP A 605 14.93 -17.86 -27.68
CA TRP A 605 16.29 -18.16 -28.05
C TRP A 605 16.62 -19.59 -27.67
N SER A 606 17.29 -20.31 -28.58
CA SER A 606 17.62 -21.69 -28.35
C SER A 606 18.62 -21.82 -27.20
N ASN A 607 18.83 -23.06 -26.77
CA ASN A 607 19.87 -23.33 -25.79
C ASN A 607 21.23 -23.15 -26.46
N PRO A 608 22.11 -22.30 -25.95
CA PRO A 608 23.38 -22.05 -26.63
C PRO A 608 24.20 -23.33 -26.75
N ALA A 609 24.85 -23.48 -27.91
CA ALA A 609 25.67 -24.64 -28.21
C ALA A 609 27.09 -24.18 -28.50
N TYR A 610 27.98 -24.34 -27.54
CA TYR A 610 29.36 -23.92 -27.69
C TYR A 610 30.13 -24.93 -28.51
N THR A 611 31.24 -24.47 -29.09
CA THR A 611 32.12 -25.29 -29.89
C THR A 611 33.22 -25.89 -29.03
N VAL A 612 34.10 -26.65 -29.66
CA VAL A 612 35.23 -27.27 -29.00
C VAL A 612 36.50 -26.86 -29.73
N VAL A 613 37.57 -26.65 -28.97
CA VAL A 613 38.84 -26.25 -29.56
C VAL A 613 39.57 -27.46 -30.10
N MET A 614 40.06 -27.35 -31.33
CA MET A 614 40.78 -28.42 -32.00
C MET A 614 41.43 -27.84 -33.24
N ASP A 615 42.62 -28.34 -33.56
CA ASP A 615 43.42 -27.75 -34.62
C ASP A 615 42.76 -27.99 -35.98
N ILE A 616 43.10 -27.14 -36.95
CA ILE A 616 42.41 -27.10 -38.23
C ILE A 616 43.30 -27.56 -39.38
N LYS A 617 44.44 -26.90 -39.58
CA LYS A 617 45.33 -27.25 -40.69
C LYS A 617 46.78 -26.98 -40.30
N VAL A 618 47.66 -27.16 -41.29
CA VAL A 618 49.11 -27.09 -41.09
C VAL A 618 49.53 -25.67 -40.77
N PRO A 619 50.59 -25.47 -39.97
CA PRO A 619 51.07 -24.11 -39.71
C PRO A 619 51.64 -23.47 -40.97
N MET A 620 51.48 -22.15 -41.07
CA MET A 620 52.04 -21.47 -42.23
C MET A 620 53.54 -21.28 -42.09
N ARG A 621 54.02 -21.08 -40.87
CA ARG A 621 55.39 -20.63 -40.65
C ARG A 621 56.01 -21.42 -39.50
N GLY A 622 57.22 -21.89 -39.70
CA GLY A 622 57.94 -22.59 -38.67
C GLY A 622 58.51 -21.65 -37.63
N PRO A 623 59.57 -22.06 -36.95
CA PRO A 623 60.20 -21.20 -35.95
C PRO A 623 61.36 -20.40 -36.53
N GLU A 624 61.66 -19.29 -35.85
CA GLU A 624 62.88 -18.52 -36.09
C GLU A 624 63.94 -19.10 -35.18
N PHE A 625 64.80 -19.94 -35.74
CA PHE A 625 65.72 -20.73 -34.93
C PHE A 625 67.14 -20.22 -35.06
N TRP A 626 67.85 -20.22 -33.93
CA TRP A 626 69.17 -19.63 -33.83
C TRP A 626 70.15 -20.67 -33.30
N ARG A 627 71.43 -20.50 -33.62
CA ARG A 627 72.48 -21.42 -33.25
C ARG A 627 73.33 -20.83 -32.14
N ILE A 628 73.89 -21.71 -31.31
CA ILE A 628 74.94 -21.33 -30.36
C ILE A 628 75.96 -22.45 -30.33
N ILE A 629 77.20 -22.09 -30.00
CA ILE A 629 78.29 -23.05 -29.90
C ILE A 629 78.86 -23.01 -28.50
N ASN A 630 79.04 -24.19 -27.90
CA ASN A 630 79.65 -24.33 -26.58
C ASN A 630 80.71 -25.43 -26.71
N GLY A 631 81.91 -25.05 -27.15
CA GLY A 631 82.97 -26.01 -27.34
C GLY A 631 84.23 -25.32 -27.80
N ASP A 632 85.31 -26.09 -27.84
CA ASP A 632 86.61 -25.56 -28.21
C ASP A 632 86.67 -25.27 -29.71
N THR A 633 87.38 -24.19 -30.05
CA THR A 633 87.49 -23.79 -31.45
C THR A 633 88.38 -24.76 -32.24
N MET A 634 89.37 -25.35 -31.58
CA MET A 634 90.31 -26.22 -32.27
C MET A 634 89.64 -27.49 -32.81
N LYS A 635 88.50 -27.88 -32.23
CA LYS A 635 87.84 -29.11 -32.66
C LYS A 635 87.28 -28.97 -34.07
N LYS A 636 87.46 -30.01 -34.89
CA LYS A 636 86.78 -30.06 -36.17
C LYS A 636 85.33 -30.49 -36.01
N GLU A 637 84.99 -31.09 -34.88
CA GLU A 637 83.63 -31.47 -34.55
C GLU A 637 83.07 -30.47 -33.54
N LYS A 638 81.97 -29.82 -33.89
CA LYS A 638 81.38 -28.76 -33.08
C LYS A 638 80.04 -29.20 -32.52
N ASN A 639 79.87 -29.07 -31.21
CA ASN A 639 78.58 -29.34 -30.59
C ASN A 639 77.70 -28.09 -30.65
N VAL A 640 76.84 -28.03 -31.66
CA VAL A 640 76.01 -26.85 -31.94
C VAL A 640 74.64 -27.09 -31.31
N THR A 641 74.17 -26.10 -30.56
CA THR A 641 72.87 -26.15 -29.92
C THR A 641 71.92 -25.16 -30.61
N LEU A 642 70.84 -25.69 -31.15
CA LEU A 642 69.78 -24.90 -31.76
C LEU A 642 68.76 -24.52 -30.70
N LEU A 643 68.35 -23.26 -30.69
CA LEU A 643 67.38 -22.74 -29.76
C LEU A 643 66.37 -21.87 -30.50
N TRP A 644 65.12 -21.92 -30.05
CA TRP A 644 64.05 -21.16 -30.68
C TRP A 644 62.95 -20.93 -29.67
N LYS A 645 62.14 -19.89 -29.91
CA LYS A 645 61.02 -19.61 -29.04
C LYS A 645 59.91 -20.63 -29.29
N PRO A 646 59.09 -20.95 -28.29
CA PRO A 646 57.84 -21.66 -28.56
C PRO A 646 56.93 -20.82 -29.45
N LEU A 647 56.26 -21.48 -30.38
CA LEU A 647 55.42 -20.78 -31.33
C LEU A 647 54.18 -20.22 -30.64
N MET A 648 53.63 -19.16 -31.21
CA MET A 648 52.46 -18.52 -30.63
C MET A 648 51.20 -18.97 -31.38
N LYS A 649 50.04 -18.70 -30.78
CA LYS A 649 48.81 -19.40 -31.11
C LYS A 649 48.49 -19.34 -32.60
N ASN A 650 48.26 -18.14 -33.14
CA ASN A 650 47.75 -18.05 -34.50
C ASN A 650 48.72 -18.66 -35.50
N ASP A 651 50.03 -18.59 -35.20
CA ASP A 651 51.00 -19.30 -36.03
C ASP A 651 50.77 -20.80 -35.97
N SER A 652 50.52 -21.34 -34.77
CA SER A 652 50.18 -22.75 -34.64
C SER A 652 48.74 -23.03 -35.02
N LEU A 653 47.95 -21.98 -35.24
CA LEU A 653 46.54 -21.99 -35.60
C LEU A 653 45.65 -22.45 -34.46
N CYS A 654 46.25 -22.98 -33.38
CA CYS A 654 45.63 -23.53 -32.18
C CYS A 654 46.71 -24.13 -31.31
N SER A 655 47.39 -25.14 -31.83
CA SER A 655 48.39 -25.87 -31.08
C SER A 655 49.20 -26.72 -32.05
N VAL A 656 50.51 -26.76 -31.82
CA VAL A 656 51.39 -27.69 -32.52
C VAL A 656 52.09 -28.51 -31.45
N GLN A 657 51.87 -29.81 -31.46
CA GLN A 657 52.32 -30.62 -30.33
C GLN A 657 53.74 -31.12 -30.52
N ARG A 658 54.28 -31.05 -31.74
CA ARG A 658 55.61 -31.61 -31.90
C ARG A 658 56.42 -30.76 -32.87
N TYR A 659 57.74 -30.76 -32.64
CA TYR A 659 58.70 -30.14 -33.54
C TYR A 659 59.68 -31.20 -34.03
N VAL A 660 60.43 -30.87 -35.08
CA VAL A 660 61.37 -31.81 -35.68
C VAL A 660 62.50 -31.02 -36.31
N ILE A 661 63.67 -31.64 -36.42
CA ILE A 661 64.83 -31.07 -37.09
C ILE A 661 65.13 -31.92 -38.32
N ASN A 662 65.52 -31.27 -39.41
CA ASN A 662 65.92 -31.96 -40.63
C ASN A 662 67.23 -31.36 -41.12
N HIS A 663 68.00 -32.18 -41.81
CA HIS A 663 69.39 -31.88 -42.13
C HIS A 663 69.65 -32.09 -43.62
N HIS A 664 70.71 -31.47 -44.12
CA HIS A 664 71.10 -31.65 -45.51
C HIS A 664 72.59 -31.41 -45.64
N THR A 665 73.36 -32.48 -45.85
CA THR A 665 74.79 -32.38 -46.09
C THR A 665 75.04 -32.07 -47.55
N SER A 666 76.32 -31.89 -47.90
CA SER A 666 76.68 -31.80 -49.31
C SER A 666 76.41 -33.12 -50.03
N CYS A 667 76.47 -34.23 -49.31
CA CYS A 667 76.12 -35.54 -49.82
C CYS A 667 74.63 -35.85 -49.70
N ASN A 668 73.79 -34.82 -49.55
CA ASN A 668 72.35 -34.96 -49.44
C ASN A 668 71.95 -35.79 -48.22
N GLY A 669 72.74 -35.74 -47.16
CA GLY A 669 72.41 -36.45 -45.94
C GLY A 669 71.24 -35.82 -45.22
N THR A 670 70.08 -36.46 -45.27
CA THR A 670 68.85 -35.94 -44.69
C THR A 670 68.25 -36.95 -43.73
N TRP A 671 67.78 -36.46 -42.59
CA TRP A 671 67.14 -37.32 -41.61
C TRP A 671 66.25 -36.47 -40.70
N SER A 672 65.37 -37.16 -39.99
CA SER A 672 64.36 -36.54 -39.13
C SER A 672 64.40 -37.19 -37.76
N GLU A 673 64.23 -36.39 -36.71
CA GLU A 673 64.21 -36.90 -35.35
C GLU A 673 63.37 -36.00 -34.47
N ASP A 674 62.67 -36.62 -33.51
CA ASP A 674 61.73 -35.94 -32.64
C ASP A 674 62.46 -35.18 -31.54
N VAL A 675 61.84 -34.10 -31.07
CA VAL A 675 62.35 -33.32 -29.96
C VAL A 675 61.32 -33.18 -28.84
N GLY A 676 60.04 -33.49 -29.09
CA GLY A 676 59.05 -33.36 -28.04
C GLY A 676 58.68 -31.92 -27.79
N ASN A 677 58.15 -31.66 -26.60
CA ASN A 677 57.80 -30.29 -26.21
C ASN A 677 59.00 -29.51 -25.69
N HIS A 678 60.21 -29.97 -26.00
CA HIS A 678 61.43 -29.27 -25.63
C HIS A 678 61.83 -28.32 -26.75
N THR A 679 61.94 -27.05 -26.43
CA THR A 679 62.19 -26.01 -27.42
C THR A 679 63.68 -25.77 -27.66
N LYS A 680 64.54 -26.61 -27.12
CA LYS A 680 65.99 -26.51 -27.31
C LYS A 680 66.51 -27.88 -27.70
N PHE A 681 67.32 -27.93 -28.75
CA PHE A 681 67.94 -29.17 -29.17
C PHE A 681 69.41 -28.92 -29.44
N THR A 682 70.21 -29.99 -29.50
CA THR A 682 71.61 -29.86 -29.85
C THR A 682 72.06 -31.08 -30.62
N PHE A 683 73.03 -30.86 -31.50
CA PHE A 683 73.64 -31.93 -32.27
C PHE A 683 75.07 -31.53 -32.55
N LEU A 684 75.71 -32.22 -33.49
CA LEU A 684 77.12 -32.01 -33.78
C LEU A 684 77.32 -31.86 -35.28
N TRP A 685 78.37 -31.11 -35.65
CA TRP A 685 78.66 -30.78 -37.03
C TRP A 685 80.15 -30.91 -37.28
N THR A 686 80.52 -31.69 -38.28
CA THR A 686 81.92 -31.93 -38.65
C THR A 686 82.17 -31.76 -40.14
N GLU A 687 81.18 -31.97 -40.99
CA GLU A 687 81.33 -31.86 -42.43
C GLU A 687 81.31 -30.40 -42.84
N GLN A 688 81.88 -30.11 -44.02
CA GLN A 688 82.16 -28.74 -44.41
C GLN A 688 80.89 -27.91 -44.55
N ALA A 689 79.94 -28.38 -45.35
CA ALA A 689 78.77 -27.58 -45.73
C ALA A 689 77.51 -28.36 -45.40
N HIS A 690 76.78 -27.89 -44.38
CA HIS A 690 75.59 -28.59 -43.91
C HIS A 690 74.51 -27.59 -43.57
N THR A 691 73.33 -27.76 -44.17
CA THR A 691 72.18 -26.91 -43.91
C THR A 691 71.24 -27.62 -42.94
N VAL A 692 70.56 -26.84 -42.11
CA VAL A 692 69.57 -27.38 -41.17
C VAL A 692 68.28 -26.60 -41.32
N THR A 693 67.18 -27.32 -41.06
CA THR A 693 65.82 -26.83 -41.24
C THR A 693 65.05 -27.27 -39.99
N VAL A 694 64.24 -26.39 -39.44
CA VAL A 694 63.40 -26.78 -38.30
C VAL A 694 61.94 -26.74 -38.71
N LEU A 695 61.24 -27.85 -38.50
CA LEU A 695 59.85 -27.97 -38.91
C LEU A 695 58.96 -28.22 -37.69
N ALA A 696 57.67 -27.99 -37.87
CA ALA A 696 56.67 -28.27 -36.86
C ALA A 696 55.67 -29.30 -37.39
N ILE A 697 55.45 -30.36 -36.61
CA ILE A 697 54.46 -31.38 -36.93
C ILE A 697 53.36 -31.34 -35.87
N ASN A 698 52.12 -31.25 -36.33
CA ASN A 698 50.93 -31.23 -35.50
C ASN A 698 49.93 -32.25 -36.05
N SER A 699 48.70 -32.18 -35.54
CA SER A 699 47.73 -33.23 -35.81
C SER A 699 47.45 -33.39 -37.30
N ILE A 700 47.47 -32.29 -38.05
CA ILE A 700 47.07 -32.35 -39.45
C ILE A 700 48.24 -32.75 -40.34
N GLY A 701 49.35 -32.02 -40.28
CA GLY A 701 50.47 -32.33 -41.14
C GLY A 701 51.62 -31.37 -40.90
N ALA A 702 52.70 -31.62 -41.62
CA ALA A 702 53.93 -30.86 -41.45
C ALA A 702 53.77 -29.44 -41.99
N SER A 703 54.59 -28.55 -41.45
CA SER A 703 54.57 -27.17 -41.91
C SER A 703 55.10 -27.07 -43.34
N VAL A 704 54.80 -25.95 -43.98
CA VAL A 704 55.16 -25.73 -45.38
C VAL A 704 56.26 -24.69 -45.53
N ALA A 705 56.03 -23.47 -45.06
CA ALA A 705 56.99 -22.38 -45.18
C ALA A 705 57.79 -22.29 -43.90
N ASN A 706 59.08 -22.60 -43.98
CA ASN A 706 59.96 -22.62 -42.82
C ASN A 706 61.31 -22.04 -43.20
N PHE A 707 62.04 -21.61 -42.19
CA PHE A 707 63.33 -20.94 -42.38
C PHE A 707 64.45 -21.97 -42.44
N ASN A 708 65.64 -21.49 -42.77
CA ASN A 708 66.77 -22.36 -43.06
C ASN A 708 68.04 -21.71 -42.56
N LEU A 709 69.06 -22.52 -42.24
CA LEU A 709 70.38 -21.91 -42.03
C LEU A 709 71.47 -22.95 -42.19
N THR A 710 72.62 -22.52 -42.69
CA THR A 710 73.72 -23.41 -43.06
C THR A 710 74.96 -23.07 -42.27
N PHE A 711 75.71 -24.10 -41.87
CA PHE A 711 77.02 -23.92 -41.25
C PHE A 711 78.12 -24.23 -42.25
N SER A 712 79.18 -23.43 -42.22
CA SER A 712 80.33 -23.65 -43.10
C SER A 712 81.54 -22.92 -42.54
N TRP A 713 82.56 -23.66 -42.13
CA TRP A 713 83.82 -23.04 -41.75
C TRP A 713 84.48 -22.28 -42.89
N PRO A 714 84.59 -22.81 -44.12
CA PRO A 714 85.36 -22.10 -45.15
C PRO A 714 84.89 -20.68 -45.41
N MET A 715 83.58 -20.43 -45.35
CA MET A 715 83.09 -19.07 -45.52
C MET A 715 82.93 -18.33 -44.21
N SER A 716 83.23 -18.98 -43.07
CA SER A 716 83.15 -18.30 -41.78
C SER A 716 84.27 -17.27 -41.62
N LYS A 717 85.24 -17.25 -42.53
CA LYS A 717 86.37 -16.33 -42.46
C LYS A 717 86.10 -15.01 -43.19
N VAL A 718 84.84 -14.60 -43.31
CA VAL A 718 84.48 -13.38 -44.03
C VAL A 718 83.86 -12.40 -43.05
N ASN A 719 84.33 -11.15 -43.06
CA ASN A 719 83.76 -10.08 -42.26
C ASN A 719 83.47 -8.89 -43.15
N ILE A 720 82.35 -8.22 -42.90
CA ILE A 720 81.95 -7.05 -43.67
C ILE A 720 81.55 -5.88 -42.80
N VAL A 721 81.34 -6.09 -41.50
CA VAL A 721 80.94 -5.03 -40.58
C VAL A 721 82.18 -4.39 -40.00
N GLN A 722 82.32 -3.08 -40.17
CA GLN A 722 83.50 -2.35 -39.74
C GLN A 722 83.39 -1.80 -38.33
N SER A 723 82.24 -1.25 -37.94
CA SER A 723 82.12 -0.64 -36.63
C SER A 723 80.70 -0.77 -36.13
N LEU A 724 80.57 -0.89 -34.81
CA LEU A 724 79.28 -0.98 -34.14
C LEU A 724 79.28 -0.03 -32.96
N SER A 725 78.13 0.62 -32.73
CA SER A 725 77.96 1.55 -31.63
C SER A 725 76.65 1.24 -30.92
N ALA A 726 76.68 1.25 -29.60
CA ALA A 726 75.50 1.05 -28.78
C ALA A 726 75.49 2.10 -27.68
N TYR A 727 74.30 2.59 -27.35
CA TYR A 727 74.21 3.64 -26.34
C TYR A 727 72.85 3.60 -25.66
N PRO A 728 72.81 3.63 -24.34
CA PRO A 728 71.51 3.62 -23.65
C PRO A 728 70.84 4.99 -23.68
N LEU A 729 69.72 5.09 -24.39
CA LEU A 729 68.93 6.32 -24.34
C LEU A 729 68.41 6.56 -22.93
N ASN A 730 67.88 5.52 -22.30
CA ASN A 730 67.43 5.56 -20.92
C ASN A 730 67.40 4.13 -20.40
N SER A 731 66.74 3.93 -19.26
CA SER A 731 66.63 2.60 -18.68
C SER A 731 65.81 1.64 -19.54
N SER A 732 65.08 2.13 -20.54
CA SER A 732 64.24 1.29 -21.36
C SER A 732 64.46 1.45 -22.86
N CYS A 733 65.51 2.13 -23.29
CA CYS A 733 65.78 2.33 -24.71
C CYS A 733 67.28 2.36 -24.95
N VAL A 734 67.73 1.60 -25.96
CA VAL A 734 69.13 1.56 -26.36
C VAL A 734 69.19 1.66 -27.88
N ILE A 735 70.13 2.47 -28.37
CA ILE A 735 70.29 2.69 -29.80
C ILE A 735 71.53 1.95 -30.28
N VAL A 736 71.39 1.24 -31.40
CA VAL A 736 72.50 0.50 -32.01
C VAL A 736 72.63 0.94 -33.45
N SER A 737 73.86 1.31 -33.84
CA SER A 737 74.16 1.73 -35.20
C SER A 737 75.43 1.01 -35.66
N TRP A 738 75.61 0.93 -36.97
CA TRP A 738 76.74 0.19 -37.49
C TRP A 738 77.17 0.77 -38.83
N ILE A 739 78.47 0.68 -39.10
CA ILE A 739 79.07 1.04 -40.38
C ILE A 739 79.73 -0.21 -40.95
N LEU A 740 79.38 -0.55 -42.18
CA LEU A 740 79.75 -1.82 -42.78
C LEU A 740 80.58 -1.60 -44.03
N SER A 741 80.99 -2.70 -44.65
CA SER A 741 81.73 -2.70 -45.90
C SER A 741 81.06 -3.64 -46.88
N PRO A 742 81.18 -3.39 -48.18
CA PRO A 742 80.59 -4.29 -49.18
C PRO A 742 81.37 -5.58 -49.33
N SER A 743 80.75 -6.53 -50.01
CA SER A 743 81.35 -7.82 -50.29
C SER A 743 80.83 -8.32 -51.64
N ASP A 744 81.04 -9.61 -51.91
CA ASP A 744 80.62 -10.22 -53.16
C ASP A 744 79.31 -10.98 -53.04
N TYR A 745 79.08 -11.66 -51.91
CA TYR A 745 77.87 -12.45 -51.75
C TYR A 745 76.67 -11.55 -51.46
N LYS A 746 75.49 -12.16 -51.52
CA LYS A 746 74.23 -11.45 -51.31
C LYS A 746 73.83 -11.56 -49.84
N LEU A 747 73.86 -10.42 -49.15
CA LEU A 747 73.47 -10.35 -47.75
C LEU A 747 71.98 -10.05 -47.61
N MET A 748 71.32 -10.75 -46.71
CA MET A 748 69.89 -10.54 -46.57
C MET A 748 69.44 -10.24 -45.14
N TYR A 749 70.09 -10.82 -44.13
CA TYR A 749 69.69 -10.51 -42.76
C TYR A 749 70.91 -10.59 -41.85
N PHE A 750 70.88 -9.75 -40.81
CA PHE A 750 71.86 -9.74 -39.74
C PHE A 750 71.31 -10.51 -38.55
N ILE A 751 72.08 -10.54 -37.46
CA ILE A 751 71.57 -10.96 -36.17
C ILE A 751 72.48 -10.37 -35.10
N ILE A 752 71.88 -9.86 -34.03
CA ILE A 752 72.59 -9.26 -32.92
C ILE A 752 72.29 -10.05 -31.67
N GLU A 753 73.35 -10.49 -30.98
CA GLU A 753 73.24 -11.26 -29.76
C GLU A 753 73.80 -10.45 -28.60
N TRP A 754 73.00 -10.29 -27.55
CA TRP A 754 73.42 -9.57 -26.37
C TRP A 754 73.10 -10.39 -25.13
N LYS A 755 73.92 -10.20 -24.09
CA LYS A 755 73.68 -10.83 -22.80
C LYS A 755 74.38 -10.01 -21.73
N ASN A 756 73.87 -10.12 -20.50
CA ASN A 756 74.47 -9.42 -19.38
C ASN A 756 75.85 -9.98 -19.09
N LEU A 757 76.77 -9.09 -18.72
CA LEU A 757 78.13 -9.48 -18.39
C LEU A 757 78.41 -9.56 -16.90
N ASN A 758 77.71 -8.78 -16.08
CA ASN A 758 77.82 -8.93 -14.64
C ASN A 758 77.31 -10.30 -14.18
N GLU A 759 76.20 -10.75 -14.75
CA GLU A 759 75.63 -12.05 -14.46
C GLU A 759 75.42 -12.80 -15.77
N ASP A 760 75.57 -14.13 -15.71
CA ASP A 760 75.45 -14.98 -16.89
C ASP A 760 73.97 -15.20 -17.20
N GLY A 761 73.35 -14.18 -17.78
CA GLY A 761 71.96 -14.27 -18.18
C GLY A 761 71.78 -14.98 -19.50
N GLU A 762 70.52 -15.20 -19.84
CA GLU A 762 70.19 -15.90 -21.08
C GLU A 762 70.55 -15.02 -22.29
N ILE A 763 71.08 -15.66 -23.33
CA ILE A 763 71.42 -14.96 -24.55
C ILE A 763 70.16 -14.49 -25.26
N LYS A 764 70.13 -13.21 -25.65
CA LYS A 764 68.96 -12.61 -26.27
C LYS A 764 69.32 -12.10 -27.66
N TRP A 765 68.42 -12.33 -28.62
CA TRP A 765 68.63 -11.92 -30.00
C TRP A 765 67.29 -11.60 -30.64
N LEU A 766 67.35 -10.90 -31.76
CA LEU A 766 66.16 -10.61 -32.55
C LEU A 766 66.56 -10.27 -33.97
N ARG A 767 65.67 -10.55 -34.91
CA ARG A 767 65.99 -10.42 -36.33
C ARG A 767 66.15 -8.96 -36.73
N ILE A 768 67.15 -8.71 -37.57
CA ILE A 768 67.35 -7.41 -38.20
C ILE A 768 67.57 -7.61 -39.70
N SER A 769 66.83 -6.84 -40.49
CA SER A 769 67.03 -6.85 -41.93
C SER A 769 68.28 -6.08 -42.30
N SER A 770 68.92 -6.50 -43.40
CA SER A 770 70.14 -5.84 -43.84
C SER A 770 69.90 -4.42 -44.32
N SER A 771 68.66 -4.07 -44.66
CA SER A 771 68.38 -2.76 -45.24
C SER A 771 68.65 -1.62 -44.23
N VAL A 772 68.21 -1.79 -42.99
CA VAL A 772 68.31 -0.70 -42.02
C VAL A 772 69.72 -0.63 -41.44
N LYS A 773 70.11 0.56 -40.99
CA LYS A 773 71.41 0.77 -40.38
C LYS A 773 71.34 1.16 -38.90
N LYS A 774 70.15 1.33 -38.34
CA LYS A 774 69.98 1.78 -36.97
C LYS A 774 68.81 1.02 -36.35
N TYR A 775 68.88 0.82 -35.03
CA TYR A 775 67.83 0.04 -34.38
C TYR A 775 67.67 0.48 -32.93
N TYR A 776 66.45 0.31 -32.43
CA TYR A 776 66.08 0.67 -31.06
C TYR A 776 65.72 -0.59 -30.29
N ILE A 777 66.21 -0.69 -29.06
CA ILE A 777 65.99 -1.85 -28.21
C ILE A 777 65.26 -1.38 -26.97
N HIS A 778 64.14 -2.04 -26.65
CA HIS A 778 63.24 -1.61 -25.58
C HIS A 778 63.01 -2.77 -24.62
N ASP A 779 63.70 -2.76 -23.49
CA ASP A 779 63.50 -3.72 -22.41
C ASP A 779 64.17 -3.16 -21.16
N HIS A 780 64.11 -3.94 -20.08
CA HIS A 780 64.70 -3.51 -18.83
C HIS A 780 66.20 -3.34 -18.96
N PHE A 781 66.72 -2.25 -18.40
CA PHE A 781 68.13 -1.94 -18.47
C PHE A 781 68.50 -0.99 -17.34
N ILE A 782 69.70 -1.17 -16.80
CA ILE A 782 70.29 -0.26 -15.84
C ILE A 782 71.72 0.03 -16.30
N PRO A 783 72.12 1.30 -16.44
CA PRO A 783 73.45 1.59 -17.00
C PRO A 783 74.60 1.10 -16.14
N ILE A 784 74.37 0.80 -14.86
CA ILE A 784 75.47 0.45 -13.97
C ILE A 784 76.12 -0.86 -14.38
N GLU A 785 75.31 -1.88 -14.67
CA GLU A 785 75.88 -3.17 -15.05
C GLU A 785 76.29 -3.18 -16.50
N LYS A 786 77.02 -4.21 -16.89
CA LYS A 786 77.76 -4.24 -18.15
C LYS A 786 77.12 -5.26 -19.08
N TYR A 787 76.96 -4.89 -20.35
CA TYR A 787 76.39 -5.77 -21.37
C TYR A 787 77.31 -5.81 -22.58
N GLN A 788 77.21 -6.90 -23.35
CA GLN A 788 77.93 -7.02 -24.61
C GLN A 788 76.95 -7.14 -25.78
N PHE A 789 77.50 -7.05 -26.98
CA PHE A 789 76.73 -7.20 -28.21
C PHE A 789 77.57 -7.91 -29.25
N SER A 790 76.92 -8.63 -30.15
CA SER A 790 77.62 -9.35 -31.20
C SER A 790 76.73 -9.41 -32.45
N LEU A 791 77.06 -8.60 -33.44
CA LEU A 791 76.29 -8.52 -34.68
C LEU A 791 76.88 -9.49 -35.69
N TYR A 792 76.03 -10.30 -36.30
CA TYR A 792 76.56 -11.25 -37.26
C TYR A 792 76.00 -11.00 -38.64
N PRO A 793 76.84 -10.96 -39.66
CA PRO A 793 76.34 -10.98 -41.04
C PRO A 793 76.15 -12.41 -41.54
N ILE A 794 74.97 -12.66 -42.10
CA ILE A 794 74.61 -13.98 -42.62
C ILE A 794 74.33 -13.85 -44.10
N PHE A 795 74.91 -14.76 -44.90
CA PHE A 795 74.69 -14.82 -46.33
C PHE A 795 73.83 -16.02 -46.67
N MET A 796 73.67 -16.28 -47.96
CA MET A 796 72.75 -17.32 -48.41
C MET A 796 73.18 -18.71 -47.99
N GLU A 797 74.44 -18.90 -47.57
CA GLU A 797 74.94 -20.22 -47.27
C GLU A 797 75.74 -20.31 -45.97
N GLY A 798 75.65 -19.32 -45.09
CA GLY A 798 76.29 -19.44 -43.80
C GLY A 798 76.49 -18.08 -43.16
N VAL A 799 77.33 -18.07 -42.13
CA VAL A 799 77.70 -16.86 -41.42
C VAL A 799 79.22 -16.75 -41.40
N GLY A 800 79.74 -15.57 -41.73
CA GLY A 800 81.16 -15.30 -41.73
C GLY A 800 81.66 -14.84 -40.39
N LYS A 801 82.77 -14.11 -40.41
CA LYS A 801 83.29 -13.55 -39.18
C LYS A 801 82.30 -12.54 -38.60
N PRO A 802 82.07 -12.57 -37.30
CA PRO A 802 81.14 -11.63 -36.68
C PRO A 802 81.80 -10.32 -36.28
N LYS A 803 81.02 -9.43 -35.66
CA LYS A 803 81.53 -8.23 -35.04
C LYS A 803 81.13 -8.22 -33.58
N ILE A 804 82.10 -8.21 -32.68
CA ILE A 804 81.88 -8.36 -31.26
C ILE A 804 82.28 -7.07 -30.55
N ILE A 805 81.38 -6.55 -29.71
CA ILE A 805 81.65 -5.37 -28.89
C ILE A 805 81.27 -5.72 -27.46
N ASN A 806 82.07 -5.23 -26.52
CA ASN A 806 81.87 -5.56 -25.12
C ASN A 806 81.24 -4.44 -24.29
N SER A 807 80.94 -3.28 -24.88
CA SER A 807 80.46 -2.16 -24.10
C SER A 807 79.64 -1.24 -24.97
N PHE A 808 78.86 -0.38 -24.31
CA PHE A 808 78.13 0.68 -25.02
C PHE A 808 79.10 1.73 -25.53
N THR A 809 78.80 2.25 -26.72
CA THR A 809 79.62 3.29 -27.33
C THR A 809 78.94 4.65 -27.24
N ASN B 3 -46.29 -10.91 76.71
CA ASN B 3 -46.90 -12.04 77.41
C ASN B 3 -46.67 -13.35 76.65
N LEU B 4 -46.62 -14.45 77.40
CA LEU B 4 -46.39 -15.78 76.83
C LEU B 4 -45.10 -15.83 76.01
N SER B 5 -44.07 -15.14 76.51
CA SER B 5 -42.78 -15.10 75.83
C SER B 5 -41.67 -15.08 76.88
N TYR B 6 -40.65 -15.89 76.65
CA TYR B 6 -39.49 -15.97 77.53
C TYR B 6 -38.24 -15.64 76.74
N PRO B 7 -37.45 -14.65 77.16
CA PRO B 7 -36.24 -14.30 76.41
C PRO B 7 -35.23 -15.43 76.41
N ILE B 8 -34.49 -15.53 75.32
CA ILE B 8 -33.46 -16.58 75.15
C ILE B 8 -32.17 -16.03 75.74
N THR B 9 -32.01 -16.21 77.05
CA THR B 9 -30.81 -15.77 77.77
C THR B 9 -30.31 -16.92 78.62
N PRO B 10 -29.18 -17.56 78.25
CA PRO B 10 -28.40 -17.23 77.06
C PRO B 10 -28.85 -18.03 75.83
N TRP B 11 -28.00 -18.04 74.80
CA TRP B 11 -28.34 -18.76 73.57
C TRP B 11 -28.28 -20.27 73.75
N ARG B 12 -27.67 -20.76 74.83
CA ARG B 12 -27.56 -22.19 75.10
C ARG B 12 -28.65 -22.57 76.11
N PHE B 13 -29.54 -23.47 75.70
CA PHE B 13 -30.65 -23.90 76.54
C PHE B 13 -30.93 -25.38 76.30
N LYS B 14 -31.43 -26.04 77.35
CA LYS B 14 -31.73 -27.46 77.32
C LYS B 14 -33.21 -27.67 77.56
N LEU B 15 -33.84 -28.50 76.73
CA LEU B 15 -35.28 -28.76 76.80
C LEU B 15 -35.51 -30.17 77.31
N SER B 16 -36.37 -30.30 78.32
CA SER B 16 -36.73 -31.59 78.88
C SER B 16 -38.26 -31.68 78.95
N CYS B 17 -38.81 -32.77 78.44
CA CYS B 17 -40.25 -32.98 78.37
C CYS B 17 -40.71 -33.85 79.52
N MET B 18 -41.82 -33.47 80.14
CA MET B 18 -42.36 -34.21 81.27
C MET B 18 -43.84 -34.51 81.03
N PRO B 19 -44.34 -35.63 81.54
CA PRO B 19 -45.75 -35.95 81.36
C PRO B 19 -46.61 -34.96 82.11
N PRO B 20 -47.83 -34.68 81.61
CA PRO B 20 -48.75 -33.75 82.27
C PRO B 20 -49.39 -34.36 83.52
N LEU B 62 -52.55 -43.36 71.78
CA LEU B 62 -51.14 -43.00 71.65
C LEU B 62 -50.87 -42.30 70.32
N SER B 63 -51.91 -42.19 69.49
CA SER B 63 -51.75 -41.56 68.19
C SER B 63 -51.65 -40.04 68.28
N LYS B 64 -52.30 -39.43 69.27
CA LYS B 64 -52.33 -37.98 69.43
C LYS B 64 -52.05 -37.60 70.88
N THR B 65 -51.01 -38.20 71.46
CA THR B 65 -50.60 -37.89 72.83
C THR B 65 -49.59 -36.74 72.80
N THR B 66 -49.94 -35.64 73.44
CA THR B 66 -49.10 -34.45 73.48
C THR B 66 -48.43 -34.32 74.83
N PHE B 67 -47.12 -34.09 74.83
CA PHE B 67 -46.34 -33.94 76.04
C PHE B 67 -45.79 -32.52 76.10
N HIS B 68 -45.75 -31.95 77.31
CA HIS B 68 -45.28 -30.59 77.52
C HIS B 68 -43.81 -30.63 77.95
N CYS B 69 -43.03 -29.70 77.41
CA CYS B 69 -41.60 -29.62 77.70
C CYS B 69 -41.26 -28.26 78.28
N CYS B 70 -40.25 -28.24 79.15
CA CYS B 70 -39.81 -27.03 79.83
C CYS B 70 -38.29 -26.95 79.79
N PHE B 71 -37.77 -25.78 80.14
CA PHE B 71 -36.34 -25.54 80.17
C PHE B 71 -35.85 -25.52 81.62
N ARG B 72 -34.87 -26.36 81.91
CA ARG B 72 -34.35 -26.51 83.28
C ARG B 72 -33.21 -25.53 83.48
N SER B 73 -33.57 -24.30 83.81
CA SER B 73 -32.58 -23.27 84.11
C SER B 73 -32.01 -23.48 85.51
N GLU B 74 -30.97 -22.70 85.82
CA GLU B 74 -30.30 -22.84 87.11
C GLU B 74 -31.19 -22.39 88.26
N GLN B 75 -32.03 -21.37 88.04
CA GLN B 75 -32.87 -20.83 89.10
C GLN B 75 -34.33 -20.67 88.72
N ASP B 76 -34.72 -20.95 87.47
CA ASP B 76 -36.09 -20.77 87.02
C ASP B 76 -36.56 -22.00 86.25
N ARG B 77 -37.87 -22.22 86.25
CA ARG B 77 -38.50 -23.29 85.50
C ARG B 77 -39.77 -22.72 84.87
N ASN B 78 -39.65 -22.25 83.63
CA ASN B 78 -40.75 -21.62 82.91
C ASN B 78 -41.42 -22.65 82.01
N CYS B 79 -42.74 -22.75 82.11
CA CYS B 79 -43.54 -23.68 81.31
C CYS B 79 -44.75 -22.93 80.76
N SER B 80 -44.65 -22.48 79.52
CA SER B 80 -45.74 -21.78 78.84
C SER B 80 -46.21 -22.63 77.68
N LEU B 81 -47.52 -22.87 77.61
CA LEU B 81 -48.09 -23.68 76.55
C LEU B 81 -48.02 -22.96 75.21
N CYS B 82 -47.67 -23.69 74.16
CA CYS B 82 -47.65 -23.13 72.82
C CYS B 82 -49.07 -22.96 72.29
N ALA B 83 -49.20 -22.14 71.25
CA ALA B 83 -50.49 -21.86 70.62
C ALA B 83 -50.73 -22.72 69.39
N ASP B 84 -50.19 -23.94 69.37
CA ASP B 84 -50.34 -24.84 68.24
C ASP B 84 -51.58 -25.73 68.37
N ASN B 85 -51.75 -26.36 69.54
CA ASN B 85 -52.88 -27.25 69.78
C ASN B 85 -53.63 -26.78 71.02
N ILE B 86 -54.94 -26.64 70.88
CA ILE B 86 -55.79 -26.24 72.00
C ILE B 86 -56.77 -27.36 72.32
N GLU B 87 -57.10 -28.16 71.32
CA GLU B 87 -58.02 -29.28 71.48
C GLU B 87 -57.32 -30.59 71.82
N GLY B 88 -56.13 -30.51 72.40
CA GLY B 88 -55.36 -31.69 72.76
C GLY B 88 -55.63 -32.22 74.15
N LYS B 89 -56.64 -31.71 74.85
CA LYS B 89 -56.95 -32.16 76.21
C LYS B 89 -57.64 -33.52 76.13
N THR B 90 -56.81 -34.55 75.99
CA THR B 90 -57.29 -35.93 75.92
C THR B 90 -56.73 -36.72 77.09
N PHE B 91 -57.56 -37.60 77.66
CA PHE B 91 -57.15 -38.40 78.79
C PHE B 91 -56.05 -39.37 78.39
N VAL B 92 -55.04 -39.50 79.25
CA VAL B 92 -53.89 -40.36 79.01
C VAL B 92 -53.84 -41.42 80.09
N SER B 93 -53.71 -42.68 79.68
CA SER B 93 -53.66 -43.78 80.63
C SER B 93 -52.38 -43.71 81.47
N THR B 94 -52.51 -44.07 82.75
CA THR B 94 -51.38 -44.05 83.66
C THR B 94 -50.39 -45.18 83.38
N VAL B 95 -50.86 -46.28 82.80
CA VAL B 95 -49.99 -47.44 82.57
C VAL B 95 -48.89 -47.09 81.57
N ASN B 96 -49.20 -46.25 80.58
CA ASN B 96 -48.22 -45.88 79.56
C ASN B 96 -47.08 -45.03 80.10
N SER B 97 -47.21 -44.47 81.30
CA SER B 97 -46.16 -43.62 81.87
C SER B 97 -44.83 -44.36 82.00
N LEU B 98 -44.86 -45.68 82.14
CA LEU B 98 -43.62 -46.45 82.21
C LEU B 98 -42.77 -46.28 80.96
N VAL B 99 -43.39 -46.03 79.81
CA VAL B 99 -42.63 -45.75 78.60
C VAL B 99 -41.75 -44.52 78.79
N PHE B 100 -42.27 -43.51 79.47
CA PHE B 100 -41.48 -42.32 79.77
C PHE B 100 -40.24 -42.64 80.61
N GLN B 101 -40.24 -43.78 81.32
CA GLN B 101 -39.05 -44.20 82.04
C GLN B 101 -37.91 -44.53 81.07
N GLN B 102 -38.24 -45.14 79.94
CA GLN B 102 -37.21 -45.57 78.98
C GLN B 102 -36.86 -44.49 77.96
N ILE B 103 -37.60 -43.39 77.91
CA ILE B 103 -37.37 -42.32 76.95
C ILE B 103 -37.10 -41.04 77.72
N ASP B 104 -35.92 -40.46 77.52
CA ASP B 104 -35.55 -39.19 78.13
C ASP B 104 -35.47 -38.14 77.03
N ALA B 105 -36.43 -37.22 77.01
CA ALA B 105 -36.52 -36.20 75.96
C ALA B 105 -35.64 -35.01 76.36
N ASN B 106 -34.33 -35.21 76.27
CA ASN B 106 -33.35 -34.17 76.54
C ASN B 106 -32.84 -33.65 75.19
N TRP B 107 -33.14 -32.40 74.88
CA TRP B 107 -32.82 -31.80 73.59
C TRP B 107 -31.92 -30.59 73.79
N ASN B 108 -30.86 -30.50 73.00
CA ASN B 108 -29.98 -29.34 72.98
C ASN B 108 -30.28 -28.55 71.71
N ILE B 109 -30.90 -27.39 71.88
CA ILE B 109 -31.32 -26.56 70.76
C ILE B 109 -30.51 -25.28 70.76
N GLN B 110 -29.86 -24.98 69.64
CA GLN B 110 -29.07 -23.77 69.47
C GLN B 110 -29.53 -23.05 68.22
N CYS B 111 -30.02 -21.83 68.39
CA CYS B 111 -30.54 -21.04 67.28
C CYS B 111 -29.75 -19.73 67.17
N TRP B 112 -29.27 -19.46 65.96
CA TRP B 112 -28.48 -18.26 65.70
C TRP B 112 -28.63 -17.90 64.23
N LEU B 113 -28.27 -16.66 63.91
CA LEU B 113 -28.38 -16.14 62.55
C LEU B 113 -27.03 -16.24 61.86
N LYS B 114 -27.03 -16.74 60.63
CA LYS B 114 -25.81 -16.90 59.86
C LYS B 114 -25.25 -15.54 59.46
N GLY B 115 -23.96 -15.54 59.09
CA GLY B 115 -23.31 -14.30 58.71
C GLY B 115 -23.90 -13.65 57.47
N ASP B 116 -24.37 -14.45 56.53
CA ASP B 116 -24.95 -13.92 55.30
C ASP B 116 -26.29 -13.24 55.52
N LEU B 117 -26.88 -13.36 56.72
CA LEU B 117 -28.17 -12.76 57.04
C LEU B 117 -29.26 -13.23 56.06
N LYS B 118 -29.21 -14.52 55.71
CA LYS B 118 -30.18 -15.11 54.79
C LYS B 118 -31.01 -16.21 55.45
N LEU B 119 -30.37 -17.12 56.16
CA LEU B 119 -31.05 -18.24 56.80
C LEU B 119 -30.73 -18.28 58.28
N PHE B 120 -31.78 -18.39 59.11
CA PHE B 120 -31.63 -18.51 60.55
C PHE B 120 -31.46 -20.00 60.87
N ILE B 121 -30.21 -20.46 60.80
CA ILE B 121 -29.93 -21.88 60.98
C ILE B 121 -30.10 -22.25 62.45
N CYS B 122 -30.89 -23.31 62.69
CA CYS B 122 -31.11 -23.83 64.03
C CYS B 122 -30.67 -25.28 64.09
N TYR B 123 -29.96 -25.65 65.15
CA TYR B 123 -29.45 -27.01 65.34
C TYR B 123 -30.14 -27.65 66.54
N VAL B 124 -30.66 -28.85 66.34
CA VAL B 124 -31.29 -29.63 67.41
C VAL B 124 -30.51 -30.92 67.56
N GLU B 125 -30.06 -31.20 68.78
CA GLU B 125 -29.27 -32.39 69.07
C GLU B 125 -29.97 -33.22 70.13
N SER B 126 -29.97 -34.54 69.95
CA SER B 126 -30.56 -35.47 70.89
C SER B 126 -29.51 -35.91 71.89
N LEU B 127 -29.71 -35.59 73.17
CA LEU B 127 -28.77 -35.97 74.21
C LEU B 127 -28.80 -37.46 74.50
N PHE B 128 -29.87 -38.16 74.13
CA PHE B 128 -29.98 -39.60 74.35
C PHE B 128 -29.26 -40.31 73.21
N LYS B 129 -27.94 -40.42 73.35
CA LYS B 129 -27.09 -41.04 72.34
C LYS B 129 -27.15 -42.56 72.53
N ASN B 130 -28.24 -43.14 72.04
CA ASN B 130 -28.47 -44.58 72.11
C ASN B 130 -28.27 -45.16 70.71
N LEU B 131 -27.18 -45.91 70.53
CA LEU B 131 -26.88 -46.51 69.24
C LEU B 131 -27.68 -47.78 68.98
N PHE B 132 -28.30 -48.37 70.01
CA PHE B 132 -29.07 -49.59 69.80
C PHE B 132 -30.33 -49.31 68.98
N ARG B 133 -31.02 -48.22 69.28
CA ARG B 133 -32.26 -47.87 68.59
C ARG B 133 -32.15 -46.45 68.06
N ASN B 134 -32.50 -46.26 66.79
CA ASN B 134 -32.48 -44.95 66.14
C ASN B 134 -33.91 -44.59 65.75
N TYR B 135 -34.50 -43.65 66.47
CA TYR B 135 -35.86 -43.22 66.20
C TYR B 135 -35.90 -42.21 65.05
N ASN B 136 -36.88 -42.37 64.18
CA ASN B 136 -37.06 -41.47 63.04
C ASN B 136 -38.06 -40.37 63.40
N TYR B 137 -37.68 -39.58 64.39
CA TYR B 137 -38.51 -38.47 64.86
C TYR B 137 -38.50 -37.33 63.85
N LYS B 138 -39.61 -36.63 63.76
CA LYS B 138 -39.76 -35.50 62.83
C LYS B 138 -39.93 -34.21 63.63
N VAL B 139 -39.23 -33.17 63.20
CA VAL B 139 -39.24 -31.88 63.88
C VAL B 139 -39.92 -30.85 62.99
N HIS B 140 -40.93 -30.18 63.52
CA HIS B 140 -41.63 -29.10 62.83
C HIS B 140 -41.40 -27.82 63.61
N LEU B 141 -40.89 -26.80 62.92
CA LEU B 141 -40.60 -25.52 63.56
C LEU B 141 -41.60 -24.48 63.04
N LEU B 142 -42.50 -24.03 63.90
CA LEU B 142 -43.48 -23.00 63.59
C LEU B 142 -42.86 -21.66 63.93
N TYR B 143 -42.58 -20.86 62.91
CA TYR B 143 -41.95 -19.55 63.10
C TYR B 143 -42.82 -18.48 62.47
N VAL B 144 -43.03 -17.39 63.21
CA VAL B 144 -43.80 -16.25 62.74
C VAL B 144 -43.01 -14.98 63.02
N LEU B 145 -43.11 -14.03 62.10
CA LEU B 145 -42.45 -12.73 62.20
C LEU B 145 -43.51 -11.65 62.05
N PRO B 146 -44.29 -11.38 63.09
CA PRO B 146 -45.35 -10.38 62.99
C PRO B 146 -44.79 -8.99 62.69
N GLU B 147 -45.54 -8.23 61.90
CA GLU B 147 -45.16 -6.88 61.55
C GLU B 147 -45.33 -5.95 62.75
N VAL B 148 -44.72 -4.77 62.66
CA VAL B 148 -44.79 -3.78 63.73
C VAL B 148 -46.22 -3.24 63.79
N LEU B 149 -46.97 -3.64 64.81
CA LEU B 149 -48.34 -3.19 65.00
C LEU B 149 -48.43 -2.41 66.30
N GLU B 150 -49.01 -1.21 66.23
CA GLU B 150 -49.12 -0.34 67.39
C GLU B 150 -50.45 -0.49 68.12
N ASP B 151 -51.30 -1.41 67.70
CA ASP B 151 -52.62 -1.62 68.32
C ASP B 151 -52.60 -2.95 69.06
N SER B 152 -52.12 -2.92 70.31
CA SER B 152 -52.12 -4.04 71.26
C SER B 152 -51.19 -5.16 70.82
N PRO B 153 -50.53 -5.84 71.77
CA PRO B 153 -49.72 -7.03 71.44
C PRO B 153 -50.56 -8.31 71.39
N LEU B 154 -51.29 -8.45 70.29
CA LEU B 154 -52.20 -9.59 70.14
C LEU B 154 -51.43 -10.89 70.00
N VAL B 155 -51.98 -11.95 70.59
CA VAL B 155 -51.38 -13.28 70.47
C VAL B 155 -51.62 -13.81 69.07
N PRO B 156 -50.61 -14.36 68.39
CA PRO B 156 -50.83 -14.93 67.05
C PRO B 156 -51.87 -16.05 67.09
N GLN B 157 -52.68 -16.10 66.04
CA GLN B 157 -53.76 -17.08 65.95
C GLN B 157 -53.29 -18.32 65.20
N LYS B 158 -54.19 -19.30 65.10
CA LYS B 158 -53.87 -20.54 64.40
C LYS B 158 -53.70 -20.29 62.91
N GLY B 159 -52.68 -20.92 62.32
CA GLY B 159 -52.41 -20.80 60.91
C GLY B 159 -51.50 -19.66 60.52
N SER B 160 -51.20 -18.74 61.45
CA SER B 160 -50.28 -17.66 61.15
C SER B 160 -48.83 -18.10 61.14
N PHE B 161 -48.51 -19.16 61.88
CA PHE B 161 -47.14 -19.64 61.97
C PHE B 161 -46.73 -20.33 60.67
N GLN B 162 -45.57 -19.97 60.15
CA GLN B 162 -45.02 -20.63 58.97
C GLN B 162 -44.28 -21.89 59.39
N MET B 163 -44.44 -22.94 58.57
CA MET B 163 -43.87 -24.25 58.85
C MET B 163 -42.81 -24.56 57.80
N VAL B 164 -41.61 -24.92 58.26
CA VAL B 164 -40.53 -25.35 57.40
C VAL B 164 -39.95 -26.65 57.98
N HIS B 165 -39.88 -27.69 57.16
CA HIS B 165 -39.37 -28.97 57.61
C HIS B 165 -37.88 -28.89 57.88
N CYS B 166 -37.46 -29.42 59.03
CA CYS B 166 -36.05 -29.42 59.41
C CYS B 166 -35.35 -30.63 58.82
N ASN B 167 -34.08 -30.44 58.44
CA ASN B 167 -33.30 -31.51 57.81
C ASN B 167 -32.59 -32.31 58.90
N CYS B 168 -33.30 -33.31 59.42
CA CYS B 168 -32.73 -34.18 60.43
C CYS B 168 -31.75 -35.16 59.80
N SER B 169 -30.65 -35.42 60.50
CA SER B 169 -29.58 -36.28 60.00
C SER B 169 -29.54 -37.60 60.75
N VAL B 170 -28.67 -38.49 60.29
CA VAL B 170 -28.52 -39.81 60.89
C VAL B 170 -27.93 -39.72 62.30
N HIS B 171 -27.00 -38.77 62.51
CA HIS B 171 -26.25 -38.68 63.76
C HIS B 171 -26.95 -37.81 64.80
N GLU B 172 -28.28 -37.75 64.77
CA GLU B 172 -29.08 -37.06 65.78
C GLU B 172 -28.83 -35.55 65.77
N CYS B 173 -28.74 -34.98 64.57
CA CYS B 173 -28.62 -33.54 64.39
C CYS B 173 -29.63 -33.09 63.36
N CYS B 174 -30.53 -32.20 63.76
CA CYS B 174 -31.58 -31.68 62.89
C CYS B 174 -31.28 -30.21 62.59
N GLU B 175 -31.22 -29.88 61.31
CA GLU B 175 -30.94 -28.53 60.85
C GLU B 175 -32.23 -27.90 60.34
N CYS B 176 -32.58 -26.74 60.88
CA CYS B 176 -33.75 -25.99 60.47
C CYS B 176 -33.30 -24.70 59.78
N LEU B 177 -33.75 -24.52 58.54
CA LEU B 177 -33.38 -23.36 57.73
C LEU B 177 -34.61 -22.46 57.61
N VAL B 178 -34.58 -21.33 58.31
CA VAL B 178 -35.70 -20.39 58.33
C VAL B 178 -35.32 -19.19 57.46
N PRO B 179 -36.03 -18.92 56.37
CA PRO B 179 -35.72 -17.73 55.57
C PRO B 179 -36.20 -16.45 56.25
N VAL B 180 -35.25 -15.66 56.76
CA VAL B 180 -35.54 -14.43 57.48
C VAL B 180 -35.16 -13.25 56.59
N PRO B 181 -36.10 -12.43 56.14
CA PRO B 181 -35.75 -11.25 55.35
C PRO B 181 -34.93 -10.26 56.19
N THR B 182 -34.05 -9.53 55.50
CA THR B 182 -33.19 -8.57 56.19
C THR B 182 -33.99 -7.42 56.78
N ALA B 183 -35.14 -7.07 56.19
CA ALA B 183 -35.93 -5.97 56.69
C ALA B 183 -36.57 -6.30 58.03
N LYS B 184 -36.78 -7.58 58.33
CA LYS B 184 -37.41 -8.01 59.57
C LYS B 184 -36.41 -8.50 60.61
N LEU B 185 -35.11 -8.25 60.40
CA LEU B 185 -34.10 -8.67 61.36
C LEU B 185 -34.30 -7.98 62.71
N ASN B 186 -34.60 -6.68 62.68
CA ASN B 186 -34.82 -5.92 63.91
C ASN B 186 -36.19 -6.18 64.53
N ASP B 187 -37.06 -6.91 63.84
CA ASP B 187 -38.40 -7.18 64.35
C ASP B 187 -38.34 -8.33 65.36
N THR B 188 -39.51 -8.84 65.76
CA THR B 188 -39.62 -9.89 66.75
C THR B 188 -39.91 -11.22 66.05
N LEU B 189 -39.13 -12.24 66.37
CA LEU B 189 -39.28 -13.58 65.80
C LEU B 189 -39.81 -14.52 66.87
N LEU B 190 -40.92 -15.17 66.59
CA LEU B 190 -41.53 -16.14 67.50
C LEU B 190 -41.34 -17.55 66.97
N MET B 191 -40.93 -18.46 67.85
CA MET B 191 -40.63 -19.83 67.47
C MET B 191 -41.33 -20.81 68.39
N CYS B 192 -41.76 -21.94 67.82
CA CYS B 192 -42.34 -23.04 68.59
C CYS B 192 -41.87 -24.33 67.92
N LEU B 193 -41.57 -25.34 68.73
CA LEU B 193 -41.03 -26.60 68.23
C LEU B 193 -41.99 -27.74 68.52
N LYS B 194 -42.18 -28.61 67.54
CA LYS B 194 -43.01 -29.81 67.69
C LYS B 194 -42.16 -31.02 67.28
N ILE B 195 -42.14 -32.03 68.14
CA ILE B 195 -41.34 -33.24 67.90
C ILE B 195 -42.27 -34.44 67.89
N THR B 196 -42.20 -35.24 66.83
CA THR B 196 -42.98 -36.46 66.70
C THR B 196 -42.03 -37.64 66.75
N SER B 197 -42.03 -38.37 67.86
CA SER B 197 -41.14 -39.51 68.05
C SER B 197 -41.97 -40.71 68.46
N GLY B 198 -42.07 -41.69 67.57
CA GLY B 198 -42.80 -42.92 67.86
C GLY B 198 -44.25 -42.69 68.21
N GLY B 199 -44.89 -41.73 67.55
CA GLY B 199 -46.27 -41.38 67.86
C GLY B 199 -46.44 -40.48 69.06
N VAL B 200 -45.36 -40.07 69.71
CA VAL B 200 -45.41 -39.21 70.88
C VAL B 200 -45.09 -37.79 70.45
N ILE B 201 -45.90 -36.84 70.88
CA ILE B 201 -45.77 -35.44 70.47
C ILE B 201 -45.24 -34.63 71.65
N PHE B 202 -44.14 -33.91 71.41
CA PHE B 202 -43.55 -32.99 72.37
C PHE B 202 -43.70 -31.58 71.82
N GLN B 203 -44.26 -30.69 72.63
CA GLN B 203 -44.50 -29.30 72.24
C GLN B 203 -43.63 -28.38 73.09
N SER B 204 -42.84 -27.55 72.43
CA SER B 204 -41.97 -26.60 73.10
C SER B 204 -42.71 -25.29 73.37
N PRO B 205 -42.32 -24.55 74.41
CA PRO B 205 -42.93 -23.24 74.66
C PRO B 205 -42.62 -22.23 73.58
N LEU B 206 -43.53 -21.28 73.36
CA LEU B 206 -43.31 -20.20 72.42
C LEU B 206 -42.18 -19.31 72.93
N MET B 207 -41.24 -18.97 72.06
CA MET B 207 -40.09 -18.16 72.43
C MET B 207 -39.90 -16.99 71.48
N SER B 208 -39.63 -15.82 72.03
CA SER B 208 -39.46 -14.60 71.28
C SER B 208 -37.98 -14.21 71.30
N VAL B 209 -37.44 -13.88 70.12
CA VAL B 209 -36.04 -13.50 70.00
C VAL B 209 -35.88 -12.64 68.76
N GLN B 210 -34.91 -11.73 68.80
CA GLN B 210 -34.59 -10.90 67.65
C GLN B 210 -33.40 -11.47 66.92
N PRO B 211 -33.53 -11.87 65.66
CA PRO B 211 -32.38 -12.48 64.96
C PRO B 211 -31.22 -11.52 64.73
N ILE B 212 -31.45 -10.21 64.82
CA ILE B 212 -30.42 -9.25 64.47
C ILE B 212 -29.28 -9.24 65.50
N ASN B 213 -29.61 -9.39 66.79
CA ASN B 213 -28.58 -9.26 67.81
C ASN B 213 -27.65 -10.48 67.83
N MET B 214 -28.18 -11.65 67.51
CA MET B 214 -27.43 -12.90 67.59
C MET B 214 -26.89 -13.23 66.19
N VAL B 215 -25.64 -12.81 65.94
CA VAL B 215 -25.01 -13.00 64.64
C VAL B 215 -23.65 -13.66 64.85
N LYS B 216 -23.38 -14.71 64.08
CA LYS B 216 -22.08 -15.38 64.12
C LYS B 216 -21.24 -14.89 62.95
N PRO B 217 -20.15 -14.17 63.19
CA PRO B 217 -19.33 -13.64 62.09
C PRO B 217 -18.51 -14.75 61.44
N ASP B 218 -17.79 -14.36 60.37
CA ASP B 218 -16.92 -15.22 59.58
C ASP B 218 -15.46 -14.96 59.93
N PRO B 219 -14.59 -15.96 59.74
CA PRO B 219 -13.17 -15.73 60.01
C PRO B 219 -12.60 -14.68 59.08
N PRO B 220 -11.62 -13.91 59.54
CA PRO B 220 -11.06 -12.84 58.71
C PRO B 220 -10.37 -13.41 57.47
N LEU B 221 -10.41 -12.63 56.39
CA LEU B 221 -9.78 -13.00 55.13
C LEU B 221 -8.76 -11.94 54.74
N GLY B 222 -7.87 -12.32 53.83
CA GLY B 222 -6.84 -11.42 53.38
C GLY B 222 -5.84 -11.03 54.45
N LEU B 223 -5.45 -12.01 55.28
CA LEU B 223 -4.47 -11.76 56.34
C LEU B 223 -3.07 -11.83 55.73
N HIS B 224 -2.67 -10.71 55.13
CA HIS B 224 -1.36 -10.59 54.49
C HIS B 224 -0.38 -9.96 55.46
N MET B 225 0.79 -10.57 55.57
CA MET B 225 1.83 -10.11 56.50
C MET B 225 2.74 -9.12 55.77
N GLU B 226 2.58 -7.84 56.09
CA GLU B 226 3.38 -6.77 55.48
C GLU B 226 3.90 -5.86 56.59
N ILE B 227 5.20 -5.95 56.86
CA ILE B 227 5.81 -5.11 57.89
C ILE B 227 5.83 -3.65 57.43
N THR B 228 5.63 -2.74 58.38
CA THR B 228 5.54 -1.33 58.06
C THR B 228 6.89 -0.78 57.64
N ASP B 229 6.86 0.38 56.97
CA ASP B 229 8.08 1.07 56.59
C ASP B 229 8.90 1.50 57.81
N ASP B 230 8.27 1.59 58.98
CA ASP B 230 8.97 1.84 60.23
C ASP B 230 9.26 0.55 61.00
N GLY B 231 8.98 -0.60 60.40
CA GLY B 231 9.22 -1.87 61.08
C GLY B 231 8.21 -2.21 62.14
N ASN B 232 7.01 -1.63 62.09
CA ASN B 232 5.98 -1.89 63.09
C ASN B 232 5.11 -3.09 62.76
N LEU B 233 5.38 -3.78 61.66
CA LEU B 233 4.79 -5.08 61.34
C LEU B 233 3.25 -5.00 61.30
N LYS B 234 2.77 -4.27 60.30
CA LYS B 234 1.34 -4.22 60.05
C LYS B 234 0.81 -5.61 59.72
N ILE B 235 -0.28 -5.98 60.36
CA ILE B 235 -0.88 -7.30 60.15
C ILE B 235 -2.32 -7.11 59.66
N SER B 236 -2.54 -6.05 58.88
CA SER B 236 -3.87 -5.69 58.42
C SER B 236 -4.52 -6.84 57.67
N TRP B 237 -5.73 -7.21 58.11
CA TRP B 237 -6.55 -8.21 57.45
C TRP B 237 -7.84 -7.57 56.96
N SER B 238 -8.31 -8.01 55.80
CA SER B 238 -9.53 -7.46 55.24
C SER B 238 -10.74 -7.92 56.05
N SER B 239 -11.57 -6.98 56.46
CA SER B 239 -12.78 -7.32 57.19
C SER B 239 -13.77 -7.99 56.24
N PRO B 240 -14.52 -8.99 56.72
CA PRO B 240 -15.50 -9.66 55.85
C PRO B 240 -16.54 -8.68 55.35
N PRO B 241 -16.95 -8.80 54.09
CA PRO B 241 -17.97 -7.88 53.56
C PRO B 241 -19.38 -8.21 53.98
N LEU B 242 -19.66 -9.47 54.35
CA LEU B 242 -21.02 -9.85 54.74
C LEU B 242 -21.41 -9.31 56.11
N VAL B 243 -20.45 -8.86 56.90
CA VAL B 243 -20.70 -8.33 58.24
C VAL B 243 -20.80 -6.81 58.15
N PRO B 244 -21.96 -6.21 58.44
CA PRO B 244 -22.11 -4.76 58.34
C PRO B 244 -21.72 -3.97 59.58
N PHE B 245 -21.13 -4.62 60.58
CA PHE B 245 -20.75 -3.94 61.83
C PHE B 245 -19.32 -4.30 62.19
N PRO B 246 -18.64 -3.44 62.95
CA PRO B 246 -17.27 -3.75 63.37
C PRO B 246 -17.23 -5.00 64.24
N LEU B 247 -16.12 -5.73 64.14
CA LEU B 247 -15.94 -7.00 64.83
C LEU B 247 -14.82 -6.89 65.84
N GLN B 248 -15.03 -7.42 67.04
CA GLN B 248 -13.97 -7.54 68.04
C GLN B 248 -13.14 -8.77 67.69
N TYR B 249 -11.89 -8.56 67.29
CA TYR B 249 -11.04 -9.61 66.76
C TYR B 249 -10.16 -10.16 67.87
N GLN B 250 -10.41 -11.40 68.27
CA GLN B 250 -9.59 -12.08 69.28
C GLN B 250 -8.32 -12.59 68.60
N VAL B 251 -7.34 -11.69 68.51
CA VAL B 251 -6.09 -11.99 67.82
C VAL B 251 -5.23 -12.91 68.68
N LYS B 252 -5.26 -14.21 68.40
CA LYS B 252 -4.44 -15.18 69.11
C LYS B 252 -3.12 -15.41 68.38
N TYR B 253 -2.39 -14.31 68.18
CA TYR B 253 -1.11 -14.36 67.51
C TYR B 253 -0.09 -15.05 68.40
N SER B 254 0.70 -15.94 67.80
CA SER B 254 1.70 -16.71 68.53
C SER B 254 3.09 -16.38 68.00
N GLU B 255 4.09 -16.74 68.80
CA GLU B 255 5.50 -16.54 68.45
C GLU B 255 6.19 -17.89 68.56
N ASN B 256 6.16 -18.66 67.46
CA ASN B 256 6.72 -20.02 67.45
C ASN B 256 8.21 -19.97 67.12
N SER B 257 8.97 -19.36 68.02
CA SER B 257 10.41 -19.26 67.87
C SER B 257 11.09 -20.49 68.46
N THR B 258 12.42 -20.52 68.38
CA THR B 258 13.17 -21.66 68.89
C THR B 258 13.08 -21.75 70.41
N THR B 259 13.12 -20.62 71.10
CA THR B 259 13.12 -20.58 72.56
C THR B 259 11.99 -19.76 73.14
N VAL B 260 11.64 -18.64 72.53
CA VAL B 260 10.61 -17.75 73.05
C VAL B 260 9.26 -18.20 72.50
N ILE B 261 8.30 -18.43 73.41
CA ILE B 261 6.95 -18.83 73.05
C ILE B 261 5.98 -17.83 73.69
N ARG B 262 5.10 -17.26 72.87
CA ARG B 262 4.13 -16.28 73.33
C ARG B 262 2.75 -16.66 72.81
N GLU B 263 1.74 -16.50 73.65
CA GLU B 263 0.35 -16.82 73.33
C GLU B 263 -0.57 -15.69 73.75
N ALA B 264 -0.20 -14.45 73.42
CA ALA B 264 -1.00 -13.29 73.77
C ALA B 264 -2.22 -13.22 72.87
N ASP B 265 -3.42 -13.30 73.46
CA ASP B 265 -4.67 -13.25 72.71
C ASP B 265 -5.27 -11.86 72.83
N LYS B 266 -4.79 -10.95 71.99
CA LYS B 266 -5.33 -9.60 71.96
C LYS B 266 -6.75 -9.60 71.39
N ILE B 267 -7.63 -8.80 71.98
CA ILE B 267 -9.02 -8.73 71.56
C ILE B 267 -9.23 -7.38 70.87
N VAL B 268 -8.16 -6.83 70.28
CA VAL B 268 -8.24 -5.55 69.60
C VAL B 268 -9.13 -5.70 68.37
N SER B 269 -10.02 -4.73 68.17
CA SER B 269 -10.95 -4.76 67.05
C SER B 269 -10.39 -4.14 65.78
N ALA B 270 -9.22 -3.52 65.84
CA ALA B 270 -8.64 -2.88 64.67
C ALA B 270 -8.16 -3.93 63.68
N THR B 271 -8.56 -3.77 62.41
CA THR B 271 -8.13 -4.71 61.37
C THR B 271 -6.65 -4.54 61.07
N SER B 272 -6.16 -3.30 61.03
CA SER B 272 -4.75 -3.02 60.75
C SER B 272 -3.93 -3.13 62.03
N LEU B 273 -3.67 -4.38 62.41
CA LEU B 273 -2.91 -4.65 63.62
C LEU B 273 -1.47 -4.16 63.46
N LEU B 274 -0.91 -3.67 64.57
CA LEU B 274 0.45 -3.10 64.59
C LEU B 274 1.17 -3.67 65.80
N VAL B 275 2.08 -4.60 65.57
CA VAL B 275 2.87 -5.23 66.63
C VAL B 275 4.28 -4.66 66.58
N ASP B 276 4.62 -3.85 67.58
CA ASP B 276 5.93 -3.21 67.62
C ASP B 276 6.98 -4.19 68.12
N SER B 277 8.25 -3.83 67.87
CA SER B 277 9.41 -4.60 68.31
C SER B 277 9.38 -6.02 67.76
N ILE B 278 9.46 -6.12 66.43
CA ILE B 278 9.53 -7.42 65.78
C ILE B 278 10.83 -8.10 66.15
N LEU B 279 10.76 -9.41 66.41
CA LEU B 279 11.98 -10.10 66.82
C LEU B 279 12.43 -11.09 65.76
N PRO B 280 13.74 -11.24 65.56
CA PRO B 280 14.23 -12.16 64.54
C PRO B 280 13.96 -13.60 64.92
N GLY B 281 13.77 -14.43 63.89
CA GLY B 281 13.49 -15.84 64.13
C GLY B 281 12.18 -16.09 64.83
N SER B 282 11.21 -15.19 64.69
CA SER B 282 9.94 -15.28 65.39
C SER B 282 8.85 -15.54 64.36
N SER B 283 8.60 -16.82 64.09
CA SER B 283 7.47 -17.19 63.25
C SER B 283 6.16 -16.91 63.98
N TYR B 284 5.20 -16.36 63.25
CA TYR B 284 3.88 -16.05 63.80
C TYR B 284 2.82 -16.93 63.15
N GLU B 285 1.92 -17.44 63.99
CA GLU B 285 0.84 -18.33 63.62
C GLU B 285 -0.49 -17.75 64.08
N VAL B 286 -0.71 -16.48 63.72
CA VAL B 286 -1.86 -15.73 64.20
C VAL B 286 -3.14 -16.50 63.98
N GLN B 287 -3.97 -16.58 65.02
CA GLN B 287 -5.23 -17.30 64.99
C GLN B 287 -6.39 -16.36 65.29
N VAL B 288 -6.38 -15.19 64.66
CA VAL B 288 -7.46 -14.22 64.82
C VAL B 288 -8.72 -14.77 64.16
N ARG B 289 -9.81 -14.75 64.90
CA ARG B 289 -11.08 -15.29 64.43
C ARG B 289 -12.21 -14.27 64.47
N GLY B 290 -12.22 -13.38 65.47
CA GLY B 290 -13.19 -12.31 65.51
C GLY B 290 -14.47 -12.68 66.24
N LYS B 291 -15.21 -11.63 66.61
CA LYS B 291 -16.49 -11.76 67.28
C LYS B 291 -17.27 -10.47 67.06
N ARG B 292 -18.59 -10.55 67.24
CA ARG B 292 -19.43 -9.37 67.08
C ARG B 292 -19.11 -8.35 68.18
N LEU B 293 -18.58 -7.20 67.77
CA LEU B 293 -18.22 -6.17 68.74
C LEU B 293 -19.45 -5.50 69.33
N ASP B 294 -20.42 -5.15 68.51
CA ASP B 294 -21.63 -4.46 68.94
C ASP B 294 -22.71 -5.51 69.18
N GLY B 295 -22.83 -5.97 70.42
CA GLY B 295 -23.83 -6.94 70.80
C GLY B 295 -23.25 -8.32 71.00
N PRO B 296 -24.06 -9.24 71.54
CA PRO B 296 -23.59 -10.60 71.77
C PRO B 296 -23.37 -11.35 70.47
N GLY B 297 -22.52 -12.36 70.55
CA GLY B 297 -22.21 -13.17 69.37
C GLY B 297 -21.44 -14.41 69.76
N ILE B 298 -20.97 -15.12 68.74
CA ILE B 298 -20.18 -16.33 68.89
C ILE B 298 -18.88 -16.15 68.13
N TRP B 299 -17.77 -16.55 68.74
CA TRP B 299 -16.48 -16.51 68.07
C TRP B 299 -16.54 -17.34 66.79
N SER B 300 -15.95 -16.80 65.72
CA SER B 300 -16.03 -17.44 64.41
C SER B 300 -15.25 -18.76 64.43
N ASP B 301 -15.61 -19.64 63.49
CA ASP B 301 -14.98 -20.95 63.40
C ASP B 301 -13.50 -20.82 63.06
N TRP B 302 -12.71 -21.77 63.56
CA TRP B 302 -11.27 -21.73 63.38
C TRP B 302 -10.90 -22.01 61.93
N SER B 303 -10.18 -21.07 61.32
CA SER B 303 -9.75 -21.21 59.93
C SER B 303 -8.35 -21.81 59.88
N THR B 304 -7.76 -21.84 58.69
CA THR B 304 -6.42 -22.40 58.54
C THR B 304 -5.39 -21.50 59.22
N PRO B 305 -4.39 -22.07 59.88
CA PRO B 305 -3.37 -21.24 60.54
C PRO B 305 -2.56 -20.44 59.53
N ARG B 306 -2.19 -19.23 59.93
CA ARG B 306 -1.34 -18.36 59.10
C ARG B 306 0.10 -18.44 59.58
N VAL B 307 0.76 -19.53 59.20
CA VAL B 307 2.14 -19.80 59.60
C VAL B 307 3.05 -18.97 58.72
N PHE B 308 3.73 -17.99 59.32
CA PHE B 308 4.71 -17.18 58.61
C PHE B 308 6.02 -17.21 59.38
N THR B 309 7.07 -17.72 58.75
CA THR B 309 8.35 -17.95 59.41
C THR B 309 9.31 -16.82 59.09
N THR B 310 9.81 -16.16 60.12
CA THR B 310 10.88 -15.18 60.00
C THR B 310 12.19 -15.93 60.15
N GLN B 311 12.94 -16.04 59.06
CA GLN B 311 14.13 -16.88 59.03
C GLN B 311 15.32 -16.15 59.66
N ASP B 312 15.23 -15.87 60.96
CA ASP B 312 16.29 -15.33 61.82
C ASP B 312 16.93 -14.06 61.27
N VAL B 313 16.29 -13.45 60.27
CA VAL B 313 16.74 -12.20 59.67
C VAL B 313 15.51 -11.41 59.26
N ILE B 314 15.35 -10.21 59.81
CA ILE B 314 14.16 -9.41 59.55
C ILE B 314 14.60 -8.00 59.16
N TYR B 315 14.14 -7.54 58.00
CA TYR B 315 14.25 -6.16 57.58
C TYR B 315 12.83 -5.59 57.53
N PHE B 316 12.70 -4.29 57.73
CA PHE B 316 11.48 -3.65 57.26
C PHE B 316 11.55 -3.66 55.74
N PRO B 317 10.42 -3.56 55.04
CA PRO B 317 10.33 -4.13 53.68
C PRO B 317 11.56 -3.79 52.85
N PRO B 318 12.35 -4.81 52.49
CA PRO B 318 13.53 -4.58 51.65
C PRO B 318 13.13 -4.56 50.18
N LYS B 319 11.84 -4.37 49.95
CA LYS B 319 11.21 -4.48 48.63
C LYS B 319 11.06 -3.12 47.97
N ILE B 320 12.05 -2.24 48.14
CA ILE B 320 11.98 -0.90 47.60
C ILE B 320 12.68 -0.87 46.23
N LEU B 321 12.16 -0.06 45.32
CA LEU B 321 12.76 0.15 44.02
C LEU B 321 13.32 1.56 43.95
N THR B 322 14.54 1.69 43.45
CA THR B 322 15.25 2.96 43.49
C THR B 322 15.74 3.33 42.10
N SER B 323 16.20 4.58 41.97
CA SER B 323 16.74 5.09 40.74
C SER B 323 18.16 5.60 40.96
N VAL B 324 18.84 5.98 39.88
CA VAL B 324 20.22 6.44 39.94
C VAL B 324 20.28 7.76 40.70
N GLY B 325 21.13 7.80 41.72
CA GLY B 325 21.30 8.98 42.52
C GLY B 325 20.36 9.08 43.71
N SER B 326 19.35 8.23 43.78
CA SER B 326 18.41 8.24 44.89
C SER B 326 19.06 7.65 46.14
N ASN B 327 18.54 8.02 47.30
CA ASN B 327 19.09 7.61 48.59
C ASN B 327 18.02 6.94 49.43
N VAL B 328 18.41 5.85 50.11
CA VAL B 328 17.51 5.08 50.95
C VAL B 328 18.25 4.66 52.21
N SER B 329 17.57 3.90 53.06
CA SER B 329 18.12 3.48 54.35
C SER B 329 17.50 2.15 54.74
N PHE B 330 18.26 1.31 55.44
CA PHE B 330 17.80 0.01 55.87
C PHE B 330 18.10 -0.23 57.35
N HIS B 331 17.35 -1.15 57.94
CA HIS B 331 17.51 -1.56 59.33
C HIS B 331 17.29 -3.07 59.42
N CYS B 332 18.04 -3.71 60.31
CA CYS B 332 17.96 -5.16 60.46
C CYS B 332 17.97 -5.53 61.94
N ILE B 333 17.38 -6.68 62.24
CA ILE B 333 17.48 -7.32 63.54
C ILE B 333 17.82 -8.79 63.28
N TYR B 334 18.87 -9.28 63.93
CA TYR B 334 19.39 -10.61 63.70
C TYR B 334 19.31 -11.45 64.97
N LYS B 335 19.10 -12.75 64.79
CA LYS B 335 19.08 -13.70 65.90
C LYS B 335 20.33 -14.56 65.84
N LYS B 336 21.05 -14.62 66.95
CA LYS B 336 22.29 -15.38 67.10
C LYS B 336 22.23 -16.22 68.37
N GLU B 337 21.15 -17.00 68.47
CA GLU B 337 20.68 -17.66 69.70
C GLU B 337 19.96 -16.60 70.53
N ASN B 338 19.17 -17.01 71.52
CA ASN B 338 18.23 -16.08 72.13
C ASN B 338 18.94 -15.01 72.96
N LYS B 339 19.55 -14.04 72.27
CA LYS B 339 20.04 -12.83 72.91
C LYS B 339 19.65 -11.62 72.07
N ILE B 340 19.42 -11.84 70.78
CA ILE B 340 19.15 -10.80 69.78
C ILE B 340 20.35 -9.89 69.64
N VAL B 341 20.89 -9.79 68.43
CA VAL B 341 22.10 -8.99 68.21
C VAL B 341 21.77 -7.51 68.36
N PRO B 342 22.49 -6.77 69.21
CA PRO B 342 22.20 -5.34 69.37
C PRO B 342 22.52 -4.55 68.10
N SER B 343 21.84 -3.41 67.96
CA SER B 343 22.02 -2.55 66.80
C SER B 343 23.42 -1.97 66.69
N LYS B 344 24.18 -1.93 67.78
CA LYS B 344 25.54 -1.40 67.77
C LYS B 344 26.57 -2.43 67.37
N GLU B 345 26.16 -3.68 67.12
CA GLU B 345 27.09 -4.76 66.76
C GLU B 345 26.80 -5.32 65.38
N ILE B 346 26.08 -4.58 64.53
CA ILE B 346 25.70 -5.09 63.22
C ILE B 346 26.91 -5.08 62.30
N VAL B 347 26.95 -6.05 61.38
CA VAL B 347 28.11 -6.35 60.55
C VAL B 347 27.66 -6.21 59.11
N TRP B 348 26.88 -5.16 58.82
CA TRP B 348 26.26 -4.92 57.53
C TRP B 348 27.18 -5.26 56.36
N TRP B 349 26.73 -6.20 55.52
CA TRP B 349 27.44 -6.61 54.32
C TRP B 349 26.50 -6.66 53.14
N MET B 350 27.08 -6.60 51.95
CA MET B 350 26.47 -7.11 50.74
C MET B 350 27.51 -7.91 49.98
N ASN B 351 27.07 -8.94 49.26
CA ASN B 351 27.96 -9.89 48.58
C ASN B 351 28.94 -10.52 49.56
N LEU B 352 28.45 -10.83 50.76
CA LEU B 352 29.17 -11.53 51.82
C LEU B 352 30.42 -10.80 52.29
N ALA B 353 30.59 -9.53 51.92
CA ALA B 353 31.84 -8.83 52.20
C ALA B 353 31.57 -7.33 52.17
N GLU B 354 32.65 -6.54 52.11
CA GLU B 354 32.62 -5.07 52.07
C GLU B 354 31.66 -4.52 53.14
N LYS B 355 32.03 -4.74 54.39
CA LYS B 355 31.36 -4.22 55.57
C LYS B 355 31.18 -2.71 55.42
N ILE B 356 29.94 -2.25 55.49
CA ILE B 356 29.66 -0.81 55.35
C ILE B 356 30.27 -0.06 56.53
N PRO B 357 30.97 1.05 56.30
CA PRO B 357 31.65 1.74 57.41
C PRO B 357 30.67 2.28 58.43
N GLN B 358 31.16 2.49 59.65
CA GLN B 358 30.36 3.05 60.72
C GLN B 358 30.29 4.56 60.59
N SER B 359 29.93 5.03 59.39
CA SER B 359 29.73 6.45 59.15
C SER B 359 28.29 6.64 58.67
N GLN B 360 27.81 5.67 57.90
CA GLN B 360 26.41 5.63 57.49
C GLN B 360 25.50 5.14 58.60
N TYR B 361 26.06 4.69 59.72
CA TYR B 361 25.26 4.01 60.73
C TYR B 361 24.60 4.99 61.68
N ASP B 362 23.32 4.74 61.96
CA ASP B 362 22.56 5.51 62.92
C ASP B 362 21.71 4.53 63.73
N VAL B 363 21.61 4.79 65.03
CA VAL B 363 20.93 3.88 65.95
C VAL B 363 19.51 4.38 66.17
N VAL B 364 18.52 3.57 65.82
CA VAL B 364 17.11 3.89 66.05
C VAL B 364 16.61 3.25 67.34
N SER B 365 16.89 1.96 67.52
CA SER B 365 16.52 1.23 68.72
C SER B 365 17.71 0.39 69.18
N ASP B 366 17.51 -0.38 70.25
CA ASP B 366 18.58 -1.21 70.78
C ASP B 366 18.98 -2.29 69.78
N HIS B 367 18.04 -2.77 68.97
CA HIS B 367 18.33 -3.76 67.95
C HIS B 367 18.01 -3.28 66.54
N VAL B 368 17.78 -1.98 66.35
CA VAL B 368 17.44 -1.40 65.05
C VAL B 368 18.50 -0.35 64.72
N SER B 369 19.16 -0.50 63.57
CA SER B 369 20.24 0.38 63.17
C SER B 369 20.03 0.84 61.73
N LYS B 370 20.31 2.11 61.48
CA LYS B 370 20.15 2.70 60.16
C LYS B 370 21.45 2.55 59.37
N VAL B 371 21.34 2.09 58.13
CA VAL B 371 22.51 1.79 57.30
C VAL B 371 22.43 2.57 55.99
N THR B 372 21.89 3.79 56.04
CA THR B 372 21.50 4.58 54.88
C THR B 372 22.39 4.41 53.65
N PHE B 373 21.77 4.16 52.50
CA PHE B 373 22.46 4.06 51.22
C PHE B 373 22.24 5.32 50.41
N PHE B 374 23.34 5.94 49.99
CA PHE B 374 23.31 7.19 49.24
C PHE B 374 23.70 6.95 47.79
N ASN B 375 22.90 7.50 46.87
CA ASN B 375 23.16 7.53 45.43
C ASN B 375 23.87 6.29 44.91
N LEU B 376 23.26 5.12 45.12
CA LEU B 376 23.87 3.87 44.72
C LEU B 376 24.00 3.79 43.21
N ASN B 377 25.04 3.09 42.76
CA ASN B 377 25.22 2.87 41.33
C ASN B 377 24.33 1.74 40.84
N GLU B 378 24.32 1.56 39.53
CA GLU B 378 23.58 0.46 38.92
C GLU B 378 24.07 -0.86 39.48
N THR B 379 23.11 -1.70 39.89
CA THR B 379 23.44 -3.01 40.45
C THR B 379 23.71 -3.97 39.30
N LYS B 380 24.99 -4.18 39.00
CA LYS B 380 25.36 -5.03 37.88
C LYS B 380 24.97 -6.48 38.18
N PRO B 381 24.32 -7.16 37.23
CA PRO B 381 23.95 -8.56 37.48
C PRO B 381 25.16 -9.47 37.52
N ARG B 382 25.03 -10.57 38.26
CA ARG B 382 26.07 -11.57 38.34
C ARG B 382 25.45 -12.88 38.81
N GLY B 383 25.93 -13.98 38.25
CA GLY B 383 25.37 -15.29 38.59
C GLY B 383 23.90 -15.35 38.25
N LYS B 384 23.09 -15.73 39.24
CA LYS B 384 21.64 -15.73 39.12
C LYS B 384 21.00 -14.64 39.99
N PHE B 385 21.65 -13.49 40.10
CA PHE B 385 21.22 -12.41 40.97
C PHE B 385 20.93 -11.16 40.15
N THR B 386 19.85 -10.47 40.52
CA THR B 386 19.47 -9.20 39.92
C THR B 386 19.35 -8.11 40.97
N TYR B 387 20.08 -8.23 42.07
CA TYR B 387 20.02 -7.30 43.18
C TYR B 387 21.34 -7.33 43.92
N ASP B 388 21.36 -6.72 45.10
CA ASP B 388 22.51 -6.79 45.99
C ASP B 388 22.09 -7.55 47.25
N ALA B 389 22.80 -8.63 47.55
CA ALA B 389 22.47 -9.51 48.67
C ALA B 389 22.91 -8.84 49.96
N VAL B 390 22.03 -8.00 50.50
CA VAL B 390 22.33 -7.29 51.75
C VAL B 390 22.41 -8.29 52.89
N TYR B 391 23.45 -8.18 53.71
CA TYR B 391 23.70 -9.10 54.80
C TYR B 391 23.89 -8.33 56.11
N CYS B 392 23.11 -8.72 57.11
CA CYS B 392 23.28 -8.24 58.47
C CYS B 392 23.56 -9.44 59.36
N CYS B 393 24.65 -9.38 60.13
CA CYS B 393 25.08 -10.52 60.92
C CYS B 393 25.88 -10.01 62.11
N ASN B 394 26.51 -10.95 62.83
CA ASN B 394 27.25 -10.65 64.03
C ASN B 394 28.61 -11.32 63.96
N GLU B 395 29.67 -10.54 64.20
CA GLU B 395 31.05 -11.03 64.21
C GLU B 395 31.40 -11.75 62.92
N HIS B 396 31.51 -13.08 62.98
CA HIS B 396 31.89 -13.89 61.83
C HIS B 396 30.80 -14.83 61.36
N GLU B 397 30.02 -15.41 62.26
CA GLU B 397 28.94 -16.31 61.87
C GLU B 397 27.82 -15.49 61.22
N CYS B 398 27.78 -15.48 59.90
CA CYS B 398 26.80 -14.69 59.17
C CYS B 398 25.89 -15.60 58.37
N HIS B 399 24.59 -15.32 58.44
CA HIS B 399 23.58 -16.16 57.82
C HIS B 399 23.62 -16.02 56.30
N HIS B 400 22.77 -16.80 55.63
CA HIS B 400 22.68 -16.79 54.17
C HIS B 400 21.52 -15.97 53.63
N ARG B 401 20.48 -15.73 54.43
CA ARG B 401 19.35 -14.95 53.97
C ARG B 401 19.78 -13.53 53.65
N TYR B 402 19.27 -12.99 52.55
CA TYR B 402 19.69 -11.69 52.07
C TYR B 402 18.51 -10.76 51.82
N ALA B 403 18.81 -9.53 51.43
CA ALA B 403 17.80 -8.59 50.94
C ALA B 403 18.10 -8.30 49.48
N GLU B 404 17.28 -7.44 48.88
CA GLU B 404 17.45 -7.07 47.48
C GLU B 404 17.63 -5.56 47.40
N LEU B 405 18.58 -5.13 46.57
CA LEU B 405 18.70 -3.72 46.21
C LEU B 405 18.48 -3.60 44.71
N TYR B 406 17.34 -3.03 44.33
CA TYR B 406 16.99 -2.82 42.94
C TYR B 406 17.29 -1.37 42.60
N VAL B 407 18.12 -1.16 41.58
CA VAL B 407 18.47 0.16 41.08
C VAL B 407 18.21 0.16 39.58
N ILE B 408 17.56 1.20 39.09
CA ILE B 408 17.18 1.28 37.69
C ILE B 408 17.79 2.53 37.08
N ASP B 409 18.42 2.38 35.92
CA ASP B 409 18.89 3.52 35.11
C ASP B 409 17.72 3.96 34.25
N VAL B 410 16.82 4.75 34.85
CA VAL B 410 15.60 5.18 34.19
C VAL B 410 15.85 6.17 33.06
N ASN B 411 17.09 6.56 32.81
CA ASN B 411 17.36 7.61 31.85
C ASN B 411 17.26 7.12 30.42
N ILE B 412 16.06 7.19 29.84
CA ILE B 412 15.86 6.92 28.42
C ILE B 412 15.60 8.25 27.71
N ASN B 413 16.46 8.60 26.77
CA ASN B 413 16.36 9.85 26.03
C ASN B 413 15.51 9.64 24.79
N ILE B 414 14.36 10.31 24.74
CA ILE B 414 13.40 10.16 23.65
C ILE B 414 13.64 11.29 22.67
N SER B 415 13.61 10.96 21.38
CA SER B 415 13.81 11.95 20.33
C SER B 415 12.60 11.95 19.40
N CYS B 416 12.38 13.06 18.72
CA CYS B 416 11.21 13.22 17.88
C CYS B 416 11.59 13.99 16.62
N GLU B 417 10.73 13.90 15.61
CA GLU B 417 10.98 14.48 14.30
C GLU B 417 9.65 14.64 13.58
N THR B 418 9.44 15.79 12.95
CA THR B 418 8.18 16.11 12.29
C THR B 418 8.39 16.07 10.77
N ASP B 419 7.46 15.44 10.08
CA ASP B 419 7.56 15.27 8.63
C ASP B 419 7.53 16.63 7.94
N GLY B 420 8.15 16.68 6.76
CA GLY B 420 8.24 17.93 6.04
C GLY B 420 6.88 18.47 5.62
N TYR B 421 5.94 17.57 5.32
CA TYR B 421 4.59 17.99 4.99
C TYR B 421 3.78 18.43 6.19
N LEU B 422 4.34 18.30 7.39
CA LEU B 422 3.68 18.73 8.63
C LEU B 422 2.36 17.98 8.84
N THR B 423 2.43 16.66 8.81
CA THR B 423 1.27 15.80 9.04
C THR B 423 1.47 14.85 10.21
N LYS B 424 2.64 14.24 10.33
CA LYS B 424 2.89 13.22 11.34
C LYS B 424 4.12 13.59 12.15
N MET B 425 4.23 12.98 13.32
CA MET B 425 5.37 13.19 14.21
C MET B 425 5.88 11.85 14.69
N THR B 426 7.12 11.52 14.33
CA THR B 426 7.72 10.24 14.65
C THR B 426 8.64 10.39 15.85
N CYS B 427 8.44 9.56 16.87
CA CYS B 427 9.24 9.63 18.08
C CYS B 427 9.82 8.24 18.36
N ARG B 428 11.10 8.22 18.73
CA ARG B 428 11.82 6.97 18.95
C ARG B 428 12.62 7.05 20.24
N TRP B 429 12.89 5.87 20.80
CA TRP B 429 13.65 5.77 22.04
C TRP B 429 14.33 4.40 22.10
N SER B 430 15.49 4.36 22.74
CA SER B 430 16.29 3.15 22.82
C SER B 430 16.36 2.63 24.25
N THR B 431 16.48 1.32 24.37
CA THR B 431 16.54 0.67 25.67
C THR B 431 17.69 -0.32 25.76
N SER B 432 18.71 -0.15 24.92
CA SER B 432 19.89 -1.00 24.92
C SER B 432 20.83 -0.69 26.09
N THR B 433 20.40 0.15 27.02
CA THR B 433 21.13 0.43 28.25
C THR B 433 20.38 -0.04 29.49
N ILE B 434 19.20 -0.66 29.31
CA ILE B 434 18.37 -1.10 30.43
C ILE B 434 18.92 -2.33 31.12
N GLN B 435 20.10 -2.82 30.71
CA GLN B 435 20.58 -4.11 31.19
C GLN B 435 21.03 -4.03 32.63
N SER B 436 20.10 -3.65 33.50
CA SER B 436 20.24 -3.75 34.95
C SER B 436 19.18 -4.66 35.55
N LEU B 437 17.92 -4.41 35.24
CA LEU B 437 16.78 -5.21 35.68
C LEU B 437 15.84 -5.46 34.52
N ALA B 438 16.39 -6.02 33.44
CA ALA B 438 15.61 -6.28 32.22
C ALA B 438 14.43 -7.20 32.52
N GLU B 439 13.60 -7.38 31.48
CA GLU B 439 12.27 -8.00 31.36
C GLU B 439 11.19 -7.09 31.94
N SER B 440 11.56 -5.96 32.53
CA SER B 440 10.56 -4.97 32.92
C SER B 440 9.90 -4.39 31.68
N THR B 441 8.58 -4.27 31.72
CA THR B 441 7.83 -3.80 30.56
C THR B 441 7.91 -2.28 30.47
N LEU B 442 7.94 -1.77 29.25
CA LEU B 442 8.12 -0.34 29.01
C LEU B 442 6.96 0.18 28.17
N GLN B 443 6.36 1.29 28.61
CA GLN B 443 5.23 1.84 27.87
C GLN B 443 5.29 3.36 27.89
N LEU B 444 4.99 3.97 26.75
CA LEU B 444 5.06 5.42 26.60
C LEU B 444 3.74 6.06 26.98
N ARG B 445 3.84 7.18 27.70
CA ARG B 445 2.68 7.97 28.09
C ARG B 445 2.88 9.40 27.63
N TYR B 446 1.80 10.01 27.12
CA TYR B 446 1.88 11.38 26.64
C TYR B 446 0.73 12.20 27.20
N HIS B 447 0.99 13.50 27.34
CA HIS B 447 0.03 14.45 27.88
C HIS B 447 0.11 15.71 27.03
N ARG B 448 -1.03 16.36 26.83
CA ARG B 448 -1.16 17.48 25.91
C ARG B 448 -1.58 18.74 26.64
N SER B 449 -1.10 19.88 26.14
CA SER B 449 -1.52 21.18 26.64
C SER B 449 -1.87 22.06 25.44
N SER B 450 -2.87 22.91 25.64
CA SER B 450 -3.42 23.71 24.52
C SER B 450 -2.33 24.45 23.76
N LEU B 451 -1.71 25.46 24.35
CA LEU B 451 -0.62 26.10 23.56
C LEU B 451 0.75 25.61 24.04
N TYR B 452 1.71 26.50 24.37
CA TYR B 452 3.09 26.04 24.66
C TYR B 452 3.24 25.41 26.05
N CYS B 453 4.27 24.58 26.27
CA CYS B 453 4.46 23.97 27.58
C CYS B 453 5.22 24.91 28.51
N SER B 454 4.84 24.85 29.80
CA SER B 454 5.41 25.75 30.78
C SER B 454 6.81 25.30 31.18
N ASP B 455 7.57 26.23 31.77
CA ASP B 455 8.93 25.96 32.20
C ASP B 455 9.02 25.33 33.58
N ILE B 456 7.93 25.31 34.35
CA ILE B 456 7.93 24.70 35.67
C ILE B 456 7.92 23.18 35.51
N PRO B 457 8.91 22.47 36.04
CA PRO B 457 8.94 21.01 35.86
C PRO B 457 7.98 20.32 36.82
N SER B 458 7.05 19.56 36.25
CA SER B 458 6.10 18.79 37.04
C SER B 458 5.47 17.73 36.17
N ILE B 459 5.57 16.47 36.59
CA ILE B 459 4.92 15.36 35.89
C ILE B 459 3.42 15.48 36.09
N HIS B 460 2.69 15.60 34.99
CA HIS B 460 1.28 15.95 35.09
C HIS B 460 0.49 14.75 35.63
N PRO B 461 -0.50 14.98 36.51
CA PRO B 461 -1.16 13.85 37.16
C PRO B 461 -1.83 12.87 36.22
N ILE B 462 -2.44 13.32 35.13
CA ILE B 462 -3.10 12.42 34.20
C ILE B 462 -2.20 12.18 33.00
N SER B 463 -2.50 11.13 32.25
CA SER B 463 -1.70 10.75 31.09
C SER B 463 -2.53 9.89 30.16
N GLU B 464 -2.08 9.75 28.93
CA GLU B 464 -2.71 8.86 27.97
C GLU B 464 -1.69 7.87 27.44
N PRO B 465 -1.97 6.57 27.45
CA PRO B 465 -1.00 5.59 26.95
C PRO B 465 -0.86 5.68 25.45
N LYS B 466 0.29 5.25 24.95
CA LYS B 466 0.51 5.15 23.51
C LYS B 466 1.39 3.93 23.26
N ASP B 467 0.94 3.04 22.39
CA ASP B 467 1.67 1.82 22.07
C ASP B 467 2.64 2.06 20.92
N CYS B 468 3.92 1.93 21.20
CA CYS B 468 4.95 2.11 20.19
C CYS B 468 5.51 0.76 19.76
N TYR B 469 5.66 0.59 18.45
CA TYR B 469 6.03 -0.69 17.85
C TYR B 469 7.54 -0.84 17.79
N LEU B 470 8.00 -2.09 17.86
CA LEU B 470 9.42 -2.37 17.95
C LEU B 470 10.04 -2.42 16.55
N GLN B 471 11.28 -1.94 16.45
CA GLN B 471 11.99 -1.83 15.19
C GLN B 471 13.27 -2.65 15.25
N SER B 472 13.72 -3.08 14.06
CA SER B 472 14.84 -4.00 13.95
C SER B 472 16.17 -3.41 14.38
N ASP B 473 16.25 -2.08 14.56
CA ASP B 473 17.50 -1.43 14.92
C ASP B 473 17.71 -1.31 16.41
N GLY B 474 16.88 -1.98 17.22
CA GLY B 474 16.98 -1.86 18.66
C GLY B 474 16.29 -0.65 19.24
N PHE B 475 15.45 0.02 18.45
CA PHE B 475 14.74 1.20 18.89
C PHE B 475 13.24 0.94 18.87
N TYR B 476 12.50 1.66 19.70
CA TYR B 476 11.05 1.67 19.67
C TYR B 476 10.60 2.95 18.99
N GLU B 477 9.79 2.82 17.95
CA GLU B 477 9.36 3.93 17.11
C GLU B 477 7.84 3.98 17.07
N CYS B 478 7.28 5.19 17.17
CA CYS B 478 5.84 5.33 17.09
C CYS B 478 5.46 6.72 16.61
N ILE B 479 4.29 6.80 15.97
CA ILE B 479 3.90 7.94 15.14
C ILE B 479 2.62 8.55 15.70
N PHE B 480 2.62 9.87 15.82
CA PHE B 480 1.41 10.62 16.15
C PHE B 480 0.86 11.24 14.88
N GLN B 481 -0.42 10.99 14.60
CA GLN B 481 -1.09 11.49 13.41
C GLN B 481 -2.60 11.50 13.63
N PRO B 482 -3.28 12.65 13.47
CA PRO B 482 -2.76 13.96 13.07
C PRO B 482 -2.06 14.68 14.21
N ILE B 483 -1.41 15.80 13.92
CA ILE B 483 -0.56 16.49 14.88
C ILE B 483 -1.12 17.87 15.15
N PHE B 484 -0.91 18.34 16.38
CA PHE B 484 -1.16 19.73 16.75
C PHE B 484 0.18 20.45 16.76
N LEU B 485 0.30 21.49 15.93
CA LEU B 485 1.60 22.06 15.64
C LEU B 485 2.19 22.78 16.83
N LEU B 486 1.43 23.65 17.47
CA LEU B 486 1.94 24.50 18.54
C LEU B 486 1.36 24.11 19.89
N SER B 487 1.20 22.82 20.13
CA SER B 487 0.70 22.32 21.41
C SER B 487 1.79 21.55 22.14
N GLY B 488 1.75 21.64 23.46
CA GLY B 488 2.81 21.07 24.27
C GLY B 488 2.67 19.60 24.57
N TYR B 489 3.42 18.77 23.85
CA TYR B 489 3.43 17.33 24.07
C TYR B 489 4.49 17.03 25.12
N THR B 490 4.06 16.64 26.31
CA THR B 490 4.99 16.15 27.32
C THR B 490 4.86 14.63 27.38
N MET B 491 5.94 13.93 27.04
CA MET B 491 5.91 12.49 26.85
C MET B 491 7.07 11.86 27.61
N TRP B 492 6.82 10.68 28.17
CA TRP B 492 7.88 9.95 28.86
C TRP B 492 7.55 8.46 28.88
N ILE B 493 8.39 7.68 29.55
CA ILE B 493 8.33 6.23 29.54
C ILE B 493 8.12 5.74 30.96
N ARG B 494 7.10 4.91 31.17
CA ARG B 494 6.90 4.23 32.43
C ARG B 494 7.45 2.81 32.34
N ILE B 495 8.14 2.39 33.39
CA ILE B 495 8.69 1.05 33.51
C ILE B 495 7.91 0.30 34.59
N ASN B 496 7.54 -0.93 34.26
CA ASN B 496 6.86 -1.84 35.15
C ASN B 496 7.80 -2.98 35.50
N HIS B 497 8.10 -3.13 36.79
CA HIS B 497 8.93 -4.21 37.29
C HIS B 497 8.12 -4.99 38.32
N SER B 498 8.51 -6.25 38.53
CA SER B 498 7.82 -7.11 39.47
C SER B 498 7.81 -6.54 40.88
N LEU B 499 8.52 -5.44 41.11
CA LEU B 499 8.52 -4.80 42.41
C LEU B 499 7.70 -3.51 42.43
N GLY B 500 7.56 -2.83 41.30
CA GLY B 500 6.76 -1.61 41.25
C GLY B 500 6.68 -0.96 39.89
N SER B 501 6.52 0.36 39.88
CA SER B 501 6.48 1.12 38.64
C SER B 501 7.29 2.41 38.83
N LEU B 502 7.87 2.89 37.74
CA LEU B 502 8.72 4.08 37.81
C LEU B 502 8.60 4.91 36.54
N ASP B 503 8.96 6.19 36.67
CA ASP B 503 8.83 7.18 35.61
C ASP B 503 10.17 7.84 35.34
N SER B 504 10.47 8.06 34.07
CA SER B 504 11.62 8.86 33.70
C SER B 504 11.24 10.34 33.69
N PRO B 505 12.21 11.24 33.87
CA PRO B 505 11.90 12.66 33.83
C PRO B 505 11.32 13.06 32.49
N PRO B 506 10.37 13.98 32.48
CA PRO B 506 9.70 14.34 31.23
C PRO B 506 10.50 15.27 30.35
N THR B 507 10.19 15.25 29.06
CA THR B 507 10.84 16.10 28.06
C THR B 507 9.76 16.66 27.14
N CYS B 508 9.40 17.92 27.34
CA CYS B 508 8.44 18.57 26.44
C CYS B 508 9.00 18.67 25.03
N VAL B 509 8.14 18.46 24.04
CA VAL B 509 8.51 18.62 22.64
C VAL B 509 7.41 19.41 21.96
N LEU B 510 7.79 20.44 21.21
CA LEU B 510 6.84 21.24 20.46
C LEU B 510 6.93 20.86 18.98
N PRO B 511 5.86 20.34 18.38
CA PRO B 511 5.99 19.77 17.03
C PRO B 511 6.34 20.77 15.94
N ASP B 512 6.52 22.04 16.29
CA ASP B 512 6.95 23.04 15.32
C ASP B 512 8.43 23.37 15.42
N SER B 513 9.08 23.04 16.53
CA SER B 513 10.49 23.35 16.73
C SER B 513 11.40 22.21 16.31
N VAL B 514 10.86 21.12 15.79
CA VAL B 514 11.68 19.95 15.45
C VAL B 514 11.40 19.53 14.02
N VAL B 515 10.85 20.44 13.22
CA VAL B 515 10.54 20.14 11.82
C VAL B 515 11.83 19.98 11.03
N LYS B 516 11.83 19.03 10.11
CA LYS B 516 12.97 18.79 9.21
C LYS B 516 12.54 19.10 7.78
N PRO B 517 12.92 20.25 7.25
CA PRO B 517 12.35 20.70 5.97
C PRO B 517 12.75 19.81 4.81
N LEU B 518 11.98 19.92 3.74
CA LEU B 518 12.27 19.20 2.52
C LEU B 518 13.50 19.78 1.83
N PRO B 519 14.21 18.97 1.04
CA PRO B 519 15.32 19.52 0.26
C PRO B 519 14.82 20.50 -0.78
N PRO B 520 15.63 21.48 -1.16
CA PRO B 520 15.21 22.44 -2.19
C PRO B 520 14.95 21.74 -3.52
N SER B 521 14.01 22.30 -4.28
CA SER B 521 13.59 21.74 -5.55
C SER B 521 14.10 22.59 -6.71
N SER B 522 14.39 21.93 -7.83
CA SER B 522 14.86 22.57 -9.05
C SER B 522 16.15 23.36 -8.80
N VAL B 523 17.19 22.63 -8.42
CA VAL B 523 18.51 23.22 -8.18
C VAL B 523 19.28 23.19 -9.49
N LYS B 524 19.75 24.36 -9.93
CA LYS B 524 20.47 24.44 -11.20
C LYS B 524 21.62 25.43 -11.10
N ALA B 525 22.77 25.05 -11.64
CA ALA B 525 23.96 25.87 -11.62
C ALA B 525 24.48 26.07 -13.04
N GLU B 526 25.01 27.27 -13.32
CA GLU B 526 25.50 27.57 -14.65
C GLU B 526 26.63 28.59 -14.56
N ILE B 527 27.55 28.53 -15.51
CA ILE B 527 28.70 29.42 -15.53
C ILE B 527 28.32 30.71 -16.25
N THR B 528 28.49 31.84 -15.57
CA THR B 528 28.11 33.13 -16.13
C THR B 528 29.04 33.50 -17.28
N ILE B 529 28.47 34.14 -18.29
CA ILE B 529 29.18 34.54 -19.49
C ILE B 529 29.73 35.95 -19.29
N ASN B 530 30.90 36.21 -19.86
CA ASN B 530 31.57 37.50 -19.90
C ASN B 530 31.96 37.99 -18.51
N ILE B 531 31.73 37.21 -17.46
CA ILE B 531 32.13 37.56 -16.11
C ILE B 531 33.07 36.54 -15.50
N GLY B 532 32.77 35.25 -15.67
CA GLY B 532 33.58 34.19 -15.11
C GLY B 532 33.04 33.56 -13.84
N LEU B 533 31.97 34.12 -13.27
CA LEU B 533 31.40 33.61 -12.03
C LEU B 533 30.58 32.35 -12.31
N LEU B 534 30.25 31.64 -11.23
CA LEU B 534 29.36 30.50 -11.25
C LEU B 534 28.11 30.89 -10.48
N LYS B 535 26.95 30.80 -11.11
CA LYS B 535 25.69 31.22 -10.52
C LYS B 535 24.81 30.01 -10.28
N ILE B 536 24.35 29.87 -9.04
CA ILE B 536 23.50 28.76 -8.63
C ILE B 536 22.14 29.33 -8.23
N SER B 537 21.07 28.72 -8.73
CA SER B 537 19.72 29.13 -8.44
C SER B 537 18.90 27.94 -7.96
N TRP B 538 17.97 28.21 -7.04
CA TRP B 538 17.19 27.19 -6.38
C TRP B 538 15.85 27.79 -5.95
N GLU B 539 14.89 26.93 -5.69
CA GLU B 539 13.56 27.33 -5.23
C GLU B 539 13.29 26.74 -3.87
N LYS B 540 12.80 27.57 -2.95
CA LYS B 540 12.60 27.16 -1.57
C LYS B 540 11.45 26.16 -1.47
N PRO B 541 11.47 25.31 -0.45
CA PRO B 541 10.41 24.31 -0.30
C PRO B 541 9.09 24.96 0.11
N VAL B 542 8.03 24.16 0.04
CA VAL B 542 6.69 24.65 0.36
C VAL B 542 6.59 24.96 1.85
N PHE B 543 6.78 23.94 2.69
CA PHE B 543 6.77 24.08 4.14
C PHE B 543 8.20 23.98 4.69
N PRO B 544 8.50 24.67 5.79
CA PRO B 544 7.64 25.56 6.57
C PRO B 544 7.49 26.95 5.97
N GLU B 545 6.90 27.88 6.73
CA GLU B 545 6.63 29.22 6.24
C GLU B 545 7.34 30.28 7.07
N ASN B 546 8.43 29.92 7.72
CA ASN B 546 9.28 30.87 8.42
C ASN B 546 10.43 31.28 7.50
N ASN B 547 11.40 32.02 8.03
CA ASN B 547 12.60 32.31 7.28
C ASN B 547 13.50 31.09 7.22
N LEU B 548 14.43 31.11 6.26
CA LEU B 548 15.34 29.98 6.07
C LEU B 548 16.74 30.48 5.72
N GLN B 549 17.73 29.70 6.12
CA GLN B 549 19.11 29.88 5.68
C GLN B 549 19.50 28.72 4.76
N PHE B 550 20.59 28.90 4.03
CA PHE B 550 20.97 27.92 3.02
C PHE B 550 22.47 27.65 3.09
N GLN B 551 22.83 26.38 2.91
CA GLN B 551 24.22 25.98 2.75
C GLN B 551 24.39 25.34 1.39
N ILE B 552 25.43 25.76 0.67
CA ILE B 552 25.67 25.36 -0.71
C ILE B 552 27.10 24.86 -0.83
N ARG B 553 27.27 23.68 -1.41
CA ARG B 553 28.59 23.12 -1.62
C ARG B 553 28.81 22.80 -3.08
N TYR B 554 30.04 23.07 -3.54
CA TYR B 554 30.37 22.88 -4.94
C TYR B 554 31.74 22.24 -5.08
N GLY B 555 31.96 21.64 -6.25
CA GLY B 555 33.25 21.05 -6.54
C GLY B 555 33.31 20.55 -7.97
N LEU B 556 34.41 19.87 -8.28
CA LEU B 556 34.63 19.30 -9.61
C LEU B 556 34.12 17.86 -9.64
N SER B 557 33.52 17.47 -10.75
CA SER B 557 32.93 16.14 -10.86
C SER B 557 34.02 15.07 -10.89
N GLY B 558 33.64 13.87 -10.47
CA GLY B 558 34.56 12.75 -10.49
C GLY B 558 34.08 11.67 -9.55
N LYS B 559 34.81 10.54 -9.59
CA LYS B 559 34.51 9.44 -8.70
C LYS B 559 34.71 9.85 -7.24
N GLU B 560 35.79 10.56 -6.97
CA GLU B 560 36.04 11.17 -5.66
C GLU B 560 35.95 12.67 -5.81
N VAL B 561 35.10 13.30 -5.02
CA VAL B 561 34.72 14.70 -5.22
C VAL B 561 35.36 15.56 -4.14
N GLN B 562 35.61 16.81 -4.47
CA GLN B 562 36.09 17.81 -3.52
C GLN B 562 35.01 18.86 -3.31
N TRP B 563 34.92 19.37 -2.09
CA TRP B 563 33.79 20.20 -1.69
C TRP B 563 34.26 21.52 -1.07
N LYS B 564 33.57 22.59 -1.43
CA LYS B 564 33.71 23.89 -0.79
C LYS B 564 32.33 24.39 -0.42
N MET B 565 32.21 24.98 0.76
CA MET B 565 30.91 25.31 1.37
C MET B 565 30.77 26.82 1.50
N TYR B 566 29.55 27.31 1.23
CA TYR B 566 29.21 28.71 1.30
C TYR B 566 27.82 28.84 1.93
N GLU B 567 27.56 30.00 2.55
CA GLU B 567 26.36 30.17 3.34
C GLU B 567 25.59 31.40 2.90
N VAL B 568 24.26 31.28 2.90
CA VAL B 568 23.36 32.38 2.61
C VAL B 568 22.40 32.54 3.78
N TYR B 569 22.36 33.74 4.36
CA TYR B 569 21.50 34.01 5.51
C TYR B 569 20.25 34.79 5.15
N ASP B 570 20.31 35.69 4.17
CA ASP B 570 19.15 36.44 3.73
C ASP B 570 18.16 35.48 3.09
N ALA B 571 16.86 35.71 3.35
CA ALA B 571 15.84 34.76 2.92
C ALA B 571 15.30 35.07 1.53
N LYS B 572 15.38 36.31 1.09
CA LYS B 572 14.76 36.71 -0.18
C LYS B 572 15.62 36.38 -1.39
N SER B 573 16.89 36.02 -1.20
CA SER B 573 17.76 35.72 -2.32
C SER B 573 17.47 34.33 -2.86
N LYS B 574 17.48 34.19 -4.19
CA LYS B 574 17.26 32.91 -4.84
C LYS B 574 18.38 32.52 -5.80
N SER B 575 19.39 33.36 -5.98
CA SER B 575 20.51 33.04 -6.85
C SER B 575 21.77 33.63 -6.25
N VAL B 576 22.87 32.88 -6.29
CA VAL B 576 24.14 33.32 -5.72
C VAL B 576 25.25 33.09 -6.74
N SER B 577 26.14 34.06 -6.85
CA SER B 577 27.26 34.02 -7.80
C SER B 577 28.58 34.01 -7.03
N LEU B 578 29.44 33.05 -7.35
CA LEU B 578 30.72 32.93 -6.66
C LEU B 578 31.82 32.61 -7.66
N PRO B 579 33.06 33.06 -7.42
CA PRO B 579 34.13 32.83 -8.38
C PRO B 579 34.90 31.54 -8.14
N VAL B 580 35.34 30.93 -9.23
CA VAL B 580 36.16 29.71 -9.19
C VAL B 580 37.32 29.85 -10.18
N PRO B 581 38.47 29.22 -9.91
CA PRO B 581 39.60 29.33 -10.84
C PRO B 581 39.36 28.58 -12.15
N ASP B 582 38.95 27.31 -12.06
CA ASP B 582 38.75 26.51 -13.25
C ASP B 582 37.60 27.08 -14.09
N LEU B 583 37.69 26.89 -15.40
CA LEU B 583 36.74 27.56 -16.28
C LEU B 583 36.04 26.64 -17.27
N CYS B 584 36.48 25.40 -17.41
CA CYS B 584 35.66 24.42 -18.13
C CYS B 584 35.71 23.06 -17.45
N ALA B 585 35.59 23.05 -16.12
CA ALA B 585 35.45 21.78 -15.43
C ALA B 585 33.97 21.40 -15.37
N VAL B 586 33.71 20.10 -15.22
CA VAL B 586 32.35 19.61 -14.99
C VAL B 586 32.08 19.75 -13.50
N TYR B 587 31.17 20.64 -13.15
CA TYR B 587 30.96 21.06 -11.77
C TYR B 587 29.77 20.35 -11.16
N ALA B 588 29.77 20.29 -9.83
CA ALA B 588 28.66 19.72 -9.08
C ALA B 588 28.32 20.66 -7.93
N VAL B 589 27.03 20.93 -7.76
CA VAL B 589 26.52 21.87 -6.76
C VAL B 589 25.34 21.23 -6.04
N GLN B 590 25.33 21.34 -4.71
CA GLN B 590 24.21 20.87 -3.91
C GLN B 590 23.87 21.91 -2.85
N VAL B 591 22.61 21.92 -2.40
CA VAL B 591 22.13 22.89 -1.44
C VAL B 591 21.30 22.20 -0.36
N ARG B 592 21.15 22.88 0.77
CA ARG B 592 20.30 22.39 1.86
C ARG B 592 19.90 23.56 2.75
N CYS B 593 18.84 23.32 3.55
CA CYS B 593 18.15 24.40 4.27
C CYS B 593 18.10 24.14 5.77
N LYS B 594 17.62 25.15 6.49
CA LYS B 594 17.36 25.11 7.92
C LYS B 594 16.65 26.41 8.30
N ARG B 595 15.96 26.38 9.43
CA ARG B 595 15.30 27.59 9.93
C ARG B 595 16.33 28.57 10.48
N LEU B 596 16.06 29.87 10.29
CA LEU B 596 17.05 30.87 10.68
C LEU B 596 17.11 31.08 12.18
N ASP B 597 15.99 30.91 12.87
CA ASP B 597 15.95 31.14 14.31
C ASP B 597 16.78 30.13 15.10
N GLY B 598 17.24 29.06 14.46
CA GLY B 598 18.06 28.06 15.09
C GLY B 598 17.32 26.79 15.46
N LEU B 599 16.02 26.86 15.65
CA LEU B 599 15.23 25.67 15.95
C LEU B 599 14.98 24.86 14.69
N GLY B 600 15.17 23.56 14.79
CA GLY B 600 14.92 22.67 13.67
C GLY B 600 16.14 21.84 13.31
N TYR B 601 15.99 21.09 12.23
CA TYR B 601 17.00 20.17 11.74
C TYR B 601 17.45 20.60 10.34
N TRP B 602 18.55 20.01 9.89
CA TRP B 602 19.07 20.24 8.55
C TRP B 602 18.42 19.28 7.58
N SER B 603 18.08 19.79 6.40
CA SER B 603 17.44 18.98 5.38
C SER B 603 18.46 18.10 4.68
N ASN B 604 17.96 17.26 3.77
CA ASN B 604 18.84 16.44 2.95
C ASN B 604 19.60 17.32 1.97
N TRP B 605 20.44 16.67 1.16
CA TRP B 605 21.08 17.32 0.05
C TRP B 605 20.31 16.99 -1.22
N SER B 606 20.01 18.02 -2.01
CA SER B 606 19.22 17.81 -3.21
C SER B 606 20.00 16.99 -4.23
N ASN B 607 19.34 16.65 -5.32
CA ASN B 607 20.01 15.98 -6.42
C ASN B 607 21.04 16.94 -7.03
N PRO B 608 22.30 16.53 -7.15
CA PRO B 608 23.32 17.47 -7.62
C PRO B 608 23.06 17.92 -9.05
N ALA B 609 23.46 19.16 -9.34
CA ALA B 609 23.21 19.79 -10.62
C ALA B 609 24.54 19.97 -11.35
N TYR B 610 24.80 19.10 -12.31
CA TYR B 610 26.02 19.19 -13.11
C TYR B 610 25.94 20.37 -14.08
N THR B 611 27.10 20.83 -14.52
CA THR B 611 27.19 21.90 -15.49
C THR B 611 27.76 21.38 -16.80
N VAL B 612 27.51 22.13 -17.87
CA VAL B 612 27.94 21.77 -19.21
C VAL B 612 28.90 22.83 -19.70
N VAL B 613 30.05 22.39 -20.22
CA VAL B 613 31.07 23.33 -20.68
C VAL B 613 30.63 23.97 -21.98
N MET B 614 30.77 25.28 -22.06
CA MET B 614 30.41 26.07 -23.24
C MET B 614 31.32 27.28 -23.32
N ASP B 615 31.32 27.93 -24.47
CA ASP B 615 32.16 29.11 -24.66
C ASP B 615 31.79 30.19 -23.66
N ILE B 616 32.80 30.88 -23.14
CA ILE B 616 32.60 31.90 -22.13
C ILE B 616 33.07 33.26 -22.65
N LYS B 617 34.37 33.38 -22.93
CA LYS B 617 34.93 34.62 -23.44
C LYS B 617 35.70 34.32 -24.71
N VAL B 618 36.12 35.38 -25.39
CA VAL B 618 37.01 35.24 -26.55
C VAL B 618 38.38 34.83 -26.06
N PRO B 619 39.17 34.12 -26.87
CA PRO B 619 40.53 33.75 -26.44
C PRO B 619 41.33 34.99 -26.05
N MET B 620 42.10 34.84 -24.98
CA MET B 620 42.85 35.99 -24.44
C MET B 620 44.21 36.13 -25.08
N ARG B 621 44.83 35.02 -25.50
CA ARG B 621 46.14 35.07 -26.11
C ARG B 621 46.07 34.35 -27.44
N GLY B 622 46.75 34.88 -28.45
CA GLY B 622 46.82 34.21 -29.72
C GLY B 622 47.81 33.06 -29.67
N PRO B 623 47.91 32.28 -30.75
CA PRO B 623 48.89 31.21 -30.81
C PRO B 623 50.20 31.63 -31.45
N GLU B 624 51.20 30.77 -31.29
CA GLU B 624 52.50 31.00 -31.90
C GLU B 624 52.43 30.73 -33.41
N PHE B 625 53.52 31.07 -34.10
CA PHE B 625 53.67 30.75 -35.51
C PHE B 625 55.11 30.99 -35.93
N TRP B 626 55.55 30.30 -36.97
CA TRP B 626 56.95 30.38 -37.39
C TRP B 626 57.12 30.08 -38.88
N ARG B 627 58.27 30.52 -39.39
CA ARG B 627 58.73 30.44 -40.77
C ARG B 627 59.44 29.12 -41.03
N ILE B 628 58.92 28.34 -42.00
CA ILE B 628 59.55 27.15 -42.51
C ILE B 628 59.57 27.26 -44.04
N ILE B 629 59.68 28.50 -44.53
CA ILE B 629 59.52 28.79 -45.96
C ILE B 629 60.52 27.99 -46.78
N ASN B 630 60.03 27.34 -47.84
CA ASN B 630 60.86 26.50 -48.71
C ASN B 630 61.06 27.14 -50.08
N GLY B 631 60.87 28.45 -50.21
CA GLY B 631 61.04 29.13 -51.48
C GLY B 631 62.50 29.32 -51.85
N ASP B 632 62.70 29.86 -53.05
CA ASP B 632 64.03 30.12 -53.57
C ASP B 632 64.36 31.60 -53.46
N THR B 633 65.66 31.90 -53.54
CA THR B 633 66.13 33.26 -53.23
C THR B 633 65.65 34.28 -54.24
N MET B 634 65.84 34.01 -55.53
CA MET B 634 65.54 35.02 -56.55
C MET B 634 64.04 35.15 -56.81
N LYS B 635 63.24 34.16 -56.41
CA LYS B 635 61.81 34.22 -56.68
C LYS B 635 61.09 35.03 -55.62
N LYS B 636 60.44 36.11 -56.06
CA LYS B 636 59.56 36.86 -55.17
C LYS B 636 58.40 36.04 -54.69
N GLU B 637 57.76 35.28 -55.58
CA GLU B 637 56.69 34.35 -55.20
C GLU B 637 57.33 33.08 -54.68
N LYS B 638 57.65 33.05 -53.39
CA LYS B 638 58.34 31.95 -52.76
C LYS B 638 57.35 31.12 -51.96
N ASN B 639 57.59 29.81 -51.89
CA ASN B 639 56.67 28.88 -51.25
C ASN B 639 56.76 29.06 -49.73
N VAL B 640 55.86 29.88 -49.21
CA VAL B 640 55.82 30.22 -47.79
C VAL B 640 55.06 29.13 -47.05
N THR B 641 55.66 28.59 -45.99
CA THR B 641 54.97 27.66 -45.12
C THR B 641 55.07 28.14 -43.67
N LEU B 642 53.93 28.06 -42.96
CA LEU B 642 53.82 28.49 -41.58
C LEU B 642 53.31 27.34 -40.73
N LEU B 643 53.92 27.17 -39.56
CA LEU B 643 53.57 26.13 -38.62
C LEU B 643 52.99 26.76 -37.36
N TRP B 644 51.99 26.11 -36.77
CA TRP B 644 51.51 26.53 -35.46
C TRP B 644 50.99 25.32 -34.71
N LYS B 645 51.26 25.28 -33.41
CA LYS B 645 50.70 24.16 -32.67
C LYS B 645 49.28 24.48 -32.24
N PRO B 646 48.38 23.50 -32.23
CA PRO B 646 47.00 23.76 -31.80
C PRO B 646 46.98 24.31 -30.38
N LEU B 647 46.17 25.34 -30.19
CA LEU B 647 46.15 26.01 -28.90
C LEU B 647 45.53 25.10 -27.85
N MET B 648 46.00 25.21 -26.63
CA MET B 648 45.63 24.28 -25.58
C MET B 648 44.25 24.63 -25.03
N LYS B 649 43.92 24.01 -23.91
CA LYS B 649 42.58 24.15 -23.33
C LYS B 649 42.44 25.45 -22.54
N ASN B 650 43.36 25.68 -21.61
CA ASN B 650 43.18 26.71 -20.59
C ASN B 650 43.57 28.10 -21.05
N ASP B 651 43.70 28.35 -22.35
CA ASP B 651 44.03 29.69 -22.83
C ASP B 651 42.96 30.27 -23.73
N SER B 652 42.47 29.50 -24.71
CA SER B 652 41.37 29.92 -25.56
C SER B 652 40.02 29.51 -25.01
N LEU B 653 39.96 29.29 -23.69
CA LEU B 653 38.72 28.95 -23.01
C LEU B 653 38.10 27.68 -23.57
N CYS B 654 38.96 26.66 -23.72
CA CYS B 654 38.56 25.26 -23.72
C CYS B 654 37.90 24.80 -25.00
N SER B 655 37.65 25.72 -25.93
CA SER B 655 37.09 25.36 -27.22
C SER B 655 37.66 26.23 -28.32
N VAL B 656 38.11 25.58 -29.40
CA VAL B 656 38.38 26.24 -30.66
C VAL B 656 37.88 25.32 -31.77
N GLN B 657 37.16 25.90 -32.74
CA GLN B 657 36.65 25.13 -33.87
C GLN B 657 37.20 25.65 -35.19
N ARG B 658 37.20 26.96 -35.39
CA ARG B 658 37.73 27.58 -36.59
C ARG B 658 38.89 28.48 -36.21
N TYR B 659 39.88 28.55 -37.08
CA TYR B 659 40.98 29.49 -36.96
C TYR B 659 40.78 30.60 -37.98
N VAL B 660 41.73 31.53 -38.03
CA VAL B 660 41.78 32.48 -39.13
C VAL B 660 43.21 32.99 -39.29
N ILE B 661 43.70 32.99 -40.53
CA ILE B 661 45.07 33.40 -40.81
C ILE B 661 45.10 34.81 -41.41
N ASN B 662 45.24 35.79 -40.53
CA ASN B 662 45.27 37.18 -40.99
C ASN B 662 46.51 37.42 -41.83
N HIS B 663 46.33 38.20 -42.88
CA HIS B 663 47.40 38.58 -43.80
C HIS B 663 47.40 40.09 -43.98
N HIS B 664 48.56 40.66 -44.27
CA HIS B 664 48.62 42.11 -44.45
C HIS B 664 49.78 42.45 -45.40
N THR B 665 49.44 43.15 -46.47
CA THR B 665 50.43 43.67 -47.41
C THR B 665 50.73 45.14 -47.08
N SER B 666 51.74 45.67 -47.78
CA SER B 666 52.00 47.10 -47.70
C SER B 666 50.80 47.91 -48.21
N CYS B 667 49.98 47.30 -49.07
CA CYS B 667 48.74 47.90 -49.52
C CYS B 667 47.54 47.44 -48.72
N ASN B 668 47.76 46.88 -47.53
CA ASN B 668 46.69 46.45 -46.62
C ASN B 668 45.83 45.35 -47.25
N GLY B 669 46.48 44.32 -47.77
CA GLY B 669 45.77 43.16 -48.28
C GLY B 669 45.38 42.23 -47.15
N THR B 670 44.09 42.18 -46.81
CA THR B 670 43.63 41.51 -45.60
C THR B 670 42.88 40.21 -45.90
N TRP B 671 43.25 39.49 -46.95
CA TRP B 671 42.64 38.19 -47.22
C TRP B 671 43.06 37.22 -46.13
N SER B 672 42.15 36.92 -45.21
CA SER B 672 42.45 36.11 -44.04
C SER B 672 41.92 34.68 -44.12
N GLU B 673 40.94 34.42 -45.00
CA GLU B 673 40.32 33.11 -45.18
C GLU B 673 40.10 32.34 -43.87
N ASP B 674 40.15 31.02 -43.93
CA ASP B 674 39.78 30.19 -42.78
C ASP B 674 40.54 28.87 -42.87
N VAL B 675 41.52 28.69 -41.98
CA VAL B 675 42.27 27.44 -41.96
C VAL B 675 41.42 26.29 -41.45
N GLY B 676 40.56 26.53 -40.47
CA GLY B 676 39.69 25.48 -39.96
C GLY B 676 40.38 24.71 -38.86
N ASN B 677 40.22 23.38 -38.87
CA ASN B 677 40.93 22.51 -37.94
C ASN B 677 42.34 22.19 -38.41
N HIS B 678 42.71 22.63 -39.61
CA HIS B 678 44.04 22.34 -40.12
C HIS B 678 45.06 23.20 -39.38
N THR B 679 46.29 22.69 -39.25
CA THR B 679 47.30 23.37 -38.46
C THR B 679 48.51 23.83 -39.26
N LYS B 680 48.54 23.57 -40.57
CA LYS B 680 49.65 23.96 -41.42
C LYS B 680 49.16 25.02 -42.39
N PHE B 681 50.05 25.88 -42.88
CA PHE B 681 49.58 26.80 -43.91
C PHE B 681 50.68 27.09 -44.92
N THR B 682 50.27 27.50 -46.12
CA THR B 682 51.18 27.94 -47.16
C THR B 682 50.63 29.19 -47.84
N PHE B 683 51.52 30.15 -48.11
CA PHE B 683 51.19 31.38 -48.82
C PHE B 683 52.26 31.67 -49.87
N LEU B 684 51.86 32.39 -50.91
CA LEU B 684 52.67 32.51 -52.12
C LEU B 684 53.70 33.63 -52.07
N TRP B 685 53.62 34.55 -51.12
CA TRP B 685 54.52 35.70 -51.01
C TRP B 685 54.46 36.55 -52.29
N THR B 686 53.29 37.16 -52.49
CA THR B 686 53.07 37.94 -53.70
C THR B 686 53.86 39.25 -53.68
N GLU B 687 53.81 39.98 -52.57
CA GLU B 687 54.33 41.33 -52.53
C GLU B 687 55.73 41.37 -51.94
N GLN B 688 56.30 42.58 -51.82
CA GLN B 688 57.67 42.75 -51.36
C GLN B 688 57.78 42.63 -49.85
N ALA B 689 57.11 43.53 -49.13
CA ALA B 689 57.15 43.55 -47.66
C ALA B 689 55.82 43.03 -47.14
N HIS B 690 55.89 42.01 -46.27
CA HIS B 690 54.71 41.28 -45.86
C HIS B 690 54.63 41.27 -44.34
N THR B 691 53.41 41.22 -43.81
CA THR B 691 53.19 41.02 -42.38
C THR B 691 52.09 39.99 -42.20
N VAL B 692 52.25 39.14 -41.18
CA VAL B 692 51.34 38.03 -40.95
C VAL B 692 50.83 38.10 -39.53
N THR B 693 49.72 37.42 -39.29
CA THR B 693 49.11 37.35 -37.97
C THR B 693 48.15 36.17 -37.93
N VAL B 694 48.14 35.46 -36.81
CA VAL B 694 47.28 34.30 -36.61
C VAL B 694 46.24 34.69 -35.56
N LEU B 695 44.99 34.36 -35.80
CA LEU B 695 43.92 34.63 -34.86
C LEU B 695 43.04 33.41 -34.66
N ALA B 696 42.50 33.28 -33.45
CA ALA B 696 41.60 32.19 -33.09
C ALA B 696 40.20 32.74 -32.92
N ILE B 697 39.22 32.07 -33.52
CA ILE B 697 37.82 32.48 -33.43
C ILE B 697 37.03 31.34 -32.81
N ASN B 698 36.35 31.63 -31.71
CA ASN B 698 35.43 30.71 -31.07
C ASN B 698 33.99 31.14 -31.39
N SER B 699 33.03 30.47 -30.74
CA SER B 699 31.64 30.86 -30.93
C SER B 699 31.37 32.27 -30.42
N ILE B 700 32.12 32.72 -29.42
CA ILE B 700 31.91 34.05 -28.87
C ILE B 700 32.36 35.11 -29.87
N GLY B 701 33.51 34.91 -30.50
CA GLY B 701 34.01 35.89 -31.44
C GLY B 701 35.46 35.62 -31.80
N ALA B 702 36.10 36.65 -32.31
CA ALA B 702 37.48 36.56 -32.80
C ALA B 702 38.47 36.99 -31.73
N SER B 703 39.74 36.75 -32.02
CA SER B 703 40.81 37.13 -31.10
C SER B 703 40.91 38.64 -30.99
N VAL B 704 41.36 39.10 -29.82
CA VAL B 704 41.50 40.52 -29.54
C VAL B 704 42.96 40.92 -29.37
N ALA B 705 43.76 40.07 -28.72
CA ALA B 705 45.19 40.27 -28.56
C ALA B 705 45.92 39.19 -29.33
N ASN B 706 46.99 39.56 -30.01
CA ASN B 706 47.58 38.68 -31.00
C ASN B 706 49.10 38.85 -31.06
N PHE B 707 49.76 37.85 -31.63
CA PHE B 707 51.13 37.96 -32.04
C PHE B 707 51.21 38.75 -33.35
N ASN B 708 52.44 38.95 -33.83
CA ASN B 708 52.68 39.59 -35.11
C ASN B 708 54.09 39.25 -35.58
N LEU B 709 54.32 39.42 -36.88
CA LEU B 709 55.64 39.23 -37.45
C LEU B 709 55.74 40.00 -38.76
N THR B 710 56.94 40.47 -39.08
CA THR B 710 57.18 41.28 -40.27
C THR B 710 58.29 40.66 -41.11
N PHE B 711 58.32 41.04 -42.38
CA PHE B 711 59.25 40.48 -43.34
C PHE B 711 60.07 41.59 -43.99
N SER B 712 61.35 41.31 -44.24
CA SER B 712 62.26 42.31 -44.79
C SER B 712 63.38 41.60 -45.54
N TRP B 713 63.36 41.71 -46.88
CA TRP B 713 64.49 41.23 -47.68
C TRP B 713 65.80 41.91 -47.33
N PRO B 714 65.88 43.25 -47.19
CA PRO B 714 67.20 43.88 -47.08
C PRO B 714 67.98 43.45 -45.84
N MET B 715 67.46 43.71 -44.64
CA MET B 715 68.34 43.43 -43.52
C MET B 715 68.44 41.94 -43.23
N SER B 716 67.76 41.10 -44.00
CA SER B 716 68.07 39.68 -43.98
C SER B 716 69.56 39.44 -44.20
N LYS B 717 70.30 40.45 -44.67
CA LYS B 717 71.75 40.39 -44.76
C LYS B 717 72.46 41.09 -43.61
N VAL B 718 71.93 41.11 -42.39
CA VAL B 718 72.63 41.66 -41.24
C VAL B 718 72.95 40.50 -40.30
N ASN B 719 74.00 40.65 -39.51
CA ASN B 719 74.39 39.66 -38.51
C ASN B 719 74.68 40.37 -37.20
N ILE B 720 74.14 39.84 -36.11
CA ILE B 720 74.38 40.39 -34.78
C ILE B 720 75.06 39.32 -33.94
N VAL B 721 74.84 38.06 -34.30
CA VAL B 721 75.46 36.93 -33.62
C VAL B 721 76.70 36.50 -34.39
N GLN B 722 77.81 36.31 -33.67
CA GLN B 722 79.05 35.88 -34.29
C GLN B 722 79.53 34.52 -33.80
N SER B 723 78.89 33.95 -32.78
CA SER B 723 79.19 32.60 -32.34
C SER B 723 78.06 32.03 -31.51
N LEU B 724 77.94 30.70 -31.49
CA LEU B 724 77.06 30.01 -30.58
C LEU B 724 77.70 28.67 -30.22
N SER B 725 77.36 28.17 -29.04
CA SER B 725 77.92 26.92 -28.54
C SER B 725 76.80 25.98 -28.15
N ALA B 726 76.91 24.72 -28.58
CA ALA B 726 75.92 23.67 -28.33
C ALA B 726 76.64 22.51 -27.66
N TYR B 727 76.46 22.39 -26.35
CA TYR B 727 77.12 21.35 -25.57
C TYR B 727 76.09 20.30 -25.19
N PRO B 728 76.14 19.11 -25.75
CA PRO B 728 75.20 18.05 -25.32
C PRO B 728 75.64 17.34 -24.05
N LEU B 729 75.31 17.93 -22.90
CA LEU B 729 75.63 17.31 -21.62
C LEU B 729 74.94 15.96 -21.48
N ASN B 730 73.66 15.89 -21.83
CA ASN B 730 72.93 14.64 -21.91
C ASN B 730 71.96 14.70 -23.07
N SER B 731 71.49 13.52 -23.50
CA SER B 731 70.57 13.44 -24.61
C SER B 731 69.26 14.17 -24.33
N SER B 732 68.92 14.41 -23.07
CA SER B 732 67.66 15.05 -22.71
C SER B 732 67.77 16.56 -22.63
N CYS B 733 68.95 17.11 -22.32
CA CYS B 733 69.12 18.54 -22.15
C CYS B 733 70.43 18.96 -22.81
N VAL B 734 70.39 20.02 -23.60
CA VAL B 734 71.56 20.52 -24.32
C VAL B 734 71.77 21.99 -23.98
N ILE B 735 73.02 22.32 -23.69
CA ILE B 735 73.39 23.65 -23.22
C ILE B 735 73.66 24.53 -24.43
N VAL B 736 73.02 25.70 -24.48
CA VAL B 736 73.05 26.55 -25.67
C VAL B 736 73.52 27.95 -25.28
N SER B 737 74.49 28.49 -26.02
CA SER B 737 74.97 29.85 -25.84
C SER B 737 75.11 30.54 -27.19
N TRP B 738 75.22 31.87 -27.13
CA TRP B 738 75.39 32.73 -28.30
C TRP B 738 76.10 34.00 -27.87
N ILE B 739 76.57 34.77 -28.84
CA ILE B 739 77.14 36.08 -28.59
C ILE B 739 76.43 37.10 -29.47
N LEU B 740 76.49 38.36 -29.06
CA LEU B 740 75.77 39.43 -29.72
C LEU B 740 76.74 40.52 -30.17
N SER B 741 76.20 41.53 -30.84
CA SER B 741 76.94 42.67 -31.33
C SER B 741 76.14 43.93 -31.06
N PRO B 742 76.79 45.11 -31.10
CA PRO B 742 76.03 46.34 -30.89
C PRO B 742 75.10 46.63 -32.06
N SER B 743 73.96 45.96 -32.07
CA SER B 743 72.98 46.12 -33.14
C SER B 743 72.44 47.54 -33.17
N ASP B 744 72.21 48.03 -34.38
CA ASP B 744 71.67 49.37 -34.59
C ASP B 744 70.14 49.40 -34.58
N TYR B 745 69.48 48.25 -34.48
CA TYR B 745 68.05 48.20 -34.22
C TYR B 745 67.82 47.58 -32.85
N LYS B 746 66.55 47.62 -32.41
CA LYS B 746 66.20 47.06 -31.12
C LYS B 746 65.76 45.60 -31.28
N LEU B 747 66.28 44.74 -30.41
CA LEU B 747 66.09 43.30 -30.49
C LEU B 747 65.01 42.88 -29.49
N MET B 748 63.97 42.21 -29.97
CA MET B 748 62.93 41.76 -29.05
C MET B 748 63.26 40.40 -28.46
N TYR B 749 63.50 39.40 -29.29
CA TYR B 749 63.73 38.05 -28.78
C TYR B 749 64.53 37.25 -29.80
N PHE B 750 64.64 35.95 -29.55
CA PHE B 750 65.34 35.01 -30.42
C PHE B 750 64.39 33.88 -30.76
N ILE B 751 64.63 33.24 -31.90
CA ILE B 751 63.88 32.04 -32.29
C ILE B 751 64.89 30.95 -32.59
N ILE B 752 64.67 29.76 -32.03
CA ILE B 752 65.63 28.66 -32.12
C ILE B 752 64.93 27.44 -32.69
N GLU B 753 65.56 26.82 -33.68
CA GLU B 753 65.02 25.70 -34.45
C GLU B 753 66.09 24.62 -34.55
N TRP B 754 65.66 23.37 -34.72
CA TRP B 754 66.60 22.26 -34.80
C TRP B 754 66.00 21.10 -35.59
N LYS B 755 66.87 20.39 -36.31
CA LYS B 755 66.49 19.27 -37.16
C LYS B 755 67.69 18.37 -37.37
N ASN B 756 67.40 17.08 -37.61
CA ASN B 756 68.43 16.09 -37.93
C ASN B 756 68.60 16.04 -39.44
N LEU B 757 69.85 16.11 -39.89
CA LEU B 757 70.12 16.07 -41.31
C LEU B 757 70.03 14.65 -41.86
N ASN B 758 70.47 13.66 -41.07
CA ASN B 758 70.65 12.31 -41.62
C ASN B 758 69.34 11.69 -42.06
N GLU B 759 68.27 11.88 -41.30
CA GLU B 759 66.96 11.33 -41.64
C GLU B 759 65.86 12.37 -41.72
N ASP B 760 66.20 13.67 -41.66
CA ASP B 760 65.24 14.76 -41.76
C ASP B 760 64.16 14.64 -40.69
N GLY B 761 64.59 14.75 -39.44
CA GLY B 761 63.70 14.60 -38.32
C GLY B 761 62.70 15.73 -38.22
N GLU B 762 61.80 15.60 -37.23
CA GLU B 762 60.73 16.56 -37.05
C GLU B 762 61.30 17.93 -36.70
N ILE B 763 60.63 18.98 -37.18
CA ILE B 763 61.05 20.34 -36.93
C ILE B 763 60.24 20.92 -35.78
N LYS B 764 60.92 21.35 -34.74
CA LYS B 764 60.26 21.97 -33.59
C LYS B 764 61.21 22.99 -32.98
N TRP B 765 60.63 23.98 -32.30
CA TRP B 765 61.30 25.26 -32.09
C TRP B 765 60.84 25.92 -30.80
N LEU B 766 61.53 27.00 -30.45
CA LEU B 766 61.28 27.72 -29.20
C LEU B 766 61.58 29.19 -29.40
N ARG B 767 60.96 30.03 -28.56
CA ARG B 767 60.82 31.46 -28.78
C ARG B 767 61.14 32.26 -27.51
N ILE B 768 62.29 32.01 -26.89
CA ILE B 768 62.64 32.75 -25.68
C ILE B 768 63.12 34.16 -26.04
N SER B 769 63.09 35.06 -25.06
CA SER B 769 63.42 36.47 -25.23
C SER B 769 64.93 36.67 -25.34
N SER B 770 65.34 37.94 -25.41
CA SER B 770 66.73 38.33 -25.52
C SER B 770 67.42 38.49 -24.18
N SER B 771 66.65 38.53 -23.08
CA SER B 771 67.25 38.74 -21.77
C SER B 771 68.19 37.62 -21.40
N VAL B 772 67.80 36.37 -21.70
CA VAL B 772 68.64 35.24 -21.37
C VAL B 772 69.90 35.28 -22.23
N LYS B 773 70.96 34.63 -21.74
CA LYS B 773 72.21 34.51 -22.44
C LYS B 773 72.61 33.07 -22.73
N LYS B 774 72.22 32.12 -21.89
CA LYS B 774 72.86 30.81 -21.94
C LYS B 774 71.77 29.73 -21.87
N TYR B 775 70.67 29.95 -22.60
CA TYR B 775 69.46 29.17 -22.42
C TYR B 775 69.70 27.69 -22.70
N TYR B 776 68.93 26.83 -22.03
CA TYR B 776 69.03 25.38 -22.14
C TYR B 776 67.88 24.90 -23.00
N ILE B 777 68.07 23.79 -23.69
CA ILE B 777 66.97 23.11 -24.35
C ILE B 777 66.76 21.76 -23.69
N HIS B 778 65.51 21.31 -23.61
CA HIS B 778 65.15 20.09 -22.89
C HIS B 778 64.29 19.19 -23.78
N ASP B 779 64.95 18.37 -24.58
CA ASP B 779 64.30 17.33 -25.36
C ASP B 779 65.36 16.36 -25.87
N HIS B 780 64.92 15.38 -26.65
CA HIS B 780 65.78 14.27 -27.01
C HIS B 780 66.83 14.66 -28.04
N PHE B 781 67.98 14.00 -27.96
CA PHE B 781 69.08 14.14 -28.90
C PHE B 781 69.84 12.83 -28.93
N ILE B 782 70.64 12.63 -29.98
CA ILE B 782 71.53 11.47 -30.04
C ILE B 782 72.91 11.91 -30.55
N PRO B 783 73.99 11.54 -29.85
CA PRO B 783 75.33 11.90 -30.35
C PRO B 783 75.74 11.10 -31.58
N ILE B 784 74.93 10.12 -31.98
CA ILE B 784 75.28 9.31 -33.15
C ILE B 784 75.16 10.14 -34.42
N GLU B 785 74.09 10.91 -34.56
CA GLU B 785 73.87 11.66 -35.80
C GLU B 785 74.28 13.12 -35.63
N LYS B 786 74.07 13.89 -36.68
CA LYS B 786 74.51 15.28 -36.74
C LYS B 786 73.36 16.21 -37.07
N TYR B 787 73.21 17.26 -36.27
CA TYR B 787 71.99 18.05 -36.15
C TYR B 787 72.19 19.47 -36.68
N GLN B 788 71.22 19.94 -37.45
CA GLN B 788 71.16 21.36 -37.78
C GLN B 788 70.56 22.16 -36.64
N PHE B 789 71.30 23.16 -36.19
CA PHE B 789 70.78 24.13 -35.24
C PHE B 789 70.61 25.46 -35.95
N SER B 790 69.59 26.22 -35.55
CA SER B 790 69.11 27.38 -36.29
C SER B 790 68.78 28.47 -35.27
N LEU B 791 69.73 29.38 -35.04
CA LEU B 791 69.50 30.50 -34.15
C LEU B 791 69.26 31.77 -34.94
N TYR B 792 68.16 32.45 -34.65
CA TYR B 792 67.77 33.64 -35.38
C TYR B 792 67.51 34.76 -34.39
N PRO B 793 68.08 35.96 -34.60
CA PRO B 793 67.61 37.14 -33.86
C PRO B 793 66.37 37.70 -34.52
N ILE B 794 65.56 38.39 -33.71
CA ILE B 794 64.26 38.89 -34.14
C ILE B 794 64.27 40.41 -34.05
N PHE B 795 63.94 41.07 -35.15
CA PHE B 795 63.96 42.53 -35.24
C PHE B 795 62.65 43.03 -35.84
N MET B 796 62.45 44.34 -35.73
CA MET B 796 61.13 44.91 -36.01
C MET B 796 60.72 44.79 -37.47
N GLU B 797 61.63 44.48 -38.38
CA GLU B 797 61.22 44.15 -39.74
C GLU B 797 61.50 42.71 -40.12
N GLY B 798 62.18 41.94 -39.26
CA GLY B 798 62.37 40.53 -39.58
C GLY B 798 63.65 39.99 -38.94
N VAL B 799 64.30 39.10 -39.67
CA VAL B 799 65.48 38.38 -39.21
C VAL B 799 66.62 38.63 -40.18
N GLY B 800 67.83 38.75 -39.63
CA GLY B 800 69.04 38.87 -40.43
C GLY B 800 69.44 37.54 -41.03
N LYS B 801 70.74 37.32 -41.13
CA LYS B 801 71.22 36.03 -41.60
C LYS B 801 70.97 34.97 -40.54
N PRO B 802 70.48 33.79 -40.92
CA PRO B 802 70.47 32.67 -39.98
C PRO B 802 71.83 32.39 -39.40
N LYS B 803 71.93 32.04 -38.13
CA LYS B 803 73.19 31.49 -37.62
C LYS B 803 73.10 29.97 -37.65
N ILE B 804 73.14 29.44 -38.88
CA ILE B 804 72.94 28.01 -39.09
C ILE B 804 74.20 27.26 -38.71
N ILE B 805 74.05 26.21 -37.91
CA ILE B 805 75.16 25.40 -37.42
C ILE B 805 74.88 23.93 -37.73
N ASN B 806 75.95 23.17 -37.94
CA ASN B 806 75.83 21.79 -38.38
C ASN B 806 76.16 20.76 -37.31
N SER B 807 77.00 21.09 -36.34
CA SER B 807 77.47 20.11 -35.38
C SER B 807 77.56 20.75 -34.00
N PHE B 808 77.78 19.91 -32.99
CA PHE B 808 77.90 20.40 -31.62
C PHE B 808 79.21 21.15 -31.43
N THR B 809 79.28 21.91 -30.34
CA THR B 809 80.47 22.70 -30.04
C THR B 809 81.38 21.99 -29.04
N VAL C 22 5.58 33.61 28.07
CA VAL C 22 6.16 33.89 26.76
C VAL C 22 5.89 35.33 26.34
N PRO C 23 6.84 35.92 25.64
CA PRO C 23 6.64 37.29 25.14
C PRO C 23 5.51 37.37 24.14
N ILE C 24 4.85 38.53 24.10
CA ILE C 24 3.71 38.73 23.22
C ILE C 24 4.14 38.76 21.75
N GLN C 25 5.36 39.23 21.47
CA GLN C 25 5.83 39.28 20.09
C GLN C 25 5.91 37.88 19.49
N LYS C 26 6.27 36.89 20.31
CA LYS C 26 6.25 35.51 19.85
C LYS C 26 4.86 35.09 19.42
N VAL C 27 3.84 35.48 20.18
CA VAL C 27 2.46 35.17 19.82
C VAL C 27 2.08 35.87 18.51
N GLN C 28 2.48 37.14 18.37
CA GLN C 28 2.18 37.89 17.16
C GLN C 28 2.78 37.25 15.92
N ASP C 29 4.01 36.74 16.00
CA ASP C 29 4.61 36.08 14.85
C ASP C 29 4.06 34.67 14.63
N ASP C 30 3.76 33.95 15.72
CA ASP C 30 3.23 32.59 15.61
C ASP C 30 1.86 32.58 14.97
N THR C 31 1.03 33.59 15.25
CA THR C 31 -0.27 33.68 14.59
C THR C 31 -0.10 33.76 13.08
N LYS C 32 0.82 34.60 12.62
CA LYS C 32 1.06 34.75 11.19
C LYS C 32 1.57 33.44 10.58
N THR C 33 2.50 32.78 11.28
CA THR C 33 3.02 31.51 10.77
C THR C 33 1.90 30.48 10.61
N LEU C 34 1.04 30.36 11.63
CA LEU C 34 -0.03 29.37 11.57
C LEU C 34 -1.03 29.71 10.46
N ILE C 35 -1.34 30.99 10.29
CA ILE C 35 -2.27 31.39 9.24
C ILE C 35 -1.72 31.02 7.87
N LYS C 36 -0.43 31.31 7.65
CA LYS C 36 0.17 30.97 6.36
C LYS C 36 0.20 29.46 6.14
N THR C 37 0.47 28.69 7.19
CA THR C 37 0.46 27.24 7.06
C THR C 37 -0.92 26.74 6.63
N ILE C 38 -1.97 27.26 7.27
CA ILE C 38 -3.32 26.81 6.94
C ILE C 38 -3.67 27.19 5.50
N VAL C 39 -3.31 28.40 5.07
CA VAL C 39 -3.69 28.82 3.73
C VAL C 39 -2.94 28.00 2.68
N THR C 40 -1.69 27.64 2.94
CA THR C 40 -0.98 26.78 1.99
C THR C 40 -1.58 25.38 1.95
N ARG C 41 -2.00 24.85 3.10
CA ARG C 41 -2.71 23.58 3.12
C ARG C 41 -3.95 23.66 2.23
N ILE C 42 -4.71 24.74 2.35
CA ILE C 42 -5.90 24.90 1.50
C ILE C 42 -5.52 24.91 0.04
N ASN C 43 -4.46 25.65 -0.32
CA ASN C 43 -4.03 25.67 -1.72
C ASN C 43 -3.60 24.30 -2.22
N ASP C 44 -3.17 23.40 -1.32
CA ASP C 44 -2.77 22.07 -1.77
C ASP C 44 -3.95 21.24 -2.27
N ILE C 45 -5.18 21.57 -1.88
CA ILE C 45 -6.34 20.78 -2.27
C ILE C 45 -6.61 20.94 -3.76
N SER C 46 -6.95 19.82 -4.42
CA SER C 46 -7.21 19.85 -5.85
C SER C 46 -8.57 20.45 -6.19
N HIS C 47 -9.56 20.29 -5.31
CA HIS C 47 -10.89 20.83 -5.58
C HIS C 47 -10.85 22.34 -5.76
N THR C 48 -10.44 23.05 -4.70
CA THR C 48 -10.47 24.51 -4.68
C THR C 48 -9.19 25.09 -5.28
N GLN C 49 -8.96 24.83 -6.57
CA GLN C 49 -7.77 25.38 -7.21
C GLN C 49 -8.04 26.76 -7.80
N SER C 50 -9.19 26.96 -8.42
CA SER C 50 -9.55 28.27 -8.97
C SER C 50 -11.07 28.40 -8.88
N VAL C 51 -11.54 29.00 -7.78
CA VAL C 51 -12.97 29.21 -7.56
C VAL C 51 -13.28 30.64 -7.14
N SER C 52 -12.29 31.39 -6.66
CA SER C 52 -12.43 32.73 -6.08
C SER C 52 -13.18 32.66 -4.76
N SER C 53 -13.23 33.78 -4.03
CA SER C 53 -13.80 33.80 -2.70
C SER C 53 -14.98 34.75 -2.54
N LYS C 54 -15.37 35.46 -3.61
CA LYS C 54 -16.54 36.33 -3.56
C LYS C 54 -17.69 35.80 -4.40
N GLN C 55 -17.62 34.52 -4.81
CA GLN C 55 -18.68 33.93 -5.59
C GLN C 55 -19.95 33.78 -4.75
N LYS C 56 -21.09 34.09 -5.35
CA LYS C 56 -22.36 34.10 -4.64
C LYS C 56 -23.14 32.85 -4.99
N VAL C 57 -23.57 32.11 -3.97
CA VAL C 57 -24.46 30.97 -4.12
C VAL C 57 -25.68 31.20 -3.24
N THR C 58 -26.87 30.98 -3.81
CA THR C 58 -28.09 31.43 -3.14
C THR C 58 -28.54 30.47 -2.06
N GLY C 59 -27.92 29.30 -1.96
CA GLY C 59 -28.31 28.38 -0.91
C GLY C 59 -27.37 28.31 0.28
N LEU C 60 -26.14 28.77 0.10
CA LEU C 60 -25.12 28.73 1.14
C LEU C 60 -24.85 30.17 1.57
N ASP C 61 -25.66 30.66 2.52
CA ASP C 61 -25.46 31.98 3.10
C ASP C 61 -25.04 31.92 4.55
N PHE C 62 -25.05 30.75 5.17
CA PHE C 62 -24.50 30.59 6.51
C PHE C 62 -23.00 30.35 6.51
N ILE C 63 -22.37 30.27 5.34
CA ILE C 63 -20.92 30.17 5.24
C ILE C 63 -20.38 31.55 5.51
N PRO C 64 -19.57 31.75 6.56
CA PRO C 64 -19.03 33.08 6.82
C PRO C 64 -18.12 33.54 5.69
N GLY C 65 -18.10 34.85 5.46
CA GLY C 65 -17.31 35.42 4.39
C GLY C 65 -17.94 36.68 3.86
N LEU C 66 -17.62 37.02 2.60
CA LEU C 66 -18.19 38.19 1.94
C LEU C 66 -17.87 39.48 2.71
N HIS C 67 -18.78 39.91 3.56
CA HIS C 67 -18.61 41.17 4.27
C HIS C 67 -17.40 41.10 5.20
N PRO C 68 -16.64 42.18 5.31
CA PRO C 68 -15.42 42.16 6.12
C PRO C 68 -15.73 42.06 7.62
N ILE C 69 -14.74 41.60 8.36
CA ILE C 69 -14.82 41.40 9.80
C ILE C 69 -13.77 42.27 10.47
N LEU C 70 -14.16 42.97 11.55
CA LEU C 70 -13.27 43.90 12.24
C LEU C 70 -12.94 43.44 13.65
N THR C 71 -13.94 43.18 14.48
CA THR C 71 -13.77 42.92 15.90
C THR C 71 -13.23 41.51 16.14
N LEU C 72 -12.58 41.33 17.30
CA LEU C 72 -12.08 40.01 17.69
C LEU C 72 -13.22 39.02 17.92
N SER C 73 -14.31 39.48 18.52
CA SER C 73 -15.41 38.57 18.84
C SER C 73 -16.02 37.97 17.57
N LYS C 74 -16.23 38.79 16.54
CA LYS C 74 -16.74 38.28 15.28
C LYS C 74 -15.75 37.32 14.64
N MET C 75 -14.45 37.57 14.81
CA MET C 75 -13.43 36.69 14.27
C MET C 75 -13.50 35.30 14.92
N ASP C 76 -13.59 35.27 16.25
CA ASP C 76 -13.71 33.98 16.93
C ASP C 76 -15.01 33.28 16.56
N GLN C 77 -16.09 34.05 16.40
CA GLN C 77 -17.36 33.47 15.96
C GLN C 77 -17.22 32.83 14.58
N THR C 78 -16.54 33.52 13.66
CA THR C 78 -16.33 33.00 12.32
C THR C 78 -15.54 31.70 12.35
N LEU C 79 -14.47 31.66 13.16
CA LEU C 79 -13.70 30.43 13.26
C LEU C 79 -14.52 29.31 13.88
N ALA C 80 -15.37 29.61 14.85
CA ALA C 80 -16.21 28.57 15.44
C ALA C 80 -17.19 27.99 14.41
N VAL C 81 -17.81 28.87 13.61
CA VAL C 81 -18.72 28.39 12.57
C VAL C 81 -17.97 27.54 11.55
N TYR C 82 -16.76 27.97 11.17
CA TYR C 82 -15.98 27.20 10.21
C TYR C 82 -15.60 25.84 10.76
N GLN C 83 -15.25 25.77 12.05
CA GLN C 83 -14.94 24.49 12.67
C GLN C 83 -16.17 23.57 12.65
N GLN C 84 -17.33 24.12 12.99
CA GLN C 84 -18.55 23.31 12.98
C GLN C 84 -18.84 22.80 11.57
N ILE C 85 -18.63 23.65 10.56
CA ILE C 85 -18.94 23.28 9.19
C ILE C 85 -17.97 22.22 8.68
N LEU C 86 -16.69 22.35 9.02
CA LEU C 86 -15.69 21.40 8.57
C LEU C 86 -15.73 20.09 9.34
N THR C 87 -16.39 20.07 10.50
CA THR C 87 -16.55 18.81 11.22
C THR C 87 -17.32 17.77 10.41
N SER C 88 -18.11 18.21 9.43
CA SER C 88 -18.99 17.32 8.66
C SER C 88 -18.32 16.80 7.40
N MET C 89 -17.00 16.67 7.38
CA MET C 89 -16.28 16.09 6.26
C MET C 89 -15.24 15.13 6.78
N PRO C 90 -15.08 13.97 6.15
CA PRO C 90 -14.19 12.93 6.69
C PRO C 90 -12.77 12.89 6.14
N SER C 91 -12.42 13.76 5.19
CA SER C 91 -11.09 13.70 4.59
C SER C 91 -10.02 14.05 5.61
N ARG C 92 -8.81 13.50 5.40
CA ARG C 92 -7.72 13.70 6.35
C ARG C 92 -7.28 15.17 6.39
N ASN C 93 -7.21 15.81 5.22
CA ASN C 93 -6.80 17.21 5.18
C ASN C 93 -7.74 18.09 6.00
N VAL C 94 -9.04 17.82 5.91
CA VAL C 94 -10.00 18.58 6.70
C VAL C 94 -9.75 18.37 8.19
N ILE C 95 -9.39 17.15 8.59
CA ILE C 95 -9.11 16.88 9.99
C ILE C 95 -7.91 17.70 10.47
N GLN C 96 -6.83 17.72 9.67
CA GLN C 96 -5.66 18.47 10.07
C GLN C 96 -5.94 19.96 10.14
N ILE C 97 -6.69 20.49 9.15
CA ILE C 97 -7.04 21.90 9.15
C ILE C 97 -7.91 22.23 10.36
N SER C 98 -8.82 21.33 10.74
CA SER C 98 -9.64 21.57 11.91
C SER C 98 -8.79 21.63 13.18
N ASN C 99 -7.80 20.75 13.29
CA ASN C 99 -6.90 20.81 14.43
C ASN C 99 -6.14 22.13 14.48
N ASP C 100 -5.66 22.58 13.32
CA ASP C 100 -4.96 23.87 13.28
C ASP C 100 -5.89 25.01 13.66
N LEU C 101 -7.16 24.96 13.25
CA LEU C 101 -8.11 25.99 13.63
C LEU C 101 -8.33 25.99 15.14
N GLU C 102 -8.41 24.82 15.75
CA GLU C 102 -8.52 24.74 17.20
C GLU C 102 -7.35 25.42 17.88
N ASN C 103 -6.14 25.13 17.41
CA ASN C 103 -4.95 25.76 17.98
C ASN C 103 -4.99 27.27 17.79
N LEU C 104 -5.43 27.72 16.61
CA LEU C 104 -5.46 29.16 16.33
C LEU C 104 -6.47 29.87 17.22
N ARG C 105 -7.62 29.25 17.48
CA ARG C 105 -8.59 29.85 18.38
C ARG C 105 -8.03 29.98 19.80
N ASP C 106 -7.45 28.88 20.30
CA ASP C 106 -6.87 28.94 21.63
C ASP C 106 -5.76 29.97 21.72
N LEU C 107 -5.07 30.21 20.60
CA LEU C 107 -4.05 31.26 20.59
C LEU C 107 -4.68 32.65 20.61
N LEU C 108 -5.72 32.85 19.79
CA LEU C 108 -6.32 34.18 19.67
C LEU C 108 -6.94 34.64 20.97
N HIS C 109 -7.43 33.70 21.79
CA HIS C 109 -7.88 34.10 23.11
C HIS C 109 -6.76 34.72 23.94
N VAL C 110 -5.49 34.34 23.70
CA VAL C 110 -4.39 34.94 24.44
C VAL C 110 -4.20 36.40 24.04
N LEU C 111 -4.28 36.69 22.74
CA LEU C 111 -4.25 38.07 22.31
C LEU C 111 -5.41 38.86 22.87
N ALA C 112 -6.58 38.24 22.99
CA ALA C 112 -7.71 38.89 23.66
C ALA C 112 -7.39 39.21 25.11
N PHE C 113 -6.73 38.27 25.81
CA PHE C 113 -6.43 38.46 27.22
C PHE C 113 -5.26 39.44 27.43
N SER C 114 -4.48 39.70 26.39
CA SER C 114 -3.37 40.64 26.53
C SER C 114 -3.86 42.04 26.87
N LYS C 115 -4.98 42.46 26.27
CA LYS C 115 -5.52 43.79 26.47
C LYS C 115 -6.73 43.82 27.40
N SER C 116 -6.90 42.80 28.24
CA SER C 116 -7.94 42.74 29.26
C SER C 116 -9.34 42.88 28.66
N CYS C 117 -9.65 41.97 27.75
CA CYS C 117 -10.92 41.97 27.03
C CYS C 117 -11.49 40.56 26.96
N HIS C 118 -11.60 39.92 28.12
CA HIS C 118 -12.06 38.53 28.26
C HIS C 118 -13.19 38.19 27.30
N LEU C 119 -13.02 37.11 26.55
CA LEU C 119 -14.00 36.66 25.57
C LEU C 119 -14.68 35.38 26.04
N PRO C 120 -15.94 35.10 25.60
CA PRO C 120 -16.58 33.84 25.94
C PRO C 120 -16.09 32.69 25.04
N TRP C 121 -16.52 31.45 25.32
CA TRP C 121 -16.17 30.35 24.39
C TRP C 121 -17.34 30.17 23.42
N ALA C 122 -17.37 30.96 22.34
CA ALA C 122 -18.49 30.94 21.38
C ALA C 122 -18.82 29.50 20.99
N SER C 123 -20.11 29.21 20.83
CA SER C 123 -20.56 27.85 20.51
C SER C 123 -21.01 27.77 19.06
N GLY C 124 -21.11 26.54 18.57
CA GLY C 124 -21.63 26.30 17.24
C GLY C 124 -23.01 26.89 17.09
N LEU C 125 -23.12 27.97 16.33
CA LEU C 125 -24.33 28.77 16.31
C LEU C 125 -25.53 27.95 15.86
N GLU C 126 -26.70 28.29 16.39
CA GLU C 126 -27.93 27.60 16.03
C GLU C 126 -28.38 27.91 14.61
N THR C 127 -27.71 28.85 13.93
CA THR C 127 -28.02 29.21 12.56
C THR C 127 -27.58 28.15 11.56
N LEU C 128 -27.16 26.98 12.03
CA LEU C 128 -26.74 25.87 11.16
C LEU C 128 -27.85 24.84 10.99
N ASP C 129 -29.10 25.30 10.93
CA ASP C 129 -30.22 24.38 10.84
C ASP C 129 -30.23 23.65 9.50
N SER C 130 -30.00 24.36 8.42
CA SER C 130 -30.16 23.79 7.08
C SER C 130 -28.97 22.96 6.63
N LEU C 131 -27.82 23.09 7.32
CA LEU C 131 -26.57 22.50 6.84
C LEU C 131 -26.77 21.07 6.36
N GLY C 132 -27.18 20.17 7.26
CA GLY C 132 -27.31 18.78 6.89
C GLY C 132 -28.14 18.58 5.64
N GLY C 133 -29.29 19.24 5.57
CA GLY C 133 -30.12 19.12 4.39
C GLY C 133 -29.35 19.46 3.12
N VAL C 134 -28.72 20.63 3.11
CA VAL C 134 -27.97 21.04 1.93
C VAL C 134 -26.93 19.99 1.58
N LEU C 135 -26.29 19.42 2.60
CA LEU C 135 -25.33 18.35 2.37
C LEU C 135 -25.94 17.27 1.48
N GLU C 136 -27.01 16.63 1.96
CA GLU C 136 -27.54 15.47 1.26
C GLU C 136 -28.09 15.86 -0.10
N ALA C 137 -28.22 17.15 -0.38
CA ALA C 137 -28.64 17.58 -1.71
C ALA C 137 -27.45 17.87 -2.62
N SER C 138 -26.45 18.60 -2.12
CA SER C 138 -25.45 19.20 -3.00
C SER C 138 -24.05 19.13 -2.38
N GLY C 139 -23.74 17.97 -1.80
CA GLY C 139 -22.52 17.79 -1.03
C GLY C 139 -21.30 18.45 -1.63
N TYR C 140 -20.93 18.01 -2.84
CA TYR C 140 -19.75 18.55 -3.52
C TYR C 140 -19.69 20.06 -3.37
N SER C 141 -20.72 20.76 -3.85
CA SER C 141 -20.67 22.21 -3.87
C SER C 141 -20.31 22.76 -2.49
N THR C 142 -21.05 22.31 -1.46
CA THR C 142 -20.78 22.75 -0.10
C THR C 142 -19.29 22.70 0.18
N GLU C 143 -18.71 21.50 0.08
CA GLU C 143 -17.29 21.34 0.37
C GLU C 143 -16.48 22.46 -0.26
N VAL C 144 -16.55 22.56 -1.60
CA VAL C 144 -15.73 23.54 -2.31
C VAL C 144 -15.89 24.89 -1.67
N VAL C 145 -17.14 25.40 -1.63
CA VAL C 145 -17.36 26.77 -1.19
C VAL C 145 -16.74 26.96 0.18
N ALA C 146 -17.03 26.03 1.10
CA ALA C 146 -16.53 26.16 2.46
C ALA C 146 -15.04 26.43 2.43
N LEU C 147 -14.27 25.48 1.89
CA LEU C 147 -12.82 25.61 1.92
C LEU C 147 -12.41 26.94 1.31
N SER C 148 -12.95 27.24 0.12
CA SER C 148 -12.52 28.45 -0.57
C SER C 148 -12.74 29.66 0.32
N ARG C 149 -13.95 29.80 0.85
CA ARG C 149 -14.23 31.00 1.63
C ARG C 149 -13.34 31.04 2.86
N LEU C 150 -13.12 29.89 3.50
CA LEU C 150 -12.22 29.88 4.64
C LEU C 150 -10.89 30.51 4.28
N GLN C 151 -10.29 30.04 3.18
CA GLN C 151 -9.01 30.60 2.75
C GLN C 151 -9.13 32.11 2.62
N GLY C 152 -10.15 32.58 1.88
CA GLY C 152 -10.30 34.01 1.70
C GLY C 152 -10.39 34.73 3.01
N SER C 153 -11.21 34.22 3.93
CA SER C 153 -11.39 34.90 5.21
C SER C 153 -10.06 35.03 5.92
N LEU C 154 -9.26 33.95 5.92
CA LEU C 154 -8.00 34.00 6.65
C LEU C 154 -7.10 35.08 6.10
N GLN C 155 -7.10 35.28 4.78
CA GLN C 155 -6.32 36.36 4.21
C GLN C 155 -6.69 37.68 4.85
N ASP C 156 -7.99 37.99 4.90
CA ASP C 156 -8.44 39.22 5.53
C ASP C 156 -7.88 39.31 6.95
N MET C 157 -7.96 38.20 7.69
CA MET C 157 -7.48 38.20 9.06
C MET C 157 -6.05 38.72 9.14
N LEU C 158 -5.16 38.21 8.30
CA LEU C 158 -3.78 38.65 8.36
C LEU C 158 -3.69 40.15 8.09
N TRP C 159 -4.39 40.63 7.06
CA TRP C 159 -4.28 42.04 6.69
C TRP C 159 -4.86 42.93 7.78
N GLN C 160 -5.62 42.34 8.71
CA GLN C 160 -6.21 43.13 9.77
C GLN C 160 -5.44 42.98 11.07
N LEU C 161 -4.62 41.94 11.18
CA LEU C 161 -3.89 41.75 12.43
C LEU C 161 -2.71 42.70 12.54
N ASP C 162 -2.27 43.29 11.43
CA ASP C 162 -1.23 44.32 11.50
C ASP C 162 -1.75 45.59 12.12
N LEU C 163 -3.02 45.91 11.90
CA LEU C 163 -3.59 47.16 12.39
C LEU C 163 -4.14 47.04 13.80
N SER C 164 -4.02 45.87 14.44
CA SER C 164 -4.43 45.66 15.82
C SER C 164 -5.89 46.03 16.03
N PRO C 165 -6.84 45.22 15.55
CA PRO C 165 -8.26 45.58 15.69
C PRO C 165 -8.72 45.54 17.15
N GLY C 166 -9.89 46.10 17.41
CA GLY C 166 -10.36 46.28 18.77
C GLY C 166 -10.81 44.99 19.43
N CYS C 167 -11.08 45.09 20.72
CA CYS C 167 -11.53 43.97 21.53
C CYS C 167 -12.91 43.49 21.09
N VAL D 22 -13.74 -11.54 -50.27
CA VAL D 22 -12.30 -11.70 -50.13
C VAL D 22 -11.71 -12.35 -51.38
N PRO D 23 -10.49 -11.95 -51.74
CA PRO D 23 -9.85 -12.56 -52.91
C PRO D 23 -9.64 -14.06 -52.72
N ILE D 24 -9.76 -14.80 -53.83
CA ILE D 24 -9.70 -16.26 -53.78
C ILE D 24 -8.29 -16.79 -53.97
N GLN D 25 -7.39 -16.01 -54.56
CA GLN D 25 -6.05 -16.51 -54.90
C GLN D 25 -5.25 -16.93 -53.67
N LYS D 26 -5.59 -16.45 -52.49
CA LYS D 26 -4.91 -16.87 -51.27
C LYS D 26 -5.55 -18.08 -50.60
N VAL D 27 -6.68 -18.55 -51.11
CA VAL D 27 -7.40 -19.64 -50.44
C VAL D 27 -6.60 -20.93 -50.51
N GLN D 28 -6.12 -21.30 -51.71
CA GLN D 28 -5.48 -22.59 -51.89
C GLN D 28 -4.26 -22.77 -50.99
N ASP D 29 -3.52 -21.69 -50.74
CA ASP D 29 -2.42 -21.75 -49.79
C ASP D 29 -2.93 -22.12 -48.40
N ASP D 30 -4.05 -21.51 -47.99
CA ASP D 30 -4.65 -21.85 -46.70
C ASP D 30 -5.10 -23.31 -46.67
N THR D 31 -5.69 -23.80 -47.77
CA THR D 31 -6.07 -25.22 -47.85
C THR D 31 -4.86 -26.11 -47.61
N LYS D 32 -3.77 -25.85 -48.34
CA LYS D 32 -2.58 -26.68 -48.21
C LYS D 32 -2.02 -26.61 -46.79
N THR D 33 -1.96 -25.41 -46.22
CA THR D 33 -1.40 -25.27 -44.89
C THR D 33 -2.22 -26.03 -43.86
N LEU D 34 -3.55 -25.92 -43.93
CA LEU D 34 -4.36 -26.58 -42.92
C LEU D 34 -4.36 -28.09 -43.11
N ILE D 35 -4.34 -28.59 -44.34
CA ILE D 35 -4.31 -30.03 -44.54
C ILE D 35 -2.98 -30.61 -44.07
N LYS D 36 -1.88 -29.90 -44.35
CA LYS D 36 -0.59 -30.35 -43.81
C LYS D 36 -0.59 -30.31 -42.30
N THR D 37 -1.17 -29.28 -41.69
CA THR D 37 -1.20 -29.21 -40.24
C THR D 37 -2.00 -30.36 -39.65
N ILE D 38 -3.14 -30.70 -40.25
CA ILE D 38 -3.98 -31.74 -39.67
C ILE D 38 -3.33 -33.10 -39.85
N VAL D 39 -2.68 -33.35 -41.00
CA VAL D 39 -2.01 -34.64 -41.15
C VAL D 39 -0.85 -34.75 -40.18
N THR D 40 -0.11 -33.65 -39.99
CA THR D 40 1.02 -33.69 -39.06
C THR D 40 0.57 -33.93 -37.62
N ARG D 41 -0.52 -33.28 -37.18
CA ARG D 41 -0.98 -33.50 -35.82
C ARG D 41 -1.55 -34.89 -35.65
N ILE D 42 -2.26 -35.40 -36.66
CA ILE D 42 -2.80 -36.76 -36.54
C ILE D 42 -1.68 -37.77 -36.51
N ASN D 43 -0.55 -37.48 -37.16
CA ASN D 43 0.60 -38.36 -37.05
C ASN D 43 1.23 -38.32 -35.66
N ASP D 44 0.96 -37.27 -34.88
CA ASP D 44 1.57 -37.13 -33.57
C ASP D 44 1.06 -38.18 -32.58
N ILE D 45 -0.20 -38.59 -32.69
CA ILE D 45 -0.75 -39.58 -31.78
C ILE D 45 -0.17 -40.96 -32.08
N LEU D 70 -12.85 -36.42 -56.48
CA LEU D 70 -12.61 -35.52 -57.59
C LEU D 70 -13.67 -34.42 -57.65
N THR D 71 -14.93 -34.81 -57.48
CA THR D 71 -16.04 -33.88 -57.54
C THR D 71 -16.41 -33.39 -56.15
N LEU D 72 -16.94 -32.17 -56.10
CA LEU D 72 -17.13 -31.48 -54.83
C LEU D 72 -18.14 -32.18 -53.94
N SER D 73 -19.25 -32.66 -54.52
CA SER D 73 -20.30 -33.27 -53.71
C SER D 73 -19.79 -34.52 -53.00
N LYS D 74 -19.04 -35.36 -53.71
CA LYS D 74 -18.42 -36.52 -53.09
C LYS D 74 -17.44 -36.09 -52.00
N MET D 75 -16.67 -35.04 -52.27
CA MET D 75 -15.76 -34.52 -51.25
C MET D 75 -16.50 -34.19 -49.97
N ASP D 76 -17.59 -33.42 -50.08
CA ASP D 76 -18.31 -32.97 -48.91
C ASP D 76 -18.97 -34.15 -48.18
N GLN D 77 -19.56 -35.08 -48.92
CA GLN D 77 -20.21 -36.21 -48.26
C GLN D 77 -19.19 -37.11 -47.56
N THR D 78 -18.04 -37.33 -48.20
CA THR D 78 -16.96 -38.04 -47.52
C THR D 78 -16.59 -37.34 -46.22
N LEU D 79 -16.15 -36.09 -46.30
CA LEU D 79 -15.76 -35.36 -45.09
C LEU D 79 -16.85 -35.41 -44.04
N ALA D 80 -18.12 -35.29 -44.43
CA ALA D 80 -19.21 -35.33 -43.47
C ALA D 80 -19.28 -36.67 -42.76
N VAL D 81 -19.14 -37.78 -43.50
CA VAL D 81 -19.23 -39.07 -42.82
C VAL D 81 -18.01 -39.28 -41.92
N TYR D 82 -16.85 -38.74 -42.31
CA TYR D 82 -15.71 -38.78 -41.40
C TYR D 82 -15.99 -38.03 -40.10
N GLN D 83 -16.68 -36.89 -40.18
CA GLN D 83 -17.03 -36.17 -38.96
C GLN D 83 -17.86 -37.04 -38.03
N GLN D 84 -18.87 -37.72 -38.57
CA GLN D 84 -19.73 -38.56 -37.74
C GLN D 84 -18.95 -39.72 -37.14
N ILE D 85 -18.14 -40.40 -37.96
CA ILE D 85 -17.42 -41.57 -37.47
C ILE D 85 -16.29 -41.17 -36.55
N LEU D 86 -15.94 -39.88 -36.52
CA LEU D 86 -14.95 -39.39 -35.56
C LEU D 86 -15.58 -38.82 -34.30
N THR D 87 -16.86 -38.42 -34.35
CA THR D 87 -17.51 -37.84 -33.18
C THR D 87 -17.62 -38.84 -32.04
N SER D 88 -17.78 -40.12 -32.37
CA SER D 88 -18.02 -41.16 -31.36
C SER D 88 -16.89 -41.28 -30.34
N MET D 89 -15.67 -40.85 -30.67
CA MET D 89 -14.55 -41.00 -29.76
C MET D 89 -14.27 -39.66 -29.08
N PRO D 90 -14.39 -39.58 -27.75
CA PRO D 90 -14.22 -38.29 -27.06
C PRO D 90 -12.79 -37.98 -26.64
N SER D 91 -11.82 -38.73 -27.15
CA SER D 91 -10.44 -38.52 -26.73
C SER D 91 -9.95 -37.13 -27.13
N ARG D 92 -9.05 -36.58 -26.31
CA ARG D 92 -8.67 -35.18 -26.45
C ARG D 92 -8.06 -34.89 -27.82
N ASN D 93 -7.25 -35.83 -28.33
CA ASN D 93 -6.69 -35.63 -29.66
C ASN D 93 -7.77 -35.73 -30.73
N VAL D 94 -8.66 -36.71 -30.61
CA VAL D 94 -9.69 -36.94 -31.63
C VAL D 94 -10.67 -35.78 -31.67
N ILE D 95 -11.06 -35.25 -30.51
CA ILE D 95 -12.04 -34.16 -30.50
C ILE D 95 -11.47 -32.93 -31.17
N GLN D 96 -10.21 -32.61 -30.91
CA GLN D 96 -9.62 -31.44 -31.52
C GLN D 96 -9.37 -31.66 -33.01
N ILE D 97 -9.02 -32.88 -33.40
CA ILE D 97 -8.90 -33.17 -34.83
C ILE D 97 -10.25 -32.97 -35.51
N SER D 98 -11.32 -33.44 -34.88
CA SER D 98 -12.65 -33.23 -35.42
C SER D 98 -12.96 -31.74 -35.53
N ASN D 99 -12.70 -30.99 -34.46
CA ASN D 99 -12.94 -29.55 -34.45
C ASN D 99 -12.11 -28.84 -35.52
N ASP D 100 -10.96 -29.39 -35.87
CA ASP D 100 -10.17 -28.85 -36.98
C ASP D 100 -10.66 -29.37 -38.33
N LEU D 101 -11.48 -30.41 -38.36
CA LEU D 101 -12.01 -30.89 -39.62
C LEU D 101 -13.11 -29.98 -40.16
N GLU D 102 -13.94 -29.40 -39.29
CA GLU D 102 -15.03 -28.60 -39.82
C GLU D 102 -14.54 -27.27 -40.36
N ASN D 103 -13.38 -26.79 -39.92
CA ASN D 103 -12.82 -25.63 -40.61
C ASN D 103 -12.45 -25.99 -42.04
N LEU D 104 -11.90 -27.19 -42.24
CA LEU D 104 -11.65 -27.68 -43.59
C LEU D 104 -12.94 -27.81 -44.38
N ARG D 105 -13.99 -28.32 -43.74
CA ARG D 105 -15.27 -28.50 -44.44
C ARG D 105 -15.87 -27.16 -44.84
N ASP D 106 -15.84 -26.17 -43.93
CA ASP D 106 -16.35 -24.84 -44.27
C ASP D 106 -15.52 -24.21 -45.38
N LEU D 107 -14.20 -24.38 -45.34
CA LEU D 107 -13.38 -23.86 -46.41
C LEU D 107 -13.68 -24.56 -47.73
N LEU D 108 -13.98 -25.85 -47.67
CA LEU D 108 -14.36 -26.58 -48.88
C LEU D 108 -15.65 -26.01 -49.45
N HIS D 109 -16.62 -25.71 -48.60
CA HIS D 109 -17.83 -25.04 -49.07
C HIS D 109 -17.51 -23.69 -49.67
N VAL D 110 -16.57 -22.96 -49.07
CA VAL D 110 -16.19 -21.65 -49.58
C VAL D 110 -15.59 -21.76 -50.97
N LEU D 111 -14.70 -22.74 -51.16
CA LEU D 111 -14.07 -22.90 -52.47
C LEU D 111 -15.07 -23.44 -53.49
N ALA D 112 -16.05 -24.22 -53.05
CA ALA D 112 -17.12 -24.62 -53.96
C ALA D 112 -17.92 -23.40 -54.42
N PHE D 113 -18.24 -22.50 -53.49
CA PHE D 113 -18.94 -21.28 -53.84
C PHE D 113 -18.06 -20.33 -54.66
N SER D 114 -16.74 -20.50 -54.60
CA SER D 114 -15.85 -19.66 -55.41
C SER D 114 -16.08 -19.89 -56.88
N LYS D 115 -16.34 -21.14 -57.28
CA LYS D 115 -16.60 -21.49 -58.66
C LYS D 115 -18.07 -21.37 -59.04
N SER D 116 -18.85 -20.59 -58.28
CA SER D 116 -20.27 -20.38 -58.55
C SER D 116 -21.05 -21.69 -58.58
N CYS D 117 -20.72 -22.59 -57.67
CA CYS D 117 -21.39 -23.89 -57.56
C CYS D 117 -22.07 -23.96 -56.21
N HIS D 118 -23.41 -23.96 -56.22
CA HIS D 118 -24.20 -24.06 -54.98
C HIS D 118 -24.14 -25.50 -54.52
N LEU D 119 -23.11 -25.83 -53.76
CA LEU D 119 -22.88 -27.21 -53.34
C LEU D 119 -23.96 -27.64 -52.34
N PRO D 120 -24.67 -28.73 -52.60
CA PRO D 120 -25.64 -29.22 -51.62
C PRO D 120 -24.95 -29.73 -50.36
N TRP D 121 -25.65 -29.59 -49.24
CA TRP D 121 -25.11 -30.02 -47.96
C TRP D 121 -25.38 -31.49 -47.74
N ALA D 122 -24.32 -32.24 -47.44
CA ALA D 122 -24.42 -33.68 -47.23
C ALA D 122 -24.10 -34.05 -45.79
N SER D 141 -8.83 -51.08 -30.94
CA SER D 141 -8.43 -51.58 -32.26
C SER D 141 -9.14 -50.81 -33.37
N THR D 142 -10.23 -50.14 -33.01
CA THR D 142 -10.99 -49.38 -34.00
C THR D 142 -10.44 -47.97 -34.17
N GLU D 143 -9.96 -47.37 -33.07
CA GLU D 143 -9.50 -45.98 -33.15
C GLU D 143 -8.18 -45.87 -33.89
N VAL D 144 -7.27 -46.83 -33.74
CA VAL D 144 -6.01 -46.78 -34.48
C VAL D 144 -6.27 -46.87 -35.98
N VAL D 145 -7.11 -47.81 -36.41
CA VAL D 145 -7.38 -47.97 -37.83
C VAL D 145 -8.17 -46.77 -38.34
N ALA D 146 -9.06 -46.22 -37.51
CA ALA D 146 -9.80 -45.04 -37.89
C ALA D 146 -8.86 -43.86 -38.15
N LEU D 147 -7.92 -43.65 -37.25
CA LEU D 147 -6.95 -42.57 -37.45
C LEU D 147 -6.09 -42.83 -38.67
N SER D 148 -5.72 -44.08 -38.91
CA SER D 148 -4.92 -44.41 -40.09
C SER D 148 -5.66 -44.07 -41.37
N ARG D 149 -6.93 -44.50 -41.47
CA ARG D 149 -7.69 -44.22 -42.68
C ARG D 149 -8.03 -42.74 -42.83
N LEU D 150 -8.22 -42.01 -41.72
CA LEU D 150 -8.33 -40.56 -41.80
C LEU D 150 -7.11 -39.98 -42.50
N GLN D 151 -5.92 -40.34 -42.03
CA GLN D 151 -4.71 -39.82 -42.63
C GLN D 151 -4.61 -40.18 -44.09
N GLY D 152 -4.87 -41.44 -44.43
CA GLY D 152 -4.77 -41.88 -45.81
C GLY D 152 -5.69 -41.11 -46.74
N SER D 153 -6.97 -41.00 -46.35
CA SER D 153 -7.89 -40.17 -47.10
C SER D 153 -7.39 -38.73 -47.16
N LEU D 154 -6.64 -38.30 -46.14
CA LEU D 154 -6.16 -36.93 -46.14
C LEU D 154 -5.10 -36.70 -47.21
N GLN D 155 -4.10 -37.58 -47.34
CA GLN D 155 -3.12 -37.32 -48.40
C GLN D 155 -3.74 -37.57 -49.76
N ASP D 156 -4.74 -38.46 -49.83
CA ASP D 156 -5.49 -38.58 -51.08
C ASP D 156 -6.15 -37.26 -51.44
N MET D 157 -6.76 -36.60 -50.45
CA MET D 157 -7.38 -35.30 -50.68
C MET D 157 -6.34 -34.29 -51.12
N LEU D 158 -5.18 -34.30 -50.48
CA LEU D 158 -4.10 -33.38 -50.83
C LEU D 158 -3.71 -33.57 -52.30
N TRP D 159 -3.48 -34.82 -52.69
CA TRP D 159 -3.03 -35.09 -54.06
C TRP D 159 -4.09 -34.66 -55.06
N GLN D 160 -5.36 -34.93 -54.77
CA GLN D 160 -6.40 -34.58 -55.74
C GLN D 160 -6.61 -33.07 -55.82
N LEU D 161 -6.49 -32.36 -54.69
CA LEU D 161 -6.66 -30.91 -54.73
C LEU D 161 -5.41 -30.22 -55.27
N ASP D 162 -4.30 -30.94 -55.37
CA ASP D 162 -3.16 -30.41 -56.10
C ASP D 162 -3.53 -30.09 -57.54
N LEU D 163 -4.31 -30.99 -58.17
CA LEU D 163 -4.76 -30.77 -59.54
C LEU D 163 -5.91 -29.77 -59.64
N SER D 164 -6.61 -29.51 -58.53
CA SER D 164 -7.73 -28.58 -58.49
C SER D 164 -8.81 -28.97 -59.49
N PRO D 165 -9.55 -30.05 -59.25
CA PRO D 165 -10.57 -30.47 -60.21
C PRO D 165 -11.78 -29.54 -60.19
N GLY D 166 -12.74 -29.86 -61.06
CA GLY D 166 -13.92 -29.05 -61.19
C GLY D 166 -14.98 -29.38 -60.16
N CYS D 167 -16.14 -28.76 -60.33
CA CYS D 167 -17.27 -28.95 -59.43
C CYS D 167 -17.82 -30.38 -59.52
#